data_3QR1
#
_entry.id   3QR1
#
_cell.length_a   82.367
_cell.length_b   148.869
_cell.length_c   151.572
_cell.angle_alpha   90.00
_cell.angle_beta   90.00
_cell.angle_gamma   90.00
#
_symmetry.space_group_name_H-M   'P 21 21 21'
#
loop_
_entity.id
_entity.type
_entity.pdbx_description
1 polymer 'PHOSPHOLIPASE C-BETA (PLC-BETA)'
2 non-polymer 'CALCIUM ION'
3 water water
#
_entity_poly.entity_id   1
_entity_poly.type   'polypeptide(L)'
_entity_poly.pdbx_seq_one_letter_code
;MAGVETAVRQIELKWPNVPEQLIKGDKFLKWEEGSSSFTEILLRVDPKGYFLYWKIEGKEDSQLLDLAYLRDIRCAKYAK
PPKDKKVKDAGTNFGSSNIPLQDKCVTICHGYNYIDLDWIHLVAENSSVAAKWAEEVFSYAYNLLSLNKNQLGEWEKLYF
RLTTVEMEKNKIPVKSIQKCLSKDKDDRTRVAKAIEKIGWPSGKNDAIEIKAFDFDTFFKFYLSLLERSEIEGIFKELSQ
NKGNITTVMFRDFLNDMQRHPSLHKTLFPLYTDSQCDALINEYESAVNKKGKKKGQLTKEGLLYFLMCEENNLTPMHRLD
LGANMKLSLAAYYINSSHNTYLTGHQLTGKSSVEIYRQVLLTGCRCLELDCWDGKDGEPIITHGFTMCTEVQFKDVVHAI
AECAFKVSEYPVILSFENHCSVPQQKLLAQYCHEAFGELLLDNPIDGHPLKPGVPLPTPYDLRKKILIKNKKIHKGAGDD
DELAGLTDEEKKKIEKEKKDAGTAAKEAEAAEEMSALVNYIQPVHFTTFEQAQKKDRHYEMSSMVETQALNKLKDNPEDF
VDYNKKQLTRIYPKGTRVDSSNYVPQIYWNAGCQLVALNFQCFDVAMCVNLGVFEYNGCSGYLLKPEFMRKLDKRFDPFT
ESTVDGVVAGTIEIKIISAQFLSDKQISSYVEVEMYGLPTDTVRKKFKTKTVNNNGMDPYYNENAFVFKKVVLPDLAVVR
IIVNEDGGKFIGHRLMPLDGIKPGYRHIPLRNESNRPLGLASVFAHIVAKDYVSDAFADFADALLNPIAYQSAQDARAAA
LCAFEDDPDAALN
;
_entity_poly.pdbx_strand_id   A,D
#
loop_
_chem_comp.id
_chem_comp.type
_chem_comp.name
_chem_comp.formula
CA non-polymer 'CALCIUM ION' 'Ca 2'
#
# COMPACT_ATOMS: atom_id res chain seq x y z
N ILE A 11 7.62 -20.60 28.84
CA ILE A 11 7.19 -19.20 29.19
C ILE A 11 6.58 -19.15 30.60
N GLU A 12 7.23 -18.44 31.51
CA GLU A 12 6.90 -18.58 32.93
C GLU A 12 5.70 -17.73 33.40
N LEU A 13 5.27 -16.77 32.55
CA LEU A 13 4.13 -15.87 32.78
C LEU A 13 2.83 -16.61 32.88
N LYS A 14 1.98 -16.21 33.82
CA LYS A 14 0.69 -16.86 33.99
C LYS A 14 -0.42 -15.83 34.09
N TRP A 15 -1.65 -16.23 33.79
CA TRP A 15 -2.81 -15.37 33.97
C TRP A 15 -3.19 -15.26 35.45
N PRO A 16 -3.97 -14.22 35.81
CA PRO A 16 -4.40 -14.03 37.20
C PRO A 16 -5.23 -15.17 37.75
N ASN A 17 -5.10 -15.40 39.03
CA ASN A 17 -5.75 -16.52 39.68
C ASN A 17 -6.27 -16.05 41.00
N VAL A 18 -7.51 -15.58 40.97
CA VAL A 18 -8.13 -14.95 42.11
C VAL A 18 -8.76 -16.01 43.00
N PRO A 19 -8.30 -16.12 44.25
CA PRO A 19 -8.83 -17.12 45.19
C PRO A 19 -10.27 -16.86 45.58
N GLU A 20 -11.03 -17.92 45.85
CA GLU A 20 -12.41 -17.82 46.33
C GLU A 20 -12.58 -16.70 47.39
N GLN A 21 -11.64 -16.60 48.33
CA GLN A 21 -11.75 -15.62 49.41
C GLN A 21 -12.00 -14.21 48.90
N LEU A 22 -11.27 -13.80 47.85
CA LEU A 22 -11.41 -12.46 47.28
C LEU A 22 -12.66 -12.28 46.44
N ILE A 23 -13.13 -13.35 45.80
CA ILE A 23 -14.34 -13.26 44.99
C ILE A 23 -15.54 -13.13 45.92
N LYS A 24 -15.61 -13.99 46.94
CA LYS A 24 -16.63 -13.93 47.98
C LYS A 24 -16.47 -12.61 48.73
N GLY A 25 -15.23 -12.22 48.98
CA GLY A 25 -14.93 -10.91 49.56
C GLY A 25 -14.49 -10.89 51.01
N ASP A 26 -13.94 -9.75 51.44
CA ASP A 26 -13.60 -9.53 52.86
C ASP A 26 -14.12 -8.20 53.35
N LYS A 27 -14.34 -8.10 54.65
CA LYS A 27 -14.83 -6.88 55.26
C LYS A 27 -13.71 -5.89 55.66
N PHE A 28 -13.90 -4.64 55.26
CA PHE A 28 -12.99 -3.54 55.59
C PHE A 28 -13.79 -2.32 56.05
N LEU A 29 -13.17 -1.45 56.84
CA LEU A 29 -13.65 -0.06 56.92
C LEU A 29 -12.81 0.89 56.06
N LYS A 30 -13.52 1.74 55.33
CA LYS A 30 -12.94 2.73 54.42
C LYS A 30 -13.10 4.12 55.03
N TRP A 31 -12.01 4.88 55.03
CA TRP A 31 -12.00 6.27 55.53
C TRP A 31 -11.26 7.12 54.51
N GLU A 32 -11.40 8.44 54.65
CA GLU A 32 -10.76 9.40 53.74
C GLU A 32 -9.96 10.38 54.55
N GLU A 33 -8.87 10.91 54.00
CA GLU A 33 -8.09 11.95 54.72
C GLU A 33 -8.90 13.23 54.96
N GLY A 34 -8.58 13.94 56.06
CA GLY A 34 -9.31 15.15 56.46
C GLY A 34 -10.81 14.92 56.60
N SER A 35 -11.18 13.94 57.42
CA SER A 35 -12.56 13.56 57.62
C SER A 35 -12.73 12.87 58.97
N SER A 36 -13.85 13.17 59.63
CA SER A 36 -14.18 12.57 60.93
C SER A 36 -14.79 11.17 60.84
N SER A 37 -15.64 10.91 59.83
CA SER A 37 -16.37 9.63 59.68
C SER A 37 -15.76 8.60 58.70
N PHE A 38 -16.43 7.47 58.56
CA PHE A 38 -15.95 6.28 57.82
C PHE A 38 -17.14 5.42 57.36
N THR A 39 -16.84 4.26 56.78
CA THR A 39 -17.87 3.34 56.28
C THR A 39 -17.35 1.91 56.31
N GLU A 40 -18.18 0.94 56.70
CA GLU A 40 -17.84 -0.48 56.55
C GLU A 40 -18.27 -1.00 55.17
N ILE A 41 -17.37 -1.72 54.49
CA ILE A 41 -17.60 -2.18 53.12
C ILE A 41 -17.26 -3.65 52.91
N LEU A 42 -17.90 -4.26 51.90
CA LEU A 42 -17.54 -5.60 51.42
C LEU A 42 -16.67 -5.47 50.18
N LEU A 43 -15.37 -5.72 50.34
CA LEU A 43 -14.45 -5.52 49.24
C LEU A 43 -14.35 -6.79 48.46
N ARG A 44 -14.24 -6.68 47.13
CA ARG A 44 -14.28 -7.84 46.25
C ARG A 44 -13.48 -7.69 44.96
N VAL A 45 -13.02 -8.82 44.42
CA VAL A 45 -12.41 -8.89 43.08
C VAL A 45 -13.24 -9.84 42.21
N ASP A 46 -13.37 -9.54 40.93
CA ASP A 46 -14.03 -10.44 39.98
C ASP A 46 -13.15 -11.65 39.67
N PRO A 47 -13.74 -12.78 39.26
CA PRO A 47 -12.97 -14.02 39.07
C PRO A 47 -11.76 -13.93 38.10
N LYS A 48 -11.84 -13.01 37.13
CA LYS A 48 -10.78 -12.85 36.14
C LYS A 48 -9.70 -11.86 36.61
N GLY A 49 -9.97 -11.19 37.73
CA GLY A 49 -9.04 -10.25 38.37
C GLY A 49 -8.81 -8.94 37.64
N TYR A 50 -9.89 -8.27 37.26
CA TYR A 50 -9.78 -7.01 36.52
C TYR A 50 -10.19 -5.75 37.31
N PHE A 51 -11.03 -5.92 38.32
CA PHE A 51 -11.62 -4.82 39.06
C PHE A 51 -11.72 -5.15 40.54
N LEU A 52 -11.43 -4.16 41.37
CA LEU A 52 -11.89 -4.13 42.76
C LEU A 52 -13.27 -3.47 42.82
N TYR A 53 -14.20 -4.07 43.54
CA TYR A 53 -15.53 -3.49 43.69
C TYR A 53 -16.15 -3.71 45.09
N TRP A 54 -16.92 -2.72 45.55
CA TRP A 54 -17.54 -2.81 46.86
C TRP A 54 -18.91 -2.13 46.85
N LYS A 55 -19.84 -2.60 47.68
CA LYS A 55 -21.14 -1.92 47.82
C LYS A 55 -21.15 -1.02 49.05
N ILE A 56 -21.35 0.28 48.79
CA ILE A 56 -21.51 1.31 49.83
C ILE A 56 -22.89 1.08 50.42
N GLU A 57 -22.94 0.90 51.74
CA GLU A 57 -24.04 0.11 52.30
C GLU A 57 -25.52 0.59 52.26
N GLY A 58 -26.40 -0.43 52.29
CA GLY A 58 -27.82 -0.28 52.02
C GLY A 58 -28.16 0.65 50.86
N LYS A 59 -27.26 0.77 49.87
CA LYS A 59 -27.42 1.78 48.80
C LYS A 59 -27.42 1.19 47.38
N GLU A 60 -27.53 2.07 46.33
CA GLU A 60 -27.63 1.57 44.92
C GLU A 60 -26.50 0.59 44.74
N ASP A 61 -25.33 1.17 44.49
CA ASP A 61 -24.43 0.45 43.67
C ASP A 61 -23.16 0.22 44.35
N SER A 62 -22.28 -0.14 43.43
CA SER A 62 -21.04 -0.73 43.68
C SER A 62 -20.15 0.34 43.10
N GLN A 63 -19.15 0.69 43.86
CA GLN A 63 -18.08 1.54 43.40
C GLN A 63 -17.06 0.61 42.79
N LEU A 64 -16.26 1.11 41.86
CA LEU A 64 -15.28 0.27 41.20
C LEU A 64 -13.97 0.99 41.11
N LEU A 65 -12.89 0.20 41.01
CA LEU A 65 -11.55 0.66 40.69
C LEU A 65 -11.08 -0.25 39.58
N ASP A 66 -10.67 0.33 38.47
CA ASP A 66 -10.22 -0.46 37.34
C ASP A 66 -8.77 -0.75 37.57
N LEU A 67 -8.41 -2.01 37.81
CA LEU A 67 -7.03 -2.38 38.21
C LEU A 67 -5.93 -2.05 37.18
N ALA A 68 -6.33 -1.80 35.92
CA ALA A 68 -5.43 -1.31 34.86
C ALA A 68 -4.75 0.00 35.21
N TYR A 69 -5.32 0.73 36.15
CA TYR A 69 -4.75 2.01 36.58
C TYR A 69 -4.39 1.98 38.05
N LEU A 70 -4.39 0.80 38.69
CA LEU A 70 -3.89 0.70 40.06
C LEU A 70 -2.39 0.87 40.01
N ARG A 71 -1.86 1.75 40.87
CA ARG A 71 -0.41 1.95 40.93
C ARG A 71 0.27 1.13 42.02
N ASP A 72 -0.25 1.16 43.25
CA ASP A 72 0.29 0.33 44.32
C ASP A 72 -0.73 0.03 45.40
N ILE A 73 -0.65 -1.16 45.98
CA ILE A 73 -1.42 -1.45 47.17
C ILE A 73 -0.42 -1.84 48.25
N ARG A 74 -0.56 -1.27 49.45
CA ARG A 74 0.45 -1.41 50.50
C ARG A 74 -0.19 -1.85 51.82
N CYS A 75 0.55 -2.52 52.69
CA CYS A 75 -0.02 -2.80 54.00
C CYS A 75 1.01 -2.72 55.10
N ALA A 76 0.57 -3.04 56.33
CA ALA A 76 1.43 -3.02 57.51
C ALA A 76 2.19 -1.70 57.61
N LYS A 77 3.51 -1.78 57.76
CA LYS A 77 4.38 -0.61 57.99
C LYS A 77 4.43 0.37 56.81
N TYR A 78 4.09 -0.07 55.61
CA TYR A 78 4.14 0.80 54.44
C TYR A 78 2.80 1.41 54.05
N ALA A 79 1.82 1.29 54.95
CA ALA A 79 0.52 1.85 54.68
C ALA A 79 0.32 3.10 55.53
N LYS A 80 -0.72 3.87 55.23
CA LYS A 80 -0.95 5.09 55.95
C LYS A 80 -2.06 4.95 57.01
N PRO A 81 -1.67 4.94 58.30
CA PRO A 81 -2.67 4.77 59.35
C PRO A 81 -3.45 6.08 59.56
N PRO A 82 -4.70 5.99 60.07
CA PRO A 82 -5.48 7.21 60.37
C PRO A 82 -4.99 8.03 61.59
N LYS A 83 -5.03 9.35 61.44
CA LYS A 83 -4.62 10.31 62.50
C LYS A 83 -5.81 10.90 63.29
N ASP A 84 -6.95 11.11 62.62
CA ASP A 84 -8.21 11.52 63.27
C ASP A 84 -8.56 10.58 64.43
N LYS A 85 -8.92 11.15 65.58
CA LYS A 85 -9.08 10.35 66.80
C LYS A 85 -10.14 9.25 66.63
N LYS A 86 -11.30 9.62 66.11
CA LYS A 86 -12.44 8.70 66.11
C LYS A 86 -12.44 7.70 64.96
N VAL A 87 -11.56 7.88 63.99
CA VAL A 87 -11.33 6.84 62.98
C VAL A 87 -10.41 5.77 63.57
N LYS A 88 -9.31 6.23 64.19
CA LYS A 88 -8.36 5.39 64.90
C LYS A 88 -9.09 4.41 65.82
N ASP A 89 -10.02 4.93 66.63
CA ASP A 89 -10.85 4.11 67.51
C ASP A 89 -11.54 2.97 66.79
N ALA A 90 -12.33 3.30 65.77
CA ALA A 90 -13.05 2.32 64.94
C ALA A 90 -12.15 1.14 64.56
N GLY A 91 -11.06 1.44 63.86
CA GLY A 91 -10.10 0.44 63.37
C GLY A 91 -9.48 -0.47 64.43
N THR A 92 -9.24 0.06 65.62
CA THR A 92 -8.68 -0.74 66.72
C THR A 92 -9.69 -1.80 67.18
N ASN A 93 -10.95 -1.40 67.34
CA ASN A 93 -11.98 -2.32 67.82
C ASN A 93 -12.62 -3.14 66.69
N PHE A 94 -12.21 -2.87 65.45
CA PHE A 94 -12.69 -3.59 64.29
C PHE A 94 -11.86 -4.88 64.14
N GLY A 95 -12.55 -6.00 63.92
CA GLY A 95 -11.87 -7.28 63.75
C GLY A 95 -11.29 -7.74 65.07
N SER A 96 -10.00 -8.08 65.09
CA SER A 96 -9.35 -8.46 66.35
C SER A 96 -8.65 -7.26 67.00
N SER A 97 -8.95 -7.06 68.28
CA SER A 97 -8.37 -5.96 69.07
C SER A 97 -6.90 -6.15 69.48
N ASN A 98 -6.37 -7.37 69.33
CA ASN A 98 -4.96 -7.69 69.65
C ASN A 98 -3.95 -6.87 68.84
N ILE A 99 -4.04 -7.03 67.51
CA ILE A 99 -3.09 -6.51 66.53
C ILE A 99 -3.12 -4.97 66.48
N PRO A 100 -1.92 -4.32 66.51
CA PRO A 100 -1.86 -2.85 66.38
C PRO A 100 -2.39 -2.35 65.03
N LEU A 101 -3.08 -1.21 65.07
CA LEU A 101 -3.82 -0.70 63.95
C LEU A 101 -2.96 -0.63 62.70
N GLN A 102 -1.71 -0.19 62.86
CA GLN A 102 -0.81 -0.09 61.73
C GLN A 102 -0.90 -1.35 60.88
N ASP A 103 -0.99 -2.51 61.54
CA ASP A 103 -0.87 -3.82 60.89
C ASP A 103 -2.12 -4.33 60.14
N LYS A 104 -3.26 -3.71 60.44
CA LYS A 104 -4.53 -3.99 59.76
C LYS A 104 -4.73 -3.07 58.56
N CYS A 105 -3.87 -2.05 58.41
CA CYS A 105 -4.07 -1.00 57.42
C CYS A 105 -3.68 -1.32 55.99
N VAL A 106 -4.53 -0.93 55.05
CA VAL A 106 -4.20 -1.06 53.64
C VAL A 106 -4.43 0.25 52.91
N THR A 107 -3.40 0.72 52.21
CA THR A 107 -3.47 1.92 51.38
C THR A 107 -3.37 1.52 49.90
N ILE A 108 -4.31 1.98 49.09
CA ILE A 108 -4.24 1.76 47.62
C ILE A 108 -4.14 3.10 46.93
N CYS A 109 -3.18 3.21 46.03
CA CYS A 109 -3.11 4.38 45.16
C CYS A 109 -3.26 3.97 43.71
N HIS A 110 -4.06 4.75 43.00
CA HIS A 110 -4.30 4.51 41.58
C HIS A 110 -4.29 5.81 40.79
N GLY A 111 -4.18 5.70 39.47
CA GLY A 111 -4.11 6.88 38.62
C GLY A 111 -3.91 6.51 37.18
N TYR A 112 -4.64 7.19 36.30
CA TYR A 112 -4.59 6.96 34.85
C TYR A 112 -3.19 7.20 34.33
N ASN A 113 -2.51 8.14 34.97
CA ASN A 113 -1.06 8.29 34.91
C ASN A 113 -0.50 8.38 36.34
N TYR A 114 0.78 8.02 36.50
CA TYR A 114 1.41 7.87 37.84
C TYR A 114 1.79 9.19 38.50
N ILE A 115 1.49 10.31 37.86
CA ILE A 115 1.82 11.60 38.46
C ILE A 115 0.64 12.14 39.23
N ASP A 116 -0.53 12.19 38.62
CA ASP A 116 -1.73 12.64 39.32
C ASP A 116 -2.42 11.41 39.90
N LEU A 117 -2.27 11.20 41.20
CA LEU A 117 -2.76 10.01 41.92
C LEU A 117 -4.02 10.24 42.74
N ASP A 118 -4.80 9.19 42.94
CA ASP A 118 -5.90 9.16 43.91
C ASP A 118 -5.70 8.04 44.92
N TRP A 119 -6.26 8.20 46.11
CA TRP A 119 -5.93 7.29 47.20
C TRP A 119 -7.14 6.60 47.78
N ILE A 120 -6.93 5.40 48.30
CA ILE A 120 -7.99 4.69 48.99
C ILE A 120 -7.42 4.14 50.28
N HIS A 121 -8.04 4.50 51.39
CA HIS A 121 -7.59 4.07 52.71
C HIS A 121 -8.53 3.06 53.35
N LEU A 122 -7.99 1.94 53.80
CA LEU A 122 -8.79 0.82 54.29
C LEU A 122 -8.22 0.23 55.56
N VAL A 123 -9.08 -0.44 56.32
CA VAL A 123 -8.65 -1.13 57.53
C VAL A 123 -9.32 -2.53 57.57
N ALA A 124 -8.51 -3.59 57.71
CA ALA A 124 -8.99 -4.99 57.66
C ALA A 124 -9.26 -5.59 59.05
N GLU A 125 -9.54 -6.89 59.09
CA GLU A 125 -9.87 -7.53 60.37
C GLU A 125 -8.62 -7.98 61.12
N ASN A 126 -7.64 -8.48 60.39
CA ASN A 126 -6.33 -8.82 60.96
C ASN A 126 -5.23 -8.49 59.93
N SER A 127 -4.00 -8.83 60.26
CA SER A 127 -2.87 -8.58 59.37
C SER A 127 -2.80 -9.50 58.14
N SER A 128 -3.36 -10.72 58.23
CA SER A 128 -3.28 -11.73 57.15
C SER A 128 -4.14 -11.30 55.99
N VAL A 129 -5.36 -10.87 56.29
CA VAL A 129 -6.23 -10.30 55.28
C VAL A 129 -5.47 -9.15 54.60
N ALA A 130 -5.11 -8.12 55.36
CA ALA A 130 -4.29 -7.03 54.83
C ALA A 130 -3.22 -7.58 53.87
N ALA A 131 -2.27 -8.35 54.41
CA ALA A 131 -1.20 -8.91 53.61
C ALA A 131 -1.71 -9.61 52.35
N LYS A 132 -2.82 -10.34 52.46
CA LYS A 132 -3.24 -11.20 51.36
C LYS A 132 -3.72 -10.36 50.21
N TRP A 133 -4.58 -9.41 50.52
CA TRP A 133 -5.06 -8.48 49.52
C TRP A 133 -3.91 -7.69 48.93
N ALA A 134 -3.03 -7.19 49.80
CA ALA A 134 -1.86 -6.51 49.34
C ALA A 134 -1.07 -7.35 48.30
N GLU A 135 -0.78 -8.61 48.62
CA GLU A 135 0.00 -9.43 47.71
C GLU A 135 -0.77 -9.72 46.44
N GLU A 136 -2.02 -10.18 46.61
CA GLU A 136 -2.87 -10.65 45.50
C GLU A 136 -3.18 -9.53 44.52
N VAL A 137 -3.88 -8.50 45.00
CA VAL A 137 -4.29 -7.38 44.16
C VAL A 137 -3.12 -6.80 43.33
N PHE A 138 -1.96 -6.63 43.96
CA PHE A 138 -0.83 -6.05 43.27
C PHE A 138 -0.53 -6.92 42.07
N SER A 139 -0.45 -8.23 42.31
CA SER A 139 -0.02 -9.17 41.31
C SER A 139 -0.96 -9.15 40.13
N TYR A 140 -2.20 -8.79 40.39
CA TYR A 140 -3.22 -8.73 39.34
C TYR A 140 -3.01 -7.52 38.49
N ALA A 141 -2.80 -6.40 39.16
CA ALA A 141 -2.58 -5.13 38.48
C ALA A 141 -1.32 -5.14 37.60
N TYR A 142 -0.28 -5.84 38.05
CA TYR A 142 1.00 -5.83 37.32
C TYR A 142 1.21 -7.08 36.53
N ASN A 143 0.14 -7.88 36.40
CA ASN A 143 0.16 -9.10 35.58
C ASN A 143 0.29 -8.76 34.09
N LEU A 144 1.38 -9.15 33.44
CA LEU A 144 1.64 -8.76 32.06
C LEU A 144 0.67 -9.31 31.00
N LEU A 145 0.14 -10.51 31.21
CA LEU A 145 -0.75 -11.14 30.24
C LEU A 145 -2.06 -10.38 30.19
N SER A 146 -2.52 -9.99 31.38
CA SER A 146 -3.71 -9.15 31.55
C SER A 146 -3.48 -7.78 30.91
N LEU A 147 -2.27 -7.27 31.07
CA LEU A 147 -1.89 -5.96 30.52
C LEU A 147 -1.68 -5.99 29.01
N ASN A 148 -1.59 -7.17 28.40
CA ASN A 148 -1.43 -7.28 26.96
C ASN A 148 -2.55 -8.04 26.26
N LYS A 149 -3.68 -8.23 26.94
CA LYS A 149 -4.77 -9.03 26.39
C LYS A 149 -5.31 -8.42 25.11
N ASN A 150 -5.76 -9.28 24.21
CA ASN A 150 -6.29 -8.86 22.93
C ASN A 150 -7.75 -8.42 23.11
N GLN A 151 -8.37 -7.94 22.03
CA GLN A 151 -9.67 -7.30 22.17
C GLN A 151 -10.79 -8.19 22.72
N LEU A 152 -10.76 -9.47 22.36
CA LEU A 152 -11.76 -10.38 22.90
C LEU A 152 -11.63 -10.42 24.44
N GLY A 153 -10.38 -10.34 24.92
CA GLY A 153 -10.07 -10.28 26.34
C GLY A 153 -10.67 -9.07 27.01
N GLU A 154 -10.57 -7.92 26.35
CA GLU A 154 -11.10 -6.67 26.90
C GLU A 154 -12.62 -6.69 26.89
N TRP A 155 -13.18 -7.30 25.85
CA TRP A 155 -14.62 -7.49 25.75
C TRP A 155 -15.13 -8.36 26.90
N GLU A 156 -14.36 -9.43 27.19
CA GLU A 156 -14.63 -10.28 28.36
C GLU A 156 -14.49 -9.45 29.64
N LYS A 157 -13.46 -8.62 29.71
CA LYS A 157 -13.30 -7.75 30.84
C LYS A 157 -14.59 -6.95 31.07
N LEU A 158 -15.15 -6.40 30.00
CA LEU A 158 -16.41 -5.66 30.09
C LEU A 158 -17.52 -6.59 30.57
N TYR A 159 -17.49 -7.82 30.07
CA TYR A 159 -18.52 -8.78 30.39
C TYR A 159 -18.50 -9.03 31.89
N PHE A 160 -17.30 -9.13 32.45
CA PHE A 160 -17.14 -9.37 33.89
C PHE A 160 -17.51 -8.16 34.75
N ARG A 161 -17.32 -6.96 34.23
CA ARG A 161 -17.84 -5.81 34.90
C ARG A 161 -19.35 -5.89 35.04
N LEU A 162 -20.03 -6.19 33.94
CA LEU A 162 -21.47 -6.25 33.89
C LEU A 162 -22.04 -7.42 34.67
N THR A 163 -21.25 -8.46 34.86
CA THR A 163 -21.68 -9.73 35.46
C THR A 163 -21.46 -9.74 36.97
N THR A 164 -20.56 -8.87 37.43
CA THR A 164 -20.27 -8.76 38.85
C THR A 164 -20.68 -7.39 39.45
N VAL A 165 -20.14 -6.30 38.89
CA VAL A 165 -20.27 -4.98 39.48
C VAL A 165 -21.65 -4.38 39.26
N GLU A 166 -22.07 -4.38 38.01
CA GLU A 166 -23.30 -3.76 37.57
C GLU A 166 -24.50 -4.59 37.92
N MET A 167 -24.26 -5.88 38.15
CA MET A 167 -25.33 -6.81 38.40
C MET A 167 -26.08 -6.50 39.68
N GLU A 168 -27.42 -6.53 39.56
CA GLU A 168 -28.34 -6.28 40.65
C GLU A 168 -29.38 -7.41 40.63
N LYS A 169 -29.38 -8.22 41.69
CA LYS A 169 -30.35 -9.31 41.89
C LYS A 169 -30.38 -10.31 40.72
N ASN A 170 -29.19 -10.72 40.28
CA ASN A 170 -29.00 -11.64 39.13
C ASN A 170 -29.52 -11.11 37.79
N LYS A 171 -29.54 -9.79 37.66
CA LYS A 171 -29.99 -9.13 36.45
C LYS A 171 -29.06 -7.97 36.09
N ILE A 172 -28.79 -7.83 34.79
CA ILE A 172 -27.87 -6.85 34.24
C ILE A 172 -28.66 -5.72 33.61
N PRO A 173 -28.71 -4.54 34.24
CA PRO A 173 -29.51 -3.44 33.72
C PRO A 173 -29.00 -2.96 32.35
N VAL A 174 -29.90 -2.65 31.44
CA VAL A 174 -29.52 -2.18 30.11
C VAL A 174 -28.75 -0.84 30.16
N LYS A 175 -29.16 0.05 31.06
CA LYS A 175 -28.52 1.37 31.21
C LYS A 175 -27.03 1.25 31.61
N SER A 176 -26.70 0.17 32.32
CA SER A 176 -25.31 -0.16 32.66
C SER A 176 -24.52 -0.56 31.43
N ILE A 177 -25.16 -1.34 30.56
CA ILE A 177 -24.55 -1.73 29.29
C ILE A 177 -24.36 -0.48 28.45
N GLN A 178 -25.33 0.43 28.51
CA GLN A 178 -25.18 1.71 27.84
C GLN A 178 -24.10 2.62 28.43
N LYS A 179 -24.09 2.81 29.74
CA LYS A 179 -23.11 3.71 30.33
C LYS A 179 -21.69 3.26 30.02
N CYS A 180 -21.49 1.96 29.85
CA CYS A 180 -20.13 1.46 29.65
C CYS A 180 -19.62 1.71 28.24
N LEU A 181 -20.53 1.81 27.29
CA LEU A 181 -20.16 1.84 25.89
C LEU A 181 -20.28 3.21 25.25
N SER A 182 -21.11 4.07 25.85
CA SER A 182 -21.34 5.41 25.30
C SER A 182 -21.96 6.45 26.23
N LYS A 183 -21.64 7.70 25.91
CA LYS A 183 -22.24 8.86 26.55
C LYS A 183 -23.17 9.61 25.56
N ASP A 184 -22.93 9.46 24.26
CA ASP A 184 -23.69 10.14 23.22
C ASP A 184 -25.08 9.52 23.03
N LYS A 185 -26.08 10.35 22.70
CA LYS A 185 -27.46 9.82 22.59
C LYS A 185 -27.66 8.87 21.42
N ASP A 186 -27.17 9.21 20.22
CA ASP A 186 -27.29 8.30 19.05
C ASP A 186 -26.53 6.98 19.24
N ASP A 187 -25.33 7.06 19.81
CA ASP A 187 -24.54 5.87 20.04
C ASP A 187 -25.21 4.97 21.09
N ARG A 188 -25.96 5.57 22.01
CA ARG A 188 -26.72 4.77 23.00
C ARG A 188 -27.89 4.03 22.32
N THR A 189 -28.53 4.71 21.37
CA THR A 189 -29.61 4.11 20.61
C THR A 189 -29.06 3.02 19.67
N ARG A 190 -27.82 3.14 19.23
CA ARG A 190 -27.20 2.04 18.52
C ARG A 190 -27.11 0.82 19.41
N VAL A 191 -26.65 1.02 20.65
CA VAL A 191 -26.64 -0.04 21.69
C VAL A 191 -28.05 -0.64 21.90
N ALA A 192 -29.05 0.22 21.99
CA ALA A 192 -30.44 -0.22 22.16
C ALA A 192 -30.80 -1.22 21.08
N LYS A 193 -30.69 -0.82 19.81
CA LYS A 193 -31.07 -1.61 18.63
C LYS A 193 -30.25 -2.91 18.50
N ALA A 194 -28.96 -2.82 18.77
CA ALA A 194 -28.09 -3.98 18.84
C ALA A 194 -28.58 -5.00 19.86
N ILE A 195 -28.93 -4.55 21.07
CA ILE A 195 -29.49 -5.46 22.06
C ILE A 195 -30.78 -6.15 21.51
N GLU A 196 -31.63 -5.36 20.84
CA GLU A 196 -32.89 -5.84 20.30
C GLU A 196 -32.67 -6.94 19.27
N LYS A 197 -31.71 -6.75 18.34
CA LYS A 197 -31.37 -7.79 17.34
C LYS A 197 -31.10 -9.15 17.99
N ILE A 198 -30.27 -9.16 19.02
CA ILE A 198 -29.96 -10.36 19.80
C ILE A 198 -31.22 -10.99 20.39
N GLY A 199 -32.21 -10.18 20.71
CA GLY A 199 -33.42 -10.71 21.31
C GLY A 199 -33.50 -10.47 22.79
N TRP A 200 -32.63 -9.60 23.31
CA TRP A 200 -32.69 -9.19 24.71
C TRP A 200 -33.71 -8.03 24.90
N PRO A 201 -34.10 -7.74 26.16
CA PRO A 201 -34.87 -6.53 26.46
C PRO A 201 -34.09 -5.28 26.07
N SER A 202 -34.79 -4.34 25.44
CA SER A 202 -34.16 -3.19 24.80
C SER A 202 -34.41 -1.83 25.51
N GLY A 203 -35.23 -1.83 26.55
CA GLY A 203 -35.72 -0.58 27.13
C GLY A 203 -34.75 0.10 28.06
N LYS A 204 -34.93 1.41 28.23
CA LYS A 204 -34.13 2.25 29.14
C LYS A 204 -34.09 1.65 30.56
N ASN A 205 -35.19 1.02 30.96
CA ASN A 205 -35.33 0.54 32.32
C ASN A 205 -35.38 -0.98 32.45
N ASP A 206 -34.86 -1.68 31.46
CA ASP A 206 -34.84 -3.14 31.51
C ASP A 206 -33.54 -3.73 32.06
N ALA A 207 -33.63 -4.97 32.52
CA ALA A 207 -32.48 -5.75 32.98
C ALA A 207 -32.55 -7.14 32.33
N ILE A 208 -31.40 -7.71 31.99
CA ILE A 208 -31.36 -9.04 31.37
C ILE A 208 -31.05 -10.09 32.45
N GLU A 209 -31.83 -11.16 32.48
CA GLU A 209 -31.60 -12.24 33.44
C GLU A 209 -30.21 -12.82 33.18
N ILE A 210 -29.47 -13.05 34.26
CA ILE A 210 -28.11 -13.62 34.18
C ILE A 210 -28.04 -14.90 33.34
N LYS A 211 -29.02 -15.78 33.55
CA LYS A 211 -29.12 -17.06 32.84
C LYS A 211 -29.17 -16.93 31.31
N ALA A 212 -29.72 -15.84 30.80
CA ALA A 212 -29.77 -15.60 29.35
C ALA A 212 -28.51 -14.90 28.87
N PHE A 213 -27.68 -14.50 29.83
CA PHE A 213 -26.54 -13.62 29.54
C PHE A 213 -25.17 -14.32 29.52
N ASP A 214 -25.01 -15.27 28.60
CA ASP A 214 -23.73 -15.99 28.42
C ASP A 214 -22.80 -15.15 27.59
N PHE A 215 -21.50 -15.39 27.77
CA PHE A 215 -20.50 -14.61 27.05
C PHE A 215 -20.51 -14.83 25.51
N ASP A 216 -20.94 -16.01 25.08
CA ASP A 216 -21.03 -16.28 23.66
C ASP A 216 -22.09 -15.42 22.94
N THR A 217 -23.26 -15.26 23.57
CA THR A 217 -24.26 -14.35 23.02
C THR A 217 -23.79 -12.90 23.21
N PHE A 218 -23.03 -12.64 24.27
CA PHE A 218 -22.50 -11.31 24.49
C PHE A 218 -21.50 -10.95 23.41
N PHE A 219 -20.94 -11.96 22.76
CA PHE A 219 -20.11 -11.74 21.57
C PHE A 219 -20.96 -11.56 20.29
N LYS A 220 -22.12 -12.21 20.24
CA LYS A 220 -23.03 -11.94 19.15
C LYS A 220 -23.55 -10.51 19.29
N PHE A 221 -23.52 -9.99 20.51
CA PHE A 221 -23.92 -8.61 20.73
C PHE A 221 -22.89 -7.68 20.10
N TYR A 222 -21.63 -8.08 20.21
CA TYR A 222 -20.53 -7.34 19.62
C TYR A 222 -20.69 -7.32 18.12
N LEU A 223 -21.09 -8.45 17.53
CA LEU A 223 -21.23 -8.56 16.09
C LEU A 223 -22.40 -7.73 15.63
N SER A 224 -23.41 -7.64 16.48
CA SER A 224 -24.58 -6.87 16.14
C SER A 224 -24.32 -5.38 16.29
N LEU A 225 -23.50 -5.00 17.27
CA LEU A 225 -23.26 -3.59 17.61
C LEU A 225 -22.37 -2.87 16.58
N LEU A 226 -21.20 -3.43 16.30
CA LEU A 226 -20.24 -2.87 15.38
C LEU A 226 -20.46 -3.42 13.98
N GLU A 227 -20.21 -2.59 12.98
CA GLU A 227 -20.24 -3.05 11.57
C GLU A 227 -18.82 -3.28 11.12
N ARG A 228 -18.25 -4.42 11.47
CA ARG A 228 -16.87 -4.70 11.07
C ARG A 228 -16.71 -5.09 9.58
N SER A 229 -17.12 -4.21 8.67
CA SER A 229 -17.13 -4.47 7.22
C SER A 229 -15.80 -4.95 6.66
N GLU A 230 -14.71 -4.57 7.33
CA GLU A 230 -13.37 -5.11 7.02
C GLU A 230 -13.35 -6.61 6.74
N ILE A 231 -14.08 -7.39 7.54
CA ILE A 231 -14.09 -8.87 7.55
C ILE A 231 -14.66 -9.49 6.29
N GLU A 232 -15.53 -8.76 5.60
CA GLU A 232 -16.09 -9.23 4.34
C GLU A 232 -14.99 -9.55 3.34
N GLY A 233 -14.08 -8.60 3.15
CA GLY A 233 -13.03 -8.70 2.15
C GLY A 233 -11.94 -9.62 2.58
N ILE A 234 -11.64 -9.62 3.86
CA ILE A 234 -10.66 -10.54 4.41
C ILE A 234 -11.14 -11.97 4.18
N PHE A 235 -12.41 -12.20 4.49
CA PHE A 235 -13.02 -13.52 4.35
C PHE A 235 -13.03 -13.96 2.89
N LYS A 236 -13.36 -13.05 1.97
CA LYS A 236 -13.36 -13.36 0.54
C LYS A 236 -11.96 -13.67 0.04
N GLU A 237 -10.95 -12.95 0.54
CA GLU A 237 -9.55 -13.20 0.16
C GLU A 237 -9.16 -14.65 0.43
N LEU A 238 -9.39 -15.11 1.65
CA LEU A 238 -9.05 -16.47 2.07
C LEU A 238 -9.99 -17.56 1.56
N SER A 239 -11.29 -17.30 1.59
CA SER A 239 -12.31 -18.28 1.18
C SER A 239 -12.42 -18.40 -0.33
N GLN A 240 -12.34 -17.26 -1.01
CA GLN A 240 -12.65 -17.16 -2.42
C GLN A 240 -14.03 -17.76 -2.75
N ASN A 241 -14.12 -18.40 -3.91
CA ASN A 241 -15.40 -18.96 -4.35
C ASN A 241 -15.74 -20.29 -3.69
N LYS A 242 -14.94 -20.71 -2.73
CA LYS A 242 -15.10 -22.03 -2.11
C LYS A 242 -16.05 -22.05 -0.90
N GLY A 243 -16.68 -20.91 -0.58
CA GLY A 243 -17.67 -20.88 0.49
C GLY A 243 -17.05 -20.54 1.83
N ASN A 244 -16.81 -21.55 2.65
CA ASN A 244 -16.16 -21.38 3.99
C ASN A 244 -14.66 -21.65 4.00
N ILE A 245 -13.96 -21.18 5.02
CA ILE A 245 -12.52 -21.36 5.13
C ILE A 245 -12.23 -22.75 5.66
N THR A 246 -11.62 -23.59 4.83
CA THR A 246 -11.30 -24.99 5.23
C THR A 246 -10.10 -25.04 6.18
N THR A 247 -9.94 -26.16 6.88
CA THR A 247 -8.76 -26.42 7.73
C THR A 247 -7.46 -26.08 7.01
N VAL A 248 -7.36 -26.48 5.74
CA VAL A 248 -6.15 -26.30 4.94
C VAL A 248 -5.86 -24.83 4.67
N MET A 249 -6.90 -24.09 4.24
CA MET A 249 -6.80 -22.65 3.95
C MET A 249 -6.34 -21.89 5.18
N PHE A 250 -6.96 -22.20 6.33
CA PHE A 250 -6.71 -21.52 7.59
C PHE A 250 -5.30 -21.77 8.10
N ARG A 251 -4.80 -22.99 7.89
CA ARG A 251 -3.40 -23.28 8.17
C ARG A 251 -2.49 -22.29 7.40
N ASP A 252 -2.59 -22.30 6.07
CA ASP A 252 -1.81 -21.42 5.20
C ASP A 252 -1.93 -19.98 5.62
N PHE A 253 -3.11 -19.60 6.09
CA PHE A 253 -3.33 -18.25 6.54
C PHE A 253 -2.45 -18.00 7.74
N LEU A 254 -2.52 -18.88 8.74
CA LEU A 254 -1.70 -18.77 9.94
C LEU A 254 -0.20 -18.87 9.68
N ASN A 255 0.19 -19.62 8.67
CA ASN A 255 1.58 -19.98 8.45
C ASN A 255 2.30 -19.06 7.49
N ASP A 256 1.57 -18.54 6.51
CA ASP A 256 2.15 -17.57 5.58
C ASP A 256 1.93 -16.10 6.00
N MET A 257 0.67 -15.69 6.09
CA MET A 257 0.35 -14.29 6.30
C MET A 257 0.53 -13.83 7.73
N GLN A 258 0.13 -14.66 8.68
CA GLN A 258 0.21 -14.31 10.11
C GLN A 258 1.57 -14.59 10.73
N ARG A 259 2.60 -14.82 9.90
CA ARG A 259 3.88 -15.27 10.41
C ARG A 259 5.02 -14.60 9.69
N HIS A 260 6.08 -14.29 10.43
CA HIS A 260 7.26 -13.65 9.85
C HIS A 260 8.11 -14.64 9.02
N PRO A 261 8.40 -14.31 7.74
CA PRO A 261 9.10 -15.29 6.88
C PRO A 261 10.46 -15.70 7.45
N SER A 262 11.07 -14.80 8.20
CA SER A 262 12.33 -15.06 8.86
C SER A 262 12.23 -16.00 10.05
N LEU A 263 11.07 -16.10 10.70
CA LEU A 263 10.94 -16.84 11.98
C LEU A 263 11.34 -18.31 11.87
N HIS A 264 12.18 -18.78 12.80
CA HIS A 264 12.81 -20.12 12.67
C HIS A 264 11.89 -21.36 12.82
N LYS A 265 11.70 -22.07 11.70
CA LYS A 265 10.72 -23.17 11.60
C LYS A 265 10.73 -24.16 12.79
N THR A 266 11.93 -24.53 13.26
CA THR A 266 12.05 -25.54 14.31
C THR A 266 11.95 -24.95 15.73
N LEU A 267 12.44 -23.73 15.95
CA LEU A 267 12.19 -23.07 17.23
C LEU A 267 10.73 -22.69 17.38
N PHE A 268 10.10 -22.31 16.25
CA PHE A 268 8.69 -21.86 16.25
C PHE A 268 7.85 -22.64 15.26
N PRO A 269 7.52 -23.90 15.62
CA PRO A 269 6.97 -24.85 14.63
C PRO A 269 5.67 -24.35 13.94
N LEU A 270 5.56 -24.59 12.63
CA LEU A 270 4.34 -24.27 11.89
C LEU A 270 3.11 -24.96 12.51
N TYR A 271 1.96 -24.31 12.42
CA TYR A 271 0.72 -24.98 12.75
C TYR A 271 0.54 -26.20 11.84
N THR A 272 -0.24 -27.17 12.32
CA THR A 272 -0.53 -28.39 11.56
C THR A 272 -2.02 -28.53 11.25
N ASP A 273 -2.34 -29.43 10.32
CA ASP A 273 -3.73 -29.68 9.95
C ASP A 273 -4.54 -30.00 11.18
N SER A 274 -4.02 -30.94 11.96
CA SER A 274 -4.67 -31.40 13.18
C SER A 274 -4.92 -30.29 14.22
N GLN A 275 -3.94 -29.39 14.39
CA GLN A 275 -4.05 -28.25 15.30
C GLN A 275 -5.16 -27.27 14.92
N CYS A 276 -5.16 -26.87 13.65
CA CYS A 276 -6.14 -25.92 13.10
C CYS A 276 -7.56 -26.44 13.21
N ASP A 277 -7.71 -27.75 13.09
CA ASP A 277 -8.98 -28.42 13.26
C ASP A 277 -9.48 -28.09 14.66
N ALA A 278 -8.62 -28.31 15.65
CA ALA A 278 -8.96 -28.07 17.03
C ALA A 278 -9.43 -26.65 17.25
N LEU A 279 -8.70 -25.68 16.69
CA LEU A 279 -9.03 -24.25 16.83
C LEU A 279 -10.33 -23.87 16.12
N ILE A 280 -10.50 -24.32 14.87
CA ILE A 280 -11.74 -24.02 14.15
C ILE A 280 -12.94 -24.47 14.99
N ASN A 281 -12.82 -25.67 15.58
CA ASN A 281 -13.84 -26.18 16.51
C ASN A 281 -14.12 -25.26 17.69
N GLU A 282 -13.07 -24.72 18.29
CA GLU A 282 -13.22 -23.78 19.42
C GLU A 282 -13.99 -22.55 18.96
N TYR A 283 -13.63 -22.04 17.80
CA TYR A 283 -14.13 -20.78 17.32
C TYR A 283 -15.55 -20.93 16.81
N GLU A 284 -15.82 -22.04 16.14
CA GLU A 284 -17.16 -22.30 15.67
C GLU A 284 -18.12 -22.65 16.81
N SER A 285 -17.59 -23.20 17.91
CA SER A 285 -18.38 -23.43 19.13
C SER A 285 -18.83 -22.14 19.80
N ALA A 286 -17.94 -21.16 19.88
CA ALA A 286 -18.30 -19.85 20.42
C ALA A 286 -19.36 -19.15 19.58
N VAL A 287 -19.36 -19.40 18.27
CA VAL A 287 -20.02 -18.53 17.32
C VAL A 287 -21.19 -19.19 16.57
N ASN A 288 -21.08 -20.50 16.33
CA ASN A 288 -22.04 -21.19 15.46
C ASN A 288 -22.96 -22.12 16.22
N LYS A 289 -22.40 -23.05 16.98
CA LYS A 289 -23.17 -24.03 17.76
C LYS A 289 -24.16 -24.90 16.93
N LYS A 290 -25.31 -24.33 16.57
CA LYS A 290 -26.34 -25.01 15.79
C LYS A 290 -25.82 -25.45 14.43
N GLY A 291 -24.87 -24.71 13.87
CA GLY A 291 -24.46 -24.95 12.49
C GLY A 291 -23.01 -25.37 12.25
N LYS A 292 -22.23 -25.41 13.31
CA LYS A 292 -20.82 -25.75 13.21
C LYS A 292 -20.57 -27.01 12.38
N LYS A 293 -19.55 -26.96 11.54
CA LYS A 293 -19.12 -28.12 10.77
C LYS A 293 -17.64 -28.38 11.08
N LYS A 294 -17.28 -29.67 11.08
CA LYS A 294 -15.93 -30.14 11.33
C LYS A 294 -14.98 -29.59 10.26
N GLY A 295 -13.97 -28.85 10.68
CA GLY A 295 -12.99 -28.28 9.75
C GLY A 295 -13.43 -27.17 8.80
N GLN A 296 -14.39 -26.33 9.22
CA GLN A 296 -14.91 -25.22 8.42
C GLN A 296 -15.15 -23.95 9.23
N LEU A 297 -14.46 -22.87 8.83
CA LEU A 297 -14.49 -21.61 9.55
C LEU A 297 -15.33 -20.58 8.84
N THR A 298 -16.37 -20.07 9.52
CA THR A 298 -17.22 -19.02 8.97
C THR A 298 -16.64 -17.58 9.14
N LYS A 299 -17.36 -16.58 8.62
CA LYS A 299 -16.96 -15.19 8.77
C LYS A 299 -16.74 -14.83 10.23
N GLU A 300 -17.73 -15.17 11.05
CA GLU A 300 -17.76 -14.77 12.46
C GLU A 300 -16.72 -15.54 13.28
N GLY A 301 -16.54 -16.83 12.95
CA GLY A 301 -15.42 -17.62 13.47
C GLY A 301 -14.07 -16.95 13.25
N LEU A 302 -13.80 -16.54 12.02
CA LEU A 302 -12.55 -15.84 11.70
C LEU A 302 -12.37 -14.54 12.45
N LEU A 303 -13.39 -13.68 12.48
CA LEU A 303 -13.33 -12.42 13.21
C LEU A 303 -13.08 -12.64 14.70
N TYR A 304 -13.73 -13.65 15.28
CA TYR A 304 -13.42 -14.12 16.64
C TYR A 304 -11.93 -14.39 16.83
N PHE A 305 -11.36 -15.24 15.98
CA PHE A 305 -9.93 -15.57 16.03
C PHE A 305 -9.08 -14.31 16.06
N LEU A 306 -9.37 -13.38 15.16
CA LEU A 306 -8.60 -12.16 15.04
C LEU A 306 -8.68 -11.31 16.28
N MET A 307 -9.63 -11.60 17.15
CA MET A 307 -9.77 -10.84 18.36
C MET A 307 -9.27 -11.62 19.54
N CYS A 308 -9.09 -12.92 19.34
CA CYS A 308 -8.80 -13.81 20.46
C CYS A 308 -7.31 -13.87 20.79
N GLU A 309 -6.99 -14.55 21.87
CA GLU A 309 -5.63 -14.52 22.40
C GLU A 309 -4.57 -15.08 21.44
N GLU A 310 -4.97 -15.99 20.56
CA GLU A 310 -4.05 -16.70 19.68
C GLU A 310 -3.55 -15.75 18.64
N ASN A 311 -4.27 -14.67 18.44
CA ASN A 311 -3.87 -13.73 17.44
C ASN A 311 -3.22 -12.50 18.05
N ASN A 312 -3.09 -12.52 19.39
CA ASN A 312 -2.43 -11.45 20.15
C ASN A 312 -1.13 -10.98 19.50
N LEU A 313 -0.97 -9.68 19.27
CA LEU A 313 0.19 -9.18 18.53
C LEU A 313 1.53 -9.39 19.26
N THR A 314 1.45 -9.43 20.59
CA THR A 314 2.60 -9.53 21.49
C THR A 314 3.25 -10.92 21.40
N PRO A 315 4.55 -10.98 21.06
CA PRO A 315 5.25 -12.25 21.08
C PRO A 315 5.57 -12.65 22.50
N MET A 316 4.87 -13.65 23.04
CA MET A 316 5.04 -13.98 24.48
C MET A 316 6.51 -14.23 24.82
N HIS A 317 7.27 -14.75 23.85
CA HIS A 317 8.65 -15.05 24.13
C HIS A 317 9.46 -13.80 24.48
N ARG A 318 9.23 -12.71 23.74
CA ARG A 318 9.87 -11.43 24.00
C ARG A 318 9.26 -10.71 25.24
N LEU A 319 7.97 -10.92 25.51
CA LEU A 319 7.29 -10.32 26.67
C LEU A 319 7.76 -10.90 28.00
N ASP A 320 7.89 -12.21 28.04
CA ASP A 320 8.45 -12.91 29.17
C ASP A 320 9.87 -12.44 29.50
N LEU A 321 10.30 -12.70 30.73
CA LEU A 321 11.68 -12.43 31.13
C LEU A 321 12.70 -13.46 30.52
N GLY A 322 12.79 -13.46 29.18
CA GLY A 322 13.47 -14.51 28.46
C GLY A 322 14.85 -14.20 27.90
N ALA A 323 15.29 -12.96 27.98
CA ALA A 323 16.60 -12.56 27.49
C ALA A 323 17.74 -13.13 28.33
N ASN A 324 18.93 -13.24 27.75
CA ASN A 324 20.12 -13.68 28.48
C ASN A 324 20.56 -12.61 29.48
N MET A 325 20.46 -12.93 30.76
CA MET A 325 20.79 -11.98 31.81
C MET A 325 22.25 -12.10 32.32
N LYS A 326 23.04 -12.90 31.63
CA LYS A 326 24.31 -13.35 32.17
C LYS A 326 25.51 -12.80 31.41
N LEU A 327 25.33 -11.63 30.80
CA LEU A 327 26.43 -10.88 30.16
C LEU A 327 26.76 -9.63 30.96
N SER A 328 27.93 -9.01 30.73
CA SER A 328 28.36 -7.84 31.49
C SER A 328 27.28 -6.77 31.51
N LEU A 329 27.25 -5.92 32.52
CA LEU A 329 26.22 -4.90 32.59
C LEU A 329 26.17 -4.02 31.36
N ALA A 330 27.33 -3.83 30.71
CA ALA A 330 27.48 -2.90 29.58
C ALA A 330 26.80 -3.37 28.30
N ALA A 331 26.17 -4.53 28.39
CA ALA A 331 25.56 -5.16 27.25
C ALA A 331 24.07 -4.84 27.22
N TYR A 332 23.60 -4.04 28.18
CA TYR A 332 22.16 -3.84 28.35
C TYR A 332 21.70 -2.40 28.24
N TYR A 333 20.56 -2.20 27.60
CA TYR A 333 19.85 -0.96 27.77
C TYR A 333 19.15 -0.99 29.14
N ILE A 334 19.38 0.05 29.94
CA ILE A 334 18.84 0.08 31.29
C ILE A 334 17.84 1.23 31.50
N ASN A 335 16.68 0.92 32.06
CA ASN A 335 15.70 1.93 32.23
C ASN A 335 16.15 2.98 33.26
N SER A 336 16.30 4.24 32.82
CA SER A 336 16.85 5.35 33.65
C SER A 336 15.94 6.56 33.81
N SER A 337 15.90 7.11 35.02
CA SER A 337 15.19 8.38 35.32
C SER A 337 16.12 9.54 35.66
N HIS A 338 15.74 10.71 35.15
CA HIS A 338 16.45 11.95 35.46
C HIS A 338 15.72 12.79 36.54
N ASN A 339 16.51 13.40 37.44
CA ASN A 339 16.01 14.12 38.62
C ASN A 339 14.70 13.57 39.14
N THR A 340 14.75 12.27 39.43
CA THR A 340 13.60 11.45 39.77
C THR A 340 12.61 12.17 40.66
N TYR A 341 13.16 12.91 41.63
CA TYR A 341 12.40 13.59 42.65
C TYR A 341 11.39 14.65 42.18
N LEU A 342 11.62 15.24 41.00
CA LEU A 342 10.71 16.28 40.46
C LEU A 342 9.43 15.76 39.82
N THR A 343 8.29 16.31 40.25
CA THR A 343 7.00 15.90 39.70
C THR A 343 6.56 16.85 38.59
N GLY A 344 7.26 17.94 38.42
CA GLY A 344 6.82 18.96 37.49
C GLY A 344 7.92 19.77 36.84
N HIS A 345 7.68 21.05 36.73
CA HIS A 345 8.62 21.98 36.12
C HIS A 345 10.00 21.92 36.84
N GLN A 346 11.07 22.20 36.12
CA GLN A 346 12.42 22.02 36.65
C GLN A 346 12.81 23.01 37.72
N LEU A 347 12.21 24.20 37.68
CA LEU A 347 12.65 25.35 38.48
C LEU A 347 11.64 25.82 39.50
N THR A 348 10.35 25.57 39.20
CA THR A 348 9.21 25.90 40.07
C THR A 348 8.51 24.64 40.61
N GLY A 349 8.94 23.46 40.13
CA GLY A 349 8.23 22.21 40.39
C GLY A 349 8.32 21.63 41.80
N LYS A 350 7.46 20.66 42.06
CA LYS A 350 7.37 20.08 43.39
C LYS A 350 8.35 18.90 43.44
N SER A 351 8.90 18.65 44.62
CA SER A 351 9.72 17.47 44.89
C SER A 351 8.95 16.50 45.74
N SER A 352 9.13 15.21 45.44
CA SER A 352 8.25 14.18 45.95
C SER A 352 9.07 13.04 46.52
N VAL A 353 8.57 12.42 47.60
CA VAL A 353 9.09 11.14 48.07
C VAL A 353 8.37 10.05 47.27
N GLU A 354 7.06 10.20 47.13
CA GLU A 354 6.21 9.24 46.43
C GLU A 354 6.72 8.96 45.03
N ILE A 355 7.19 9.97 44.33
CA ILE A 355 7.59 9.76 42.95
C ILE A 355 8.63 8.63 42.82
N TYR A 356 9.51 8.50 43.80
CA TYR A 356 10.55 7.46 43.73
C TYR A 356 9.90 6.09 43.68
N ARG A 357 8.83 5.95 44.47
CA ARG A 357 8.07 4.71 44.48
C ARG A 357 7.52 4.42 43.11
N GLN A 358 6.80 5.40 42.55
CA GLN A 358 6.13 5.26 41.25
C GLN A 358 7.06 4.90 40.09
N VAL A 359 8.17 5.62 40.00
CA VAL A 359 9.16 5.40 38.96
C VAL A 359 9.79 4.00 39.05
N LEU A 360 10.12 3.55 40.24
CA LEU A 360 10.56 2.18 40.43
C LEU A 360 9.48 1.19 40.01
N LEU A 361 8.22 1.54 40.22
CA LEU A 361 7.15 0.58 40.02
C LEU A 361 6.90 0.38 38.57
N THR A 362 7.35 1.33 37.75
CA THR A 362 7.25 1.21 36.28
C THR A 362 8.27 0.21 35.78
N GLY A 363 9.33 0.02 36.55
CA GLY A 363 10.38 -0.92 36.20
C GLY A 363 11.73 -0.24 36.12
N CYS A 364 11.68 1.09 36.00
CA CYS A 364 12.89 1.91 35.97
C CYS A 364 13.99 1.39 36.92
N ARG A 365 15.21 1.31 36.43
CA ARG A 365 16.28 0.78 37.25
C ARG A 365 17.28 1.84 37.71
N CYS A 366 17.48 2.89 36.92
CA CYS A 366 18.43 3.93 37.31
C CYS A 366 17.70 5.22 37.77
N LEU A 367 17.83 5.57 39.06
CA LEU A 367 17.22 6.75 39.64
C LEU A 367 18.26 7.83 39.93
N GLU A 368 17.84 9.10 39.96
CA GLU A 368 18.75 10.19 40.38
C GLU A 368 18.33 10.87 41.70
N LEU A 369 19.31 11.23 42.51
CA LEU A 369 19.10 11.85 43.83
C LEU A 369 20.05 13.04 43.94
N ASP A 370 19.55 14.25 43.73
CA ASP A 370 20.34 15.44 43.90
C ASP A 370 20.34 15.69 45.40
N CYS A 371 21.51 15.49 46.03
CA CYS A 371 21.67 15.61 47.47
C CYS A 371 22.24 16.95 47.94
N TRP A 372 21.47 17.67 48.74
CA TRP A 372 21.89 18.98 49.22
C TRP A 372 21.96 19.05 50.71
N ASP A 373 22.75 19.98 51.19
CA ASP A 373 22.94 20.14 52.58
C ASP A 373 21.66 20.70 53.17
N GLY A 374 21.06 19.96 54.09
CA GLY A 374 19.84 20.43 54.78
C GLY A 374 20.15 21.31 55.99
N LYS A 375 19.34 22.34 56.20
CA LYS A 375 19.66 23.40 57.18
C LYS A 375 19.53 23.06 58.68
N ASP A 376 19.06 21.85 59.00
CA ASP A 376 18.97 21.44 60.42
C ASP A 376 19.87 20.25 60.78
N GLY A 377 20.83 19.97 59.90
CA GLY A 377 21.74 18.85 60.10
C GLY A 377 21.40 17.67 59.22
N GLU A 378 20.17 17.61 58.74
CA GLU A 378 19.69 16.45 57.98
C GLU A 378 19.62 16.73 56.50
N PRO A 379 20.27 15.90 55.67
CA PRO A 379 20.34 16.08 54.21
C PRO A 379 18.99 16.06 53.52
N ILE A 380 18.89 16.83 52.44
CA ILE A 380 17.66 16.99 51.68
C ILE A 380 17.89 16.71 50.20
N ILE A 381 16.81 16.46 49.48
CA ILE A 381 16.88 16.31 48.03
C ILE A 381 16.07 17.39 47.36
N THR A 382 16.68 18.04 46.37
CA THR A 382 16.04 19.14 45.65
C THR A 382 16.89 19.54 44.45
N HIS A 383 16.36 20.41 43.59
CA HIS A 383 17.15 20.93 42.48
C HIS A 383 17.71 22.22 42.99
N GLY A 384 18.98 22.21 43.29
CA GLY A 384 19.61 23.31 44.02
C GLY A 384 19.54 24.71 43.41
N PHE A 385 19.42 25.70 44.28
CA PHE A 385 19.29 27.09 43.87
C PHE A 385 18.14 27.28 42.86
N THR A 386 16.97 26.72 43.19
CA THR A 386 15.77 26.97 42.40
C THR A 386 14.62 27.15 43.39
N MET A 387 13.43 27.47 42.88
CA MET A 387 12.26 27.60 43.74
C MET A 387 11.54 26.27 43.97
N CYS A 388 12.16 25.17 43.57
CA CYS A 388 11.61 23.83 43.80
C CYS A 388 11.51 23.55 45.29
N THR A 389 10.62 22.63 45.66
CA THR A 389 10.46 22.26 47.07
C THR A 389 11.52 21.23 47.44
N GLU A 390 11.64 20.97 48.74
CA GLU A 390 12.65 20.04 49.26
C GLU A 390 11.99 18.88 49.96
N VAL A 391 12.62 17.71 49.86
CA VAL A 391 12.20 16.54 50.64
C VAL A 391 13.39 16.04 51.44
N GLN A 392 13.13 15.14 52.38
CA GLN A 392 14.15 14.60 53.26
C GLN A 392 14.82 13.43 52.59
N PHE A 393 16.14 13.34 52.68
CA PHE A 393 16.86 12.23 52.08
C PHE A 393 16.59 10.90 52.76
N LYS A 394 16.49 10.91 54.09
CA LYS A 394 16.17 9.71 54.86
C LYS A 394 14.87 9.09 54.34
N ASP A 395 13.84 9.90 54.16
CA ASP A 395 12.55 9.41 53.70
C ASP A 395 12.63 8.79 52.32
N VAL A 396 13.39 9.41 51.43
CA VAL A 396 13.55 8.98 50.02
C VAL A 396 14.16 7.60 49.86
N VAL A 397 15.19 7.30 50.64
CA VAL A 397 15.86 6.00 50.55
C VAL A 397 15.03 4.85 51.12
N HIS A 398 14.28 5.10 52.19
CA HIS A 398 13.31 4.12 52.68
C HIS A 398 12.24 3.81 51.68
N ALA A 399 11.87 4.82 50.90
CA ALA A 399 10.91 4.66 49.82
C ALA A 399 11.56 3.83 48.78
N ILE A 400 12.80 4.16 48.41
CA ILE A 400 13.50 3.41 47.37
C ILE A 400 13.55 1.92 47.74
N ALA A 401 13.95 1.63 48.97
CA ALA A 401 14.05 0.26 49.47
C ALA A 401 12.71 -0.47 49.40
N GLU A 402 11.64 0.20 49.84
CA GLU A 402 10.30 -0.37 49.74
C GLU A 402 9.96 -0.86 48.33
N CYS A 403 10.11 -0.02 47.31
CA CYS A 403 9.64 -0.35 45.99
C CYS A 403 10.71 -0.81 45.01
N ALA A 404 11.96 -0.87 45.44
CA ALA A 404 13.06 -1.22 44.52
C ALA A 404 12.84 -2.51 43.73
N PHE A 405 12.21 -3.50 44.35
CA PHE A 405 12.16 -4.83 43.75
C PHE A 405 10.78 -5.48 43.72
N LYS A 406 9.72 -4.66 43.76
CA LYS A 406 8.34 -5.15 43.58
C LYS A 406 8.10 -5.74 42.18
N VAL A 407 8.52 -5.02 41.14
CA VAL A 407 8.24 -5.36 39.75
C VAL A 407 9.45 -5.98 39.06
N SER A 408 10.65 -5.73 39.59
CA SER A 408 11.84 -6.27 38.97
C SER A 408 12.84 -6.76 40.00
N GLU A 409 13.36 -7.96 39.80
CA GLU A 409 14.36 -8.53 40.69
C GLU A 409 15.80 -8.01 40.41
N TYR A 410 15.96 -7.21 39.36
CA TYR A 410 17.28 -6.87 38.82
C TYR A 410 17.80 -5.52 39.28
N PRO A 411 19.13 -5.32 39.25
CA PRO A 411 19.76 -4.34 40.12
C PRO A 411 19.39 -2.92 39.82
N VAL A 412 19.25 -2.13 40.89
CA VAL A 412 18.94 -0.71 40.81
C VAL A 412 20.24 0.09 40.92
N ILE A 413 20.38 1.15 40.11
CA ILE A 413 21.52 2.08 40.22
C ILE A 413 21.06 3.47 40.69
N LEU A 414 21.64 3.93 41.81
CA LEU A 414 21.33 5.24 42.33
C LEU A 414 22.39 6.24 41.88
N SER A 415 21.98 7.22 41.07
CA SER A 415 22.88 8.28 40.64
C SER A 415 22.79 9.41 41.61
N PHE A 416 23.89 9.68 42.31
CA PHE A 416 23.96 10.72 43.34
C PHE A 416 24.63 12.00 42.83
N GLU A 417 23.95 13.14 42.91
CA GLU A 417 24.63 14.41 42.75
C GLU A 417 24.96 14.88 44.15
N ASN A 418 26.23 14.82 44.54
CA ASN A 418 26.57 15.15 45.92
C ASN A 418 27.03 16.60 46.14
N HIS A 419 26.32 17.34 46.98
CA HIS A 419 26.72 18.70 47.30
C HIS A 419 26.75 18.90 48.81
N CYS A 420 26.84 17.81 49.57
CA CYS A 420 26.69 17.91 51.02
C CYS A 420 28.01 18.19 51.71
N SER A 421 27.92 18.69 52.94
CA SER A 421 29.06 18.84 53.84
C SER A 421 29.56 17.46 54.17
N VAL A 422 30.84 17.39 54.52
CA VAL A 422 31.41 16.13 55.02
C VAL A 422 30.54 15.52 56.16
N PRO A 423 30.21 16.31 57.22
CA PRO A 423 29.30 15.78 58.24
C PRO A 423 27.94 15.26 57.70
N GLN A 424 27.32 15.94 56.75
CA GLN A 424 26.02 15.49 56.30
C GLN A 424 26.17 14.29 55.37
N GLN A 425 27.34 14.17 54.75
CA GLN A 425 27.61 13.02 53.91
C GLN A 425 27.71 11.74 54.72
N LYS A 426 28.25 11.81 55.93
CA LYS A 426 28.28 10.67 56.84
C LYS A 426 26.87 10.15 57.12
N LEU A 427 25.89 11.06 57.12
CA LEU A 427 24.50 10.70 57.32
C LEU A 427 23.90 10.09 56.06
N LEU A 428 24.27 10.62 54.89
CA LEU A 428 23.85 9.95 53.65
C LEU A 428 24.24 8.48 53.70
N ALA A 429 25.54 8.24 53.88
CA ALA A 429 26.08 6.89 54.03
C ALA A 429 25.31 6.06 55.06
N GLN A 430 25.14 6.60 56.28
CA GLN A 430 24.47 5.88 57.35
C GLN A 430 23.04 5.57 57.01
N TYR A 431 22.40 6.50 56.32
CA TYR A 431 20.98 6.36 56.02
C TYR A 431 20.82 5.33 54.95
N CYS A 432 21.80 5.24 54.05
CA CYS A 432 21.80 4.19 53.05
C CYS A 432 21.89 2.82 53.70
N HIS A 433 22.80 2.67 54.65
CA HIS A 433 22.87 1.44 55.44
C HIS A 433 21.56 1.12 56.20
N GLU A 434 21.01 2.13 56.86
CA GLU A 434 19.79 1.95 57.60
C GLU A 434 18.70 1.43 56.68
N ALA A 435 18.37 2.18 55.63
CA ALA A 435 17.22 1.87 54.78
C ALA A 435 17.42 0.69 53.85
N PHE A 436 18.66 0.47 53.36
CA PHE A 436 18.90 -0.60 52.40
C PHE A 436 19.42 -1.88 53.03
N GLY A 437 19.98 -1.80 54.24
CA GLY A 437 20.55 -3.00 54.89
C GLY A 437 21.27 -3.93 53.93
N GLU A 438 20.75 -5.14 53.75
CA GLU A 438 21.42 -6.15 52.92
C GLU A 438 21.37 -5.92 51.41
N LEU A 439 20.52 -5.01 50.97
CA LEU A 439 20.34 -4.78 49.54
C LEU A 439 21.45 -3.92 48.97
N LEU A 440 22.13 -3.17 49.84
CA LEU A 440 23.18 -2.24 49.42
C LEU A 440 24.45 -2.97 49.11
N LEU A 441 24.92 -2.83 47.86
CA LEU A 441 26.17 -3.45 47.41
C LEU A 441 27.40 -2.57 47.72
N ASP A 442 27.95 -2.75 48.91
CA ASP A 442 29.00 -1.87 49.37
C ASP A 442 30.42 -2.44 49.21
N ASN A 443 30.50 -3.59 48.56
CA ASN A 443 31.77 -4.19 48.19
C ASN A 443 31.59 -4.99 46.92
N PRO A 444 32.67 -5.19 46.14
CA PRO A 444 32.54 -5.96 44.91
C PRO A 444 32.18 -7.41 45.21
N ILE A 445 31.80 -8.14 44.18
CA ILE A 445 31.46 -9.53 44.33
C ILE A 445 32.61 -10.42 43.86
N ASP A 446 32.60 -11.68 44.28
CA ASP A 446 33.61 -12.65 43.85
C ASP A 446 33.61 -12.73 42.35
N GLY A 447 34.79 -12.82 41.75
CA GLY A 447 34.91 -12.98 40.31
C GLY A 447 34.98 -11.71 39.52
N HIS A 448 34.73 -10.59 40.18
CA HIS A 448 34.75 -9.29 39.53
C HIS A 448 35.45 -8.27 40.42
N PRO A 449 36.78 -8.38 40.57
CA PRO A 449 37.48 -7.39 41.35
C PRO A 449 37.59 -6.09 40.59
N LEU A 450 37.82 -5.00 41.31
CA LEU A 450 38.00 -3.71 40.67
C LEU A 450 39.44 -3.55 40.19
N LYS A 451 39.74 -4.24 39.10
CA LYS A 451 41.05 -4.18 38.50
C LYS A 451 40.90 -4.12 36.98
N PRO A 452 41.92 -3.61 36.27
CA PRO A 452 41.85 -3.45 34.82
C PRO A 452 41.69 -4.79 34.08
N GLY A 453 40.87 -4.80 33.03
CA GLY A 453 40.68 -6.00 32.22
C GLY A 453 39.50 -6.89 32.64
N VAL A 454 38.95 -6.63 33.82
CA VAL A 454 37.87 -7.44 34.39
C VAL A 454 36.53 -6.83 34.01
N PRO A 455 35.67 -7.60 33.31
CA PRO A 455 34.37 -7.09 32.88
C PRO A 455 33.46 -6.86 34.05
N LEU A 456 32.44 -6.03 33.85
CA LEU A 456 31.46 -5.79 34.88
C LEU A 456 30.70 -7.07 35.19
N PRO A 457 30.12 -7.15 36.41
CA PRO A 457 29.24 -8.26 36.74
C PRO A 457 27.98 -8.28 35.87
N THR A 458 27.32 -9.43 35.78
CA THR A 458 26.05 -9.55 35.05
C THR A 458 24.83 -9.11 35.90
N PRO A 459 23.75 -8.63 35.26
CA PRO A 459 22.55 -8.26 36.03
C PRO A 459 22.05 -9.43 36.91
N TYR A 460 22.22 -10.65 36.41
CA TYR A 460 21.84 -11.84 37.12
C TYR A 460 22.62 -11.96 38.43
N ASP A 461 23.91 -11.61 38.38
CA ASP A 461 24.76 -11.71 39.55
C ASP A 461 24.32 -10.70 40.58
N LEU A 462 23.66 -9.64 40.11
CA LEU A 462 23.41 -8.46 40.92
C LEU A 462 21.93 -8.21 41.23
N ARG A 463 21.14 -9.27 41.16
CA ARG A 463 19.72 -9.19 41.53
C ARG A 463 19.53 -8.80 42.98
N LYS A 464 18.51 -7.98 43.22
CA LYS A 464 18.15 -7.51 44.56
C LYS A 464 19.32 -6.80 45.24
N LYS A 465 20.12 -6.10 44.44
CA LYS A 465 21.17 -5.27 44.97
C LYS A 465 20.96 -3.85 44.48
N ILE A 466 21.48 -2.89 45.26
CA ILE A 466 21.39 -1.48 44.93
C ILE A 466 22.82 -0.98 44.90
N LEU A 467 23.20 -0.41 43.75
CA LEU A 467 24.55 0.08 43.51
C LEU A 467 24.57 1.59 43.63
N ILE A 468 25.66 2.14 44.14
CA ILE A 468 25.75 3.59 44.36
C ILE A 468 26.67 4.18 43.34
N LYS A 469 26.21 5.24 42.68
CA LYS A 469 27.01 5.99 41.75
C LYS A 469 27.30 7.36 42.33
N ASN A 470 28.43 7.46 43.04
CA ASN A 470 28.93 8.69 43.62
C ASN A 470 30.40 8.85 43.21
N LYS A 471 30.96 10.04 43.40
CA LYS A 471 32.39 10.23 43.22
C LYS A 471 33.14 9.33 44.22
N LYS A 472 34.29 8.81 43.77
CA LYS A 472 35.24 8.08 44.62
C LYS A 472 36.48 8.97 44.75
N ILE A 473 37.32 8.73 45.77
CA ILE A 473 38.43 9.65 46.07
C ILE A 473 39.62 9.51 45.13
N LEU A 483 41.95 18.94 30.92
CA LEU A 483 42.81 18.58 29.78
C LEU A 483 43.48 19.78 29.08
N ALA A 484 44.54 20.34 29.65
CA ALA A 484 45.30 21.43 28.99
C ALA A 484 45.83 21.02 27.59
N GLY A 485 45.81 21.96 26.64
CA GLY A 485 46.37 21.80 25.29
C GLY A 485 45.39 21.94 24.11
N LEU A 486 44.28 22.63 24.33
CA LEU A 486 43.14 22.56 23.42
C LEU A 486 42.98 23.77 22.54
N THR A 487 42.16 23.62 21.50
CA THR A 487 41.87 24.74 20.59
C THR A 487 40.84 25.62 21.25
N ASP A 488 40.66 26.83 20.71
CA ASP A 488 39.71 27.79 21.29
C ASP A 488 38.22 27.45 21.11
N GLU A 489 37.82 26.95 19.93
CA GLU A 489 36.44 26.45 19.72
C GLU A 489 36.12 25.23 20.59
N GLU A 490 37.11 24.39 20.86
CA GLU A 490 36.93 23.27 21.78
C GLU A 490 36.64 23.79 23.19
N LYS A 491 37.41 24.79 23.62
CA LYS A 491 37.25 25.35 24.96
C LYS A 491 35.82 25.86 25.12
N LYS A 492 35.34 26.59 24.11
CA LYS A 492 33.99 27.16 24.15
C LYS A 492 32.90 26.09 24.08
N LYS A 493 33.14 25.02 23.34
CA LYS A 493 32.22 23.88 23.28
C LYS A 493 32.11 23.19 24.62
N ILE A 494 33.21 23.21 25.40
CA ILE A 494 33.28 22.60 26.73
C ILE A 494 32.58 23.48 27.75
N GLU A 495 32.81 24.79 27.66
CA GLU A 495 32.11 25.71 28.54
C GLU A 495 30.58 25.54 28.39
N LYS A 496 30.12 25.41 27.16
CA LYS A 496 28.70 25.20 26.88
C LYS A 496 28.17 23.89 27.52
N GLU A 497 28.98 22.83 27.46
CA GLU A 497 28.65 21.54 28.07
C GLU A 497 28.42 21.71 29.56
N LYS A 498 29.42 22.33 30.20
CA LYS A 498 29.46 22.59 31.64
C LYS A 498 28.26 23.34 32.20
N LYS A 499 27.80 24.38 31.52
CA LYS A 499 26.62 25.08 32.00
C LYS A 499 25.35 24.29 31.73
N ASP A 500 25.28 23.59 30.60
CA ASP A 500 24.14 22.72 30.33
C ASP A 500 24.05 21.61 31.36
N ALA A 501 25.17 21.32 32.01
CA ALA A 501 25.21 20.34 33.07
C ALA A 501 24.47 20.82 34.31
N GLY A 502 24.20 22.13 34.36
CA GLY A 502 23.48 22.72 35.48
C GLY A 502 24.23 22.54 36.79
N THR A 503 23.52 22.04 37.78
CA THR A 503 24.07 21.87 39.13
C THR A 503 25.00 20.69 39.18
N ALA A 504 25.00 19.86 38.14
CA ALA A 504 25.80 18.61 38.12
C ALA A 504 27.23 18.88 37.71
N ALA A 505 27.46 20.06 37.15
CA ALA A 505 28.79 20.53 36.75
C ALA A 505 29.78 20.51 37.91
N LYS A 506 29.39 21.02 39.09
CA LYS A 506 30.25 21.04 40.27
C LYS A 506 29.58 20.28 41.41
N GLU A 507 30.35 19.41 42.04
CA GLU A 507 29.86 18.56 43.12
C GLU A 507 30.80 18.67 44.28
N ALA A 508 30.34 18.28 45.47
CA ALA A 508 31.20 18.23 46.67
C ALA A 508 32.25 17.14 46.48
N GLU A 509 33.41 17.27 47.11
CA GLU A 509 34.35 16.17 47.06
C GLU A 509 33.79 15.01 47.90
N ALA A 510 34.20 13.79 47.59
CA ALA A 510 33.68 12.62 48.28
C ALA A 510 34.23 12.47 49.69
N ALA A 511 33.34 12.17 50.63
CA ALA A 511 33.70 11.72 51.99
C ALA A 511 33.91 10.20 52.02
N GLU A 512 34.96 9.76 52.69
CA GLU A 512 35.31 8.34 52.77
C GLU A 512 34.11 7.41 52.97
N GLU A 513 33.24 7.75 53.93
CA GLU A 513 32.05 6.94 54.27
C GLU A 513 31.08 6.80 53.09
N MET A 514 31.15 7.72 52.12
CA MET A 514 30.37 7.65 50.87
C MET A 514 31.14 6.94 49.78
N SER A 515 32.41 7.29 49.62
CA SER A 515 33.24 6.70 48.57
C SER A 515 33.35 5.19 48.68
N ALA A 516 33.29 4.68 49.92
CA ALA A 516 33.45 3.26 50.20
C ALA A 516 32.26 2.41 49.75
N LEU A 517 31.17 3.09 49.36
CA LEU A 517 29.96 2.42 48.92
C LEU A 517 29.92 2.32 47.40
N VAL A 518 30.80 3.06 46.73
CA VAL A 518 30.89 3.03 45.27
C VAL A 518 31.89 1.96 44.87
N ASN A 519 31.58 1.22 43.82
CA ASN A 519 32.52 0.21 43.30
C ASN A 519 32.45 0.06 41.78
N TYR A 520 31.42 -0.59 41.28
CA TYR A 520 31.34 -0.86 39.86
C TYR A 520 30.80 0.31 39.07
N ILE A 521 30.23 1.30 39.76
CA ILE A 521 29.71 2.46 39.03
C ILE A 521 30.39 3.76 39.46
N GLN A 522 31.69 3.87 39.19
CA GLN A 522 32.49 5.08 39.49
C GLN A 522 32.41 6.07 38.35
N PRO A 523 31.75 7.22 38.58
CA PRO A 523 31.69 8.22 37.54
C PRO A 523 33.03 8.91 37.53
N VAL A 524 33.59 9.14 36.35
CA VAL A 524 34.82 9.91 36.22
C VAL A 524 34.60 11.01 35.19
N HIS A 525 35.39 12.06 35.27
CA HIS A 525 35.33 13.12 34.30
C HIS A 525 35.96 12.62 32.99
N PHE A 526 35.09 12.16 32.10
CA PHE A 526 35.45 11.67 30.76
C PHE A 526 36.31 12.66 30.00
N THR A 527 37.38 12.18 29.37
CA THR A 527 38.26 13.06 28.63
C THR A 527 38.21 12.76 27.12
N THR A 528 39.03 11.82 26.65
CA THR A 528 39.01 11.35 25.28
C THR A 528 38.68 9.85 25.27
N PHE A 529 38.25 9.32 24.13
CA PHE A 529 37.96 7.89 23.98
C PHE A 529 39.21 7.01 24.04
N GLU A 530 40.27 7.41 23.34
CA GLU A 530 41.53 6.70 23.39
C GLU A 530 42.00 6.54 24.85
N GLN A 531 41.64 7.52 25.69
CA GLN A 531 42.01 7.54 27.10
C GLN A 531 41.38 6.39 27.87
N ALA A 532 40.09 6.19 27.64
CA ALA A 532 39.32 5.15 28.33
C ALA A 532 39.82 3.70 28.05
N GLN A 533 40.15 3.40 26.80
CA GLN A 533 40.64 2.07 26.42
C GLN A 533 42.10 1.81 26.84
N LYS A 534 42.88 2.87 27.02
CA LYS A 534 44.24 2.73 27.55
C LYS A 534 44.18 2.42 29.05
N LYS A 535 43.26 3.09 29.76
CA LYS A 535 43.08 2.86 31.19
C LYS A 535 42.52 1.45 31.42
N ASP A 536 41.64 1.02 30.51
CA ASP A 536 41.09 -0.35 30.47
C ASP A 536 40.25 -0.71 31.70
N ARG A 537 39.58 0.29 32.29
CA ARG A 537 38.91 0.07 33.58
C ARG A 537 37.40 -0.04 33.45
N HIS A 538 36.90 -1.25 33.27
CA HIS A 538 35.49 -1.44 32.94
C HIS A 538 34.55 -0.84 33.96
N TYR A 539 35.05 -0.63 35.17
CA TYR A 539 34.25 -0.12 36.30
C TYR A 539 34.18 1.42 36.34
N GLU A 540 35.04 2.07 35.57
CA GLU A 540 34.96 3.51 35.42
C GLU A 540 33.89 3.81 34.37
N MET A 541 32.97 4.70 34.73
CA MET A 541 31.88 5.12 33.83
C MET A 541 31.79 6.66 33.65
N SER A 542 30.92 7.07 32.73
CA SER A 542 30.80 8.49 32.42
C SER A 542 29.34 8.92 32.30
N SER A 543 28.93 9.89 33.12
CA SER A 543 27.60 10.49 33.04
C SER A 543 27.66 11.78 32.23
N MET A 544 27.13 11.77 31.01
CA MET A 544 27.27 12.92 30.11
C MET A 544 25.97 13.68 29.88
N VAL A 545 25.97 14.99 30.14
CA VAL A 545 24.82 15.83 29.73
C VAL A 545 24.65 15.66 28.23
N GLU A 546 23.42 15.73 27.75
CA GLU A 546 23.17 15.54 26.31
C GLU A 546 24.07 16.37 25.38
N THR A 547 24.43 17.58 25.77
CA THR A 547 25.27 18.43 24.94
C THR A 547 26.64 17.82 24.76
N GLN A 548 27.17 17.24 25.83
CA GLN A 548 28.43 16.52 25.79
C GLN A 548 28.32 15.33 24.85
N ALA A 549 27.24 14.56 25.01
CA ALA A 549 27.08 13.33 24.28
C ALA A 549 27.04 13.61 22.78
N LEU A 550 26.25 14.61 22.38
CA LEU A 550 26.07 14.92 20.97
C LEU A 550 27.37 15.25 20.33
N ASN A 551 28.24 15.93 21.07
CA ASN A 551 29.57 16.26 20.59
C ASN A 551 30.40 15.01 20.30
N LYS A 552 30.46 14.11 21.28
CA LYS A 552 31.25 12.90 21.14
C LYS A 552 30.64 12.05 20.00
N LEU A 553 29.31 11.98 20.00
CA LEU A 553 28.55 11.22 19.03
C LEU A 553 28.75 11.70 17.59
N LYS A 554 28.84 13.00 17.42
CA LYS A 554 29.08 13.54 16.09
C LYS A 554 30.55 13.38 15.68
N ASP A 555 31.47 13.57 16.63
CA ASP A 555 32.90 13.47 16.34
C ASP A 555 33.38 12.05 15.99
N ASN A 556 33.30 11.13 16.96
CA ASN A 556 33.67 9.72 16.75
C ASN A 556 32.53 8.82 17.17
N PRO A 557 31.59 8.54 16.26
CA PRO A 557 30.45 7.69 16.60
C PRO A 557 30.85 6.22 16.80
N GLU A 558 31.72 5.70 15.92
CA GLU A 558 32.16 4.31 16.03
C GLU A 558 32.89 4.06 17.34
N ASP A 559 33.78 4.99 17.71
CA ASP A 559 34.54 4.90 18.96
C ASP A 559 33.61 4.86 20.17
N PHE A 560 32.46 5.52 20.04
CA PHE A 560 31.47 5.64 21.11
C PHE A 560 30.77 4.31 21.28
N VAL A 561 30.55 3.64 20.15
CA VAL A 561 29.90 2.35 20.15
C VAL A 561 30.84 1.33 20.82
N ASP A 562 32.12 1.37 20.46
CA ASP A 562 33.13 0.50 21.06
C ASP A 562 33.32 0.80 22.54
N TYR A 563 33.37 2.08 22.91
CA TYR A 563 33.46 2.46 24.33
C TYR A 563 32.39 1.74 25.16
N ASN A 564 31.17 1.78 24.64
CA ASN A 564 30.01 1.25 25.33
C ASN A 564 29.92 -0.26 25.38
N LYS A 565 30.83 -0.96 24.71
CA LYS A 565 30.86 -2.41 24.82
C LYS A 565 31.41 -2.89 26.15
N LYS A 566 32.24 -2.09 26.77
CA LYS A 566 32.89 -2.46 28.00
C LYS A 566 32.44 -1.60 29.18
N GLN A 567 32.17 -0.32 28.92
CA GLN A 567 31.87 0.64 29.98
C GLN A 567 30.48 1.20 29.82
N LEU A 568 30.00 1.88 30.87
CA LEU A 568 28.65 2.45 30.90
C LEU A 568 28.65 3.94 30.63
N THR A 569 27.70 4.39 29.81
CA THR A 569 27.45 5.79 29.56
C THR A 569 26.06 6.11 30.06
N ARG A 570 25.95 7.15 30.90
CA ARG A 570 24.67 7.69 31.28
C ARG A 570 24.47 9.00 30.56
N ILE A 571 23.23 9.28 30.13
CA ILE A 571 22.91 10.51 29.42
C ILE A 571 21.80 11.24 30.15
N TYR A 572 21.89 12.56 30.29
CA TYR A 572 20.80 13.36 30.90
C TYR A 572 20.46 14.70 30.19
N PRO A 573 19.22 15.19 30.40
CA PRO A 573 18.71 16.38 29.70
C PRO A 573 19.46 17.66 30.02
N LYS A 574 19.80 18.45 29.02
CA LYS A 574 20.45 19.73 29.30
C LYS A 574 19.58 20.63 30.19
N GLY A 575 20.21 21.54 30.93
CA GLY A 575 19.53 22.42 31.85
C GLY A 575 18.51 23.34 31.23
N THR A 576 18.68 23.64 29.94
CA THR A 576 17.81 24.58 29.23
C THR A 576 16.40 24.01 29.01
N ARG A 577 16.24 22.70 29.17
CA ARG A 577 14.91 22.06 29.17
C ARG A 577 14.20 22.29 30.50
N VAL A 578 13.71 23.51 30.70
CA VAL A 578 13.06 23.91 31.93
C VAL A 578 11.71 23.24 32.12
N ASP A 579 11.03 22.88 31.02
CA ASP A 579 9.74 22.21 31.10
C ASP A 579 9.82 20.73 31.44
N SER A 580 11.03 20.22 31.61
CA SER A 580 11.30 18.78 31.80
C SER A 580 11.02 18.03 30.50
N SER A 581 11.32 18.69 29.38
CA SER A 581 11.24 18.16 28.05
C SER A 581 12.24 17.02 27.95
N ASN A 582 12.01 16.07 27.05
CA ASN A 582 12.89 14.90 26.86
C ASN A 582 13.39 14.77 25.42
N TYR A 583 14.59 14.23 25.24
CA TYR A 583 15.06 13.82 23.90
C TYR A 583 14.55 12.42 23.56
N VAL A 584 14.38 12.12 22.27
CA VAL A 584 14.12 10.74 21.86
C VAL A 584 15.36 9.84 22.17
N PRO A 585 15.19 8.82 23.05
CA PRO A 585 16.32 8.03 23.53
C PRO A 585 17.03 7.17 22.47
N GLN A 586 16.36 6.86 21.37
CA GLN A 586 17.00 6.11 20.28
C GLN A 586 18.25 6.78 19.74
N ILE A 587 18.36 8.10 19.93
CA ILE A 587 19.56 8.82 19.55
C ILE A 587 20.77 8.23 20.26
N TYR A 588 20.62 7.92 21.55
CA TYR A 588 21.73 7.49 22.41
C TYR A 588 21.87 5.98 22.53
N TRP A 589 20.74 5.29 22.42
CA TRP A 589 20.74 3.84 22.37
C TRP A 589 21.41 3.37 21.08
N ASN A 590 21.30 4.17 20.02
CA ASN A 590 21.95 3.89 18.76
C ASN A 590 23.47 3.80 18.91
N ALA A 591 24.01 4.52 19.88
CA ALA A 591 25.44 4.51 20.15
C ALA A 591 25.79 3.46 21.19
N GLY A 592 24.76 2.81 21.71
CA GLY A 592 24.96 1.77 22.72
C GLY A 592 24.95 2.28 24.14
N CYS A 593 24.58 3.55 24.33
CA CYS A 593 24.47 4.13 25.69
C CYS A 593 23.43 3.40 26.48
N GLN A 594 23.79 2.99 27.69
CA GLN A 594 22.96 2.10 28.45
C GLN A 594 21.96 2.85 29.31
N LEU A 595 22.43 3.86 30.06
CA LEU A 595 21.58 4.57 31.00
C LEU A 595 21.10 5.87 30.42
N VAL A 596 20.08 5.80 29.57
CA VAL A 596 19.58 7.01 28.93
C VAL A 596 18.43 7.59 29.74
N ALA A 597 18.77 8.52 30.63
CA ALA A 597 17.84 9.00 31.64
C ALA A 597 16.81 10.01 31.08
N LEU A 598 15.53 9.82 31.44
CA LEU A 598 14.45 10.72 31.02
C LEU A 598 13.68 11.31 32.20
N ASN A 599 12.99 12.41 31.93
CA ASN A 599 12.06 12.97 32.87
C ASN A 599 10.74 12.19 32.87
N PHE A 600 10.53 11.37 33.91
CA PHE A 600 9.29 10.57 33.96
C PHE A 600 8.02 11.38 34.19
N GLN A 601 8.15 12.65 34.56
CA GLN A 601 7.00 13.48 34.87
C GLN A 601 6.44 14.11 33.61
N CYS A 602 7.16 13.97 32.50
CA CYS A 602 6.71 14.54 31.24
C CYS A 602 6.33 13.47 30.20
N PHE A 603 5.04 13.34 29.91
CA PHE A 603 4.58 12.29 29.01
C PHE A 603 4.57 12.68 27.54
N ASP A 604 5.75 13.01 27.01
CA ASP A 604 5.87 13.32 25.59
C ASP A 604 6.31 12.09 24.82
N VAL A 605 6.47 12.25 23.51
CA VAL A 605 6.82 11.16 22.58
C VAL A 605 7.96 10.29 23.13
N ALA A 606 8.98 10.95 23.68
CA ALA A 606 10.17 10.29 24.20
C ALA A 606 9.88 9.36 25.33
N MET A 607 9.12 9.86 26.29
CA MET A 607 8.75 9.08 27.46
C MET A 607 7.76 7.94 27.12
N CYS A 608 6.78 8.23 26.26
CA CYS A 608 5.85 7.23 25.75
C CYS A 608 6.58 6.07 25.14
N VAL A 609 7.58 6.38 24.32
CA VAL A 609 8.42 5.39 23.66
C VAL A 609 9.21 4.60 24.68
N ASN A 610 9.82 5.30 25.62
CA ASN A 610 10.59 4.62 26.65
C ASN A 610 9.75 3.55 27.38
N LEU A 611 8.62 3.96 27.93
CA LEU A 611 7.79 3.06 28.73
C LEU A 611 7.27 1.82 27.95
N GLY A 612 6.99 2.02 26.66
CA GLY A 612 6.52 0.95 25.79
C GLY A 612 7.63 -0.04 25.47
N VAL A 613 8.86 0.45 25.39
CA VAL A 613 9.99 -0.41 25.09
C VAL A 613 10.32 -1.27 26.31
N PHE A 614 10.37 -0.64 27.47
CA PHE A 614 10.75 -1.35 28.69
C PHE A 614 9.63 -2.22 29.31
N GLU A 615 8.50 -2.33 28.61
CA GLU A 615 7.48 -3.31 29.00
C GLU A 615 7.98 -4.73 28.77
N TYR A 616 8.69 -4.91 27.67
CA TYR A 616 9.08 -6.24 27.31
C TYR A 616 10.17 -6.74 28.24
N ASN A 617 10.54 -8.01 28.08
CA ASN A 617 11.47 -8.71 28.96
C ASN A 617 11.00 -8.61 30.41
N GLY A 618 9.85 -9.22 30.67
CA GLY A 618 9.23 -9.26 31.98
C GLY A 618 9.20 -7.93 32.69
N CYS A 619 9.24 -6.87 31.91
CA CYS A 619 9.27 -5.53 32.45
C CYS A 619 10.25 -5.44 33.62
N SER A 620 11.53 -5.69 33.33
CA SER A 620 12.56 -5.78 34.35
C SER A 620 13.42 -4.54 34.41
N GLY A 621 13.32 -3.72 33.37
CA GLY A 621 14.11 -2.51 33.28
C GLY A 621 15.37 -2.75 32.45
N TYR A 622 15.56 -4.00 32.03
CA TYR A 622 16.75 -4.40 31.28
C TYR A 622 16.37 -5.00 29.92
N LEU A 623 17.08 -4.58 28.88
CA LEU A 623 16.91 -5.14 27.55
C LEU A 623 18.28 -5.35 26.99
N LEU A 624 18.50 -6.51 26.39
CA LEU A 624 19.82 -6.87 25.89
C LEU A 624 20.08 -6.20 24.53
N LYS A 625 21.24 -5.56 24.40
CA LYS A 625 21.62 -4.93 23.15
C LYS A 625 21.70 -5.96 22.03
N PRO A 626 21.49 -5.52 20.78
CA PRO A 626 21.67 -6.40 19.65
C PRO A 626 23.10 -6.90 19.53
N GLU A 627 23.22 -8.15 19.09
CA GLU A 627 24.48 -8.85 19.11
C GLU A 627 25.67 -8.09 18.50
N PHE A 628 25.48 -7.51 17.30
CA PHE A 628 26.58 -6.81 16.61
C PHE A 628 27.10 -5.60 17.39
N MET A 629 26.32 -5.16 18.38
CA MET A 629 26.75 -4.07 19.24
C MET A 629 27.54 -4.49 20.49
N ARG A 630 27.62 -5.80 20.72
CA ARG A 630 28.35 -6.32 21.86
C ARG A 630 29.60 -7.02 21.40
N LYS A 631 29.69 -7.29 20.11
CA LYS A 631 30.87 -7.95 19.55
C LYS A 631 32.09 -7.01 19.53
N LEU A 632 33.11 -7.35 20.30
CA LEU A 632 34.25 -6.45 20.50
C LEU A 632 34.91 -6.06 19.20
N ASP A 633 35.15 -7.04 18.36
CA ASP A 633 35.96 -6.89 17.17
C ASP A 633 35.26 -6.11 16.04
N LYS A 634 33.95 -5.91 16.14
CA LYS A 634 33.16 -5.34 15.04
C LYS A 634 32.89 -3.83 15.12
N ARG A 635 33.38 -3.09 14.14
CA ARG A 635 33.10 -1.66 14.02
C ARG A 635 31.70 -1.37 13.50
N PHE A 636 31.06 -0.31 13.98
CA PHE A 636 29.70 0.05 13.58
C PHE A 636 29.49 1.55 13.61
N ASP A 637 28.91 2.11 12.55
CA ASP A 637 28.62 3.53 12.48
C ASP A 637 27.11 3.82 12.51
N PRO A 638 26.58 4.28 13.66
CA PRO A 638 25.13 4.47 13.77
C PRO A 638 24.55 5.44 12.74
N PHE A 639 25.42 6.17 12.06
CA PHE A 639 24.96 7.09 11.05
C PHE A 639 25.03 6.50 9.65
N THR A 640 25.18 5.18 9.54
CA THR A 640 25.23 4.56 8.23
C THR A 640 23.88 4.65 7.56
N GLU A 641 23.91 4.83 6.24
CA GLU A 641 22.68 4.84 5.41
C GLU A 641 22.60 3.64 4.47
N SER A 642 23.72 2.94 4.29
CA SER A 642 23.71 1.63 3.66
C SER A 642 23.63 0.52 4.72
N THR A 643 23.33 -0.72 4.29
CA THR A 643 23.08 -1.85 5.18
C THR A 643 24.33 -2.24 5.97
N VAL A 644 24.10 -2.82 7.15
CA VAL A 644 25.18 -3.29 8.02
C VAL A 644 25.49 -4.75 7.71
N ASP A 645 26.77 -5.05 7.41
CA ASP A 645 27.21 -6.43 7.13
C ASP A 645 26.81 -7.35 8.28
N GLY A 646 26.21 -8.49 7.95
CA GLY A 646 25.79 -9.45 8.97
C GLY A 646 24.35 -9.27 9.34
N VAL A 647 23.94 -8.03 9.63
CA VAL A 647 22.51 -7.68 9.95
C VAL A 647 21.63 -7.52 8.68
N VAL A 648 20.47 -8.16 8.68
CA VAL A 648 19.59 -8.22 7.50
C VAL A 648 18.51 -7.13 7.57
N ALA A 649 18.47 -6.27 6.55
CA ALA A 649 17.54 -5.14 6.54
C ALA A 649 16.12 -5.62 6.26
N GLY A 650 15.13 -4.79 6.58
CA GLY A 650 13.73 -5.18 6.36
C GLY A 650 12.82 -4.16 5.70
N THR A 651 11.70 -4.62 5.17
CA THR A 651 10.59 -3.75 4.77
C THR A 651 9.50 -3.93 5.81
N ILE A 652 8.81 -2.84 6.14
CA ILE A 652 7.61 -2.92 6.97
C ILE A 652 6.50 -2.17 6.26
N GLU A 653 5.29 -2.74 6.21
CA GLU A 653 4.12 -2.04 5.67
C GLU A 653 2.96 -2.07 6.67
N ILE A 654 2.49 -0.90 7.08
CA ILE A 654 1.37 -0.82 8.03
C ILE A 654 0.14 -0.29 7.32
N LYS A 655 -0.90 -1.09 7.28
CA LYS A 655 -2.16 -0.68 6.69
C LYS A 655 -3.19 -0.43 7.81
N ILE A 656 -3.45 0.84 8.11
CA ILE A 656 -4.41 1.21 9.15
C ILE A 656 -5.83 1.12 8.59
N ILE A 657 -6.59 0.14 9.06
CA ILE A 657 -7.93 -0.15 8.53
C ILE A 657 -9.09 0.54 9.29
N SER A 658 -9.19 0.28 10.59
CA SER A 658 -10.26 0.84 11.40
C SER A 658 -9.90 0.89 12.88
N ALA A 659 -10.85 1.38 13.67
CA ALA A 659 -10.70 1.41 15.11
C ALA A 659 -12.02 1.04 15.76
N GLN A 660 -11.92 0.65 17.02
CA GLN A 660 -13.06 0.23 17.81
C GLN A 660 -13.00 0.94 19.14
N PHE A 661 -14.14 1.50 19.55
CA PHE A 661 -14.30 2.09 20.89
C PHE A 661 -13.19 3.06 21.25
N LEU A 662 -12.96 4.03 20.38
CA LEU A 662 -12.00 5.07 20.69
C LEU A 662 -12.52 5.91 21.83
N SER A 663 -13.84 6.06 21.89
CA SER A 663 -14.46 7.01 22.82
C SER A 663 -15.95 6.79 23.06
N ASP A 664 -16.39 7.25 24.21
CA ASP A 664 -17.80 7.20 24.61
C ASP A 664 -18.58 8.34 23.98
N LYS A 665 -17.89 9.44 23.70
CA LYS A 665 -18.45 10.51 22.86
C LYS A 665 -18.21 10.32 21.35
N GLN A 666 -19.03 10.95 20.53
CA GLN A 666 -18.88 10.85 19.07
C GLN A 666 -17.77 11.72 18.52
N ILE A 667 -16.52 11.35 18.77
CA ILE A 667 -15.38 12.16 18.34
C ILE A 667 -15.06 12.03 16.84
N SER A 668 -14.13 12.87 16.37
CA SER A 668 -13.54 12.79 15.03
C SER A 668 -12.07 12.46 15.22
N SER A 669 -11.60 11.40 14.56
CA SER A 669 -10.26 10.91 14.82
C SER A 669 -9.49 10.63 13.54
N TYR A 670 -8.15 10.58 13.70
CA TYR A 670 -7.21 10.14 12.68
C TYR A 670 -6.09 9.35 13.31
N VAL A 671 -5.47 8.46 12.54
CA VAL A 671 -4.36 7.66 13.04
C VAL A 671 -3.05 8.06 12.36
N GLU A 672 -1.95 7.95 13.12
CA GLU A 672 -0.63 8.36 12.68
C GLU A 672 0.31 7.21 12.97
N VAL A 673 1.31 6.99 12.13
CA VAL A 673 2.26 5.89 12.35
C VAL A 673 3.69 6.42 12.18
N GLU A 674 4.49 6.29 13.26
CA GLU A 674 5.89 6.77 13.27
C GLU A 674 6.85 5.60 13.50
N MET A 675 8.12 5.80 13.18
CA MET A 675 9.16 4.80 13.45
C MET A 675 10.40 5.47 14.04
N TYR A 676 10.97 4.85 15.08
CA TYR A 676 12.14 5.37 15.77
C TYR A 676 13.27 4.33 15.81
N GLY A 677 14.51 4.79 15.64
CA GLY A 677 15.64 3.87 15.54
C GLY A 677 16.84 4.63 15.01
N LEU A 678 17.59 4.03 14.08
CA LEU A 678 18.69 4.74 13.44
C LEU A 678 18.14 5.98 12.79
N PRO A 679 18.97 7.04 12.69
CA PRO A 679 18.60 8.20 11.94
C PRO A 679 17.93 7.84 10.60
N THR A 680 18.57 6.99 9.80
CA THR A 680 18.12 6.66 8.44
C THR A 680 16.87 5.79 8.41
N ASP A 681 16.46 5.34 9.59
CA ASP A 681 15.24 4.52 9.77
C ASP A 681 14.12 5.23 10.55
N THR A 682 14.40 6.42 11.06
CA THR A 682 13.44 7.19 11.85
C THR A 682 12.56 8.09 10.97
N VAL A 683 11.26 7.91 11.14
CA VAL A 683 10.23 8.62 10.40
C VAL A 683 9.20 9.20 11.40
N ARG A 684 9.01 10.51 11.37
CA ARG A 684 7.99 11.21 12.16
C ARG A 684 7.24 12.23 11.32
N LYS A 685 5.97 12.47 11.68
CA LYS A 685 5.08 13.41 10.95
C LYS A 685 5.04 13.17 9.45
N LYS A 686 5.13 11.92 9.03
CA LYS A 686 4.99 11.60 7.63
C LYS A 686 3.67 10.87 7.35
N PHE A 687 3.28 9.97 8.25
CA PHE A 687 2.14 9.11 7.98
C PHE A 687 0.96 9.41 8.88
N LYS A 688 -0.16 9.75 8.24
CA LYS A 688 -1.37 10.18 8.90
C LYS A 688 -2.55 9.76 8.02
N THR A 689 -3.54 9.10 8.62
CA THR A 689 -4.71 8.60 7.89
C THR A 689 -5.69 9.73 7.55
N LYS A 690 -6.68 9.45 6.71
CA LYS A 690 -7.76 10.41 6.54
C LYS A 690 -8.43 10.57 7.89
N THR A 691 -9.13 11.68 8.12
CA THR A 691 -9.90 11.86 9.36
C THR A 691 -11.35 11.34 9.23
N VAL A 692 -11.78 10.52 10.18
CA VAL A 692 -13.17 10.10 10.23
C VAL A 692 -13.93 10.98 11.20
N ASN A 693 -15.07 11.48 10.77
CA ASN A 693 -15.80 12.45 11.58
C ASN A 693 -16.95 11.81 12.32
N ASN A 694 -17.13 12.24 13.57
CA ASN A 694 -18.30 11.90 14.36
C ASN A 694 -18.55 10.42 14.47
N ASN A 695 -17.61 9.69 15.06
CA ASN A 695 -17.77 8.27 15.29
C ASN A 695 -16.71 7.82 16.25
N GLY A 696 -17.08 7.63 17.50
CA GLY A 696 -16.12 7.14 18.48
C GLY A 696 -16.13 5.63 18.60
N MET A 697 -17.03 5.01 17.84
CA MET A 697 -17.32 3.61 18.05
C MET A 697 -16.65 2.65 17.05
N ASP A 698 -16.83 2.89 15.75
CA ASP A 698 -16.23 2.01 14.75
C ASP A 698 -15.82 2.81 13.50
N PRO A 699 -14.91 3.79 13.68
CA PRO A 699 -14.44 4.56 12.53
C PRO A 699 -13.68 3.65 11.59
N TYR A 700 -13.98 3.78 10.30
CA TYR A 700 -13.39 2.93 9.28
C TYR A 700 -12.51 3.77 8.37
N TYR A 701 -11.19 3.74 8.60
CA TYR A 701 -10.24 4.57 7.85
C TYR A 701 -9.94 3.99 6.47
N ASN A 702 -9.67 2.69 6.39
CA ASN A 702 -9.39 2.00 5.12
C ASN A 702 -8.23 2.62 4.33
N GLU A 703 -7.19 3.03 5.03
CA GLU A 703 -6.09 3.72 4.42
C GLU A 703 -5.20 2.78 3.63
N ASN A 704 -4.75 3.21 2.46
CA ASN A 704 -3.67 2.54 1.75
C ASN A 704 -2.46 2.39 2.68
N ALA A 705 -1.73 1.31 2.52
CA ALA A 705 -0.63 1.02 3.43
C ALA A 705 0.45 2.08 3.44
N PHE A 706 1.03 2.25 4.63
CA PHE A 706 2.21 3.06 4.84
C PHE A 706 3.46 2.19 4.72
N VAL A 707 4.31 2.50 3.74
CA VAL A 707 5.54 1.71 3.51
C VAL A 707 6.83 2.31 4.14
N PHE A 708 7.51 1.50 4.96
CA PHE A 708 8.86 1.78 5.42
C PHE A 708 9.81 0.91 4.60
N LYS A 709 10.08 1.36 3.37
CA LYS A 709 10.79 0.56 2.35
C LYS A 709 12.12 -0.12 2.79
N LYS A 710 13.12 0.66 3.19
CA LYS A 710 14.40 0.11 3.64
C LYS A 710 14.58 0.38 5.16
N VAL A 711 14.51 -0.65 5.99
CA VAL A 711 14.81 -0.48 7.41
C VAL A 711 16.21 -1.04 7.68
N VAL A 712 17.20 -0.17 7.56
CA VAL A 712 18.60 -0.57 7.65
C VAL A 712 18.82 -1.53 8.79
N LEU A 713 18.26 -1.23 9.94
CA LEU A 713 18.62 -1.97 11.12
C LEU A 713 17.47 -2.21 12.06
N PRO A 714 16.64 -3.21 11.72
CA PRO A 714 15.41 -3.40 12.42
C PRO A 714 15.58 -3.69 13.91
N ASP A 715 16.67 -4.34 14.34
CA ASP A 715 16.72 -4.72 15.75
C ASP A 715 16.67 -3.50 16.70
N LEU A 716 17.11 -2.33 16.21
CA LEU A 716 17.14 -1.11 16.99
C LEU A 716 15.85 -0.31 16.87
N ALA A 717 15.11 -0.61 15.81
CA ALA A 717 13.88 0.11 15.46
C ALA A 717 12.64 -0.35 16.22
N VAL A 718 11.79 0.61 16.57
CA VAL A 718 10.44 0.30 16.99
C VAL A 718 9.48 1.02 16.05
N VAL A 719 8.24 0.53 15.94
CA VAL A 719 7.15 1.25 15.25
C VAL A 719 6.07 1.61 16.27
N ARG A 720 5.40 2.74 16.06
CA ARG A 720 4.42 3.24 17.01
C ARG A 720 3.16 3.71 16.30
N ILE A 721 2.02 3.16 16.70
CA ILE A 721 0.74 3.62 16.18
C ILE A 721 0.19 4.62 17.17
N ILE A 722 -0.14 5.81 16.67
CA ILE A 722 -0.72 6.89 17.46
C ILE A 722 -2.09 7.28 16.93
N VAL A 723 -3.06 7.41 17.85
CA VAL A 723 -4.41 7.83 17.50
C VAL A 723 -4.74 9.12 18.22
N ASN A 724 -5.26 10.06 17.44
CA ASN A 724 -5.55 11.39 17.90
C ASN A 724 -6.96 11.83 17.52
N GLU A 725 -7.49 12.71 18.36
CA GLU A 725 -8.72 13.43 18.11
C GLU A 725 -8.38 14.53 17.11
N ASP A 726 -9.41 15.00 16.41
CA ASP A 726 -9.24 15.94 15.30
C ASP A 726 -8.34 17.11 15.64
N GLY A 727 -8.55 17.71 16.82
CA GLY A 727 -7.75 18.88 17.24
C GLY A 727 -6.29 18.56 17.55
N GLY A 728 -5.86 17.34 17.25
CA GLY A 728 -4.52 16.92 17.63
C GLY A 728 -4.35 16.53 19.10
N LYS A 729 -5.48 16.31 19.80
CA LYS A 729 -5.46 15.77 21.18
C LYS A 729 -5.14 14.28 21.19
N PHE A 730 -4.35 13.85 22.17
CA PHE A 730 -3.98 12.44 22.29
C PHE A 730 -5.19 11.60 22.71
N ILE A 731 -5.40 10.46 22.03
CA ILE A 731 -6.38 9.48 22.48
C ILE A 731 -5.64 8.26 23.01
N GLY A 732 -4.85 7.59 22.17
CA GLY A 732 -4.07 6.42 22.59
C GLY A 732 -2.93 6.07 21.66
N HIS A 733 -2.19 5.02 21.98
CA HIS A 733 -1.09 4.56 21.15
C HIS A 733 -0.70 3.13 21.45
N ARG A 734 0.19 2.60 20.60
CA ARG A 734 0.77 1.28 20.83
C ARG A 734 2.14 1.20 20.21
N LEU A 735 3.04 0.52 20.91
CA LEU A 735 4.42 0.39 20.53
C LEU A 735 4.69 -1.06 20.18
N MET A 736 5.32 -1.26 19.04
CA MET A 736 5.70 -2.60 18.58
C MET A 736 7.17 -2.61 18.16
N PRO A 737 8.05 -3.15 19.01
CA PRO A 737 9.43 -3.31 18.53
C PRO A 737 9.48 -4.22 17.30
N LEU A 738 10.37 -3.91 16.36
CA LEU A 738 10.53 -4.70 15.14
C LEU A 738 11.15 -6.07 15.39
N ASP A 739 12.08 -6.13 16.35
CA ASP A 739 12.60 -7.41 16.86
C ASP A 739 11.46 -8.28 17.40
N GLY A 740 10.97 -9.19 16.56
CA GLY A 740 9.89 -10.08 17.01
C GLY A 740 8.46 -9.64 16.75
N ILE A 741 8.29 -8.70 15.82
CA ILE A 741 6.98 -8.22 15.47
C ILE A 741 6.24 -9.31 14.68
N LYS A 742 4.93 -9.40 14.90
CA LYS A 742 4.06 -10.35 14.17
C LYS A 742 3.26 -9.61 13.11
N PRO A 743 3.42 -10.04 11.83
CA PRO A 743 2.74 -9.48 10.68
C PRO A 743 1.33 -10.07 10.53
N GLY A 744 0.62 -9.71 9.45
CA GLY A 744 -0.77 -10.08 9.21
C GLY A 744 -1.80 -9.12 9.78
N TYR A 745 -3.07 -9.48 9.66
CA TYR A 745 -4.16 -8.78 10.34
C TYR A 745 -4.03 -8.94 11.86
N ARG A 746 -4.08 -7.83 12.57
CA ARG A 746 -3.89 -7.85 14.01
C ARG A 746 -4.79 -6.83 14.69
N HIS A 747 -5.29 -7.18 15.87
CA HIS A 747 -5.95 -6.16 16.67
C HIS A 747 -4.93 -5.53 17.60
N ILE A 748 -5.01 -4.22 17.72
CA ILE A 748 -4.00 -3.46 18.41
C ILE A 748 -4.72 -2.59 19.42
N PRO A 749 -4.91 -3.12 20.64
CA PRO A 749 -5.52 -2.38 21.74
C PRO A 749 -4.61 -1.24 22.18
N LEU A 750 -5.13 -0.02 22.16
CA LEU A 750 -4.37 1.18 22.48
C LEU A 750 -4.11 1.34 23.95
N ARG A 751 -3.01 2.02 24.22
CA ARG A 751 -2.64 2.30 25.58
C ARG A 751 -2.47 3.79 25.78
N ASN A 752 -2.59 4.23 27.02
CA ASN A 752 -2.29 5.62 27.33
C ASN A 752 -0.77 5.89 27.39
N GLU A 753 -0.41 7.09 27.81
CA GLU A 753 1.02 7.47 27.77
C GLU A 753 1.88 6.72 28.79
N SER A 754 1.28 6.35 29.93
CA SER A 754 2.02 5.54 30.89
C SER A 754 2.03 4.05 30.52
N ASN A 755 1.65 3.74 29.28
CA ASN A 755 1.60 2.37 28.75
C ASN A 755 0.71 1.41 29.58
N ARG A 756 -0.42 1.94 30.03
CA ARG A 756 -1.45 1.16 30.68
C ARG A 756 -2.62 1.16 29.72
N PRO A 757 -3.39 0.06 29.65
CA PRO A 757 -4.39 -0.02 28.59
C PRO A 757 -5.53 0.98 28.70
N LEU A 758 -6.11 1.37 27.57
CA LEU A 758 -7.35 2.15 27.60
C LEU A 758 -8.52 1.22 27.86
N GLY A 759 -8.29 -0.08 27.60
CA GLY A 759 -9.36 -1.08 27.65
C GLY A 759 -9.83 -1.47 26.25
N LEU A 760 -11.05 -1.06 25.88
CA LEU A 760 -11.64 -1.50 24.61
C LEU A 760 -11.04 -0.80 23.40
N ALA A 761 -10.55 0.42 23.60
CA ALA A 761 -10.00 1.22 22.50
C ALA A 761 -8.93 0.46 21.76
N SER A 762 -9.17 0.19 20.47
CA SER A 762 -8.29 -0.65 19.67
C SER A 762 -8.18 -0.15 18.25
N VAL A 763 -7.15 -0.61 17.55
CA VAL A 763 -7.01 -0.33 16.13
C VAL A 763 -6.86 -1.66 15.40
N PHE A 764 -7.31 -1.71 14.15
CA PHE A 764 -7.19 -2.91 13.36
C PHE A 764 -6.36 -2.55 12.17
N ALA A 765 -5.25 -3.25 12.04
CA ALA A 765 -4.27 -3.00 11.00
C ALA A 765 -3.85 -4.30 10.32
N HIS A 766 -3.36 -4.17 9.09
CA HIS A 766 -2.62 -5.24 8.45
C HIS A 766 -1.15 -4.89 8.41
N ILE A 767 -0.33 -5.84 8.86
CA ILE A 767 1.11 -5.65 8.98
C ILE A 767 1.84 -6.56 8.00
N VAL A 768 2.83 -5.98 7.32
CA VAL A 768 3.77 -6.73 6.48
C VAL A 768 5.15 -6.55 7.12
N ALA A 769 5.82 -7.67 7.42
CA ALA A 769 7.19 -7.65 7.90
C ALA A 769 7.98 -8.71 7.17
N LYS A 770 9.05 -8.31 6.51
CA LYS A 770 9.89 -9.22 5.71
C LYS A 770 11.29 -8.65 5.51
N ASP A 771 12.14 -9.40 4.81
CA ASP A 771 13.48 -8.91 4.53
C ASP A 771 13.46 -8.03 3.30
N TYR A 772 14.31 -7.03 3.31
CA TYR A 772 14.41 -6.12 2.18
C TYR A 772 15.24 -6.77 1.09
N VAL A 773 14.80 -6.59 -0.15
CA VAL A 773 15.59 -6.98 -1.34
C VAL A 773 15.51 -5.84 -2.38
N SER A 774 16.64 -5.41 -2.94
CA SER A 774 16.62 -4.24 -3.85
C SER A 774 16.82 -4.57 -5.34
N ASP A 775 16.76 -3.54 -6.20
CA ASP A 775 17.05 -3.68 -7.66
C ASP A 775 18.24 -2.80 -8.09
N ALA A 776 18.71 -1.98 -7.13
CA ALA A 776 19.57 -0.82 -7.39
C ALA A 776 19.18 -0.13 -8.70
N TYR A 790 28.99 18.07 -1.64
CA TYR A 790 29.05 17.33 -0.37
C TYR A 790 28.97 18.25 0.87
N GLN A 791 29.14 17.65 2.06
CA GLN A 791 28.96 18.34 3.33
C GLN A 791 29.93 17.77 4.39
N SER A 792 30.37 18.60 5.33
CA SER A 792 31.21 18.17 6.48
C SER A 792 30.65 16.96 7.24
N ALA A 793 31.57 16.10 7.69
CA ALA A 793 31.25 14.84 8.39
C ALA A 793 30.23 15.01 9.49
N GLN A 794 30.40 16.03 10.35
CA GLN A 794 29.48 16.21 11.48
C GLN A 794 28.27 17.10 11.21
N ASP A 795 28.40 18.00 10.23
CA ASP A 795 27.25 18.75 9.74
C ASP A 795 26.19 17.75 9.20
N ALA A 796 26.65 16.76 8.43
CA ALA A 796 25.77 15.72 7.88
C ALA A 796 25.10 14.94 9.00
N ARG A 797 25.86 14.67 10.08
CA ARG A 797 25.35 13.87 11.20
C ARG A 797 24.30 14.65 11.99
N ALA A 798 24.62 15.92 12.28
CA ALA A 798 23.69 16.84 12.95
C ALA A 798 22.37 16.94 12.18
N ALA A 799 22.47 16.98 10.84
CA ALA A 799 21.30 17.00 9.97
C ALA A 799 20.44 15.72 10.16
N ALA A 800 21.12 14.58 10.31
CA ALA A 800 20.42 13.31 10.46
C ALA A 800 19.57 13.33 11.73
N LEU A 801 20.05 14.06 12.76
CA LEU A 801 19.40 14.08 14.09
C LEU A 801 18.07 14.82 14.13
N CYS A 802 17.77 15.56 13.07
CA CYS A 802 16.46 16.20 12.88
C CYS A 802 15.31 15.20 12.68
N ALA A 803 15.62 14.01 12.19
CA ALA A 803 14.62 12.97 11.95
C ALA A 803 13.84 12.76 13.23
N PHE A 804 14.51 12.98 14.36
CA PHE A 804 13.93 12.78 15.68
C PHE A 804 13.03 13.93 16.17
N GLU A 805 13.26 15.17 15.71
CA GLU A 805 12.48 16.33 16.15
C GLU A 805 10.96 16.19 15.92
N ASP A 806 10.17 16.98 16.66
CA ASP A 806 8.71 16.91 16.54
C ASP A 806 8.28 17.48 15.21
N ASP A 807 9.17 18.24 14.57
CA ASP A 807 8.88 18.83 13.27
C ASP A 807 10.01 18.66 12.23
N PRO A 808 10.28 17.40 11.81
CA PRO A 808 11.51 17.08 11.10
C PRO A 808 11.86 17.95 9.89
N ASP A 809 10.85 18.47 9.18
CA ASP A 809 11.11 19.30 7.98
C ASP A 809 11.65 20.68 8.37
N ALA A 810 11.02 21.31 9.37
CA ALA A 810 11.35 22.69 9.80
C ALA A 810 12.59 22.78 10.68
N ALA A 811 12.71 21.85 11.63
CA ALA A 811 13.90 21.72 12.47
C ALA A 811 15.14 21.51 11.61
N LEU A 812 14.96 20.95 10.41
CA LEU A 812 16.05 20.83 9.43
C LEU A 812 16.30 22.19 8.76
N ASN A 813 16.91 23.12 9.50
CA ASN A 813 17.22 24.48 9.00
C ASN A 813 18.47 25.10 9.62
N GLU B 12 -16.83 14.60 -30.41
CA GLU B 12 -17.69 14.37 -31.60
C GLU B 12 -18.13 12.89 -31.74
N LEU B 13 -17.52 12.02 -30.91
CA LEU B 13 -17.79 10.56 -30.87
C LEU B 13 -19.24 10.24 -30.50
N LYS B 14 -19.81 9.22 -31.14
CA LYS B 14 -21.18 8.84 -30.85
C LYS B 14 -21.31 7.33 -30.68
N TRP B 15 -22.33 6.89 -29.94
CA TRP B 15 -22.66 5.46 -29.86
C TRP B 15 -23.26 4.91 -31.16
N PRO B 16 -23.16 3.59 -31.40
CA PRO B 16 -23.74 2.99 -32.58
C PRO B 16 -25.22 3.24 -32.70
N ASN B 17 -25.70 3.26 -33.93
CA ASN B 17 -27.06 3.63 -34.23
C ASN B 17 -27.57 2.73 -35.34
N VAL B 18 -28.13 1.59 -34.95
CA VAL B 18 -28.50 0.55 -35.89
C VAL B 18 -29.90 0.86 -36.46
N PRO B 19 -30.01 1.07 -37.80
CA PRO B 19 -31.32 1.32 -38.45
C PRO B 19 -32.27 0.12 -38.42
N GLU B 20 -33.57 0.39 -38.42
CA GLU B 20 -34.60 -0.66 -38.35
C GLU B 20 -34.31 -1.80 -39.33
N GLN B 21 -33.82 -1.44 -40.52
CA GLN B 21 -33.55 -2.41 -41.57
C GLN B 21 -32.61 -3.54 -41.16
N LEU B 22 -31.57 -3.22 -40.38
CA LEU B 22 -30.59 -4.22 -39.97
C LEU B 22 -31.06 -5.02 -38.76
N ILE B 23 -31.94 -4.43 -37.97
CA ILE B 23 -32.50 -5.14 -36.82
C ILE B 23 -33.52 -6.17 -37.31
N LYS B 24 -34.42 -5.71 -38.17
CA LYS B 24 -35.39 -6.58 -38.84
C LYS B 24 -34.65 -7.59 -39.74
N GLY B 25 -33.60 -7.13 -40.42
CA GLY B 25 -32.70 -8.01 -41.18
C GLY B 25 -32.80 -7.91 -42.69
N ASP B 26 -31.82 -8.48 -43.38
CA ASP B 26 -31.88 -8.63 -44.83
C ASP B 26 -31.45 -10.02 -45.24
N LYS B 27 -31.95 -10.45 -46.40
CA LYS B 27 -31.67 -11.78 -46.88
C LYS B 27 -30.39 -11.85 -47.72
N PHE B 28 -29.59 -12.88 -47.45
CA PHE B 28 -28.35 -13.15 -48.15
C PHE B 28 -28.22 -14.66 -48.40
N LEU B 29 -27.46 -15.06 -49.42
CA LEU B 29 -26.95 -16.43 -49.46
C LEU B 29 -25.51 -16.47 -48.97
N LYS B 30 -25.20 -17.46 -48.13
CA LYS B 30 -23.88 -17.65 -47.56
C LYS B 30 -23.19 -18.86 -48.21
N TRP B 31 -21.96 -18.68 -48.66
CA TRP B 31 -21.17 -19.77 -49.24
C TRP B 31 -19.77 -19.80 -48.64
N GLU B 32 -19.06 -20.92 -48.81
CA GLU B 32 -17.69 -21.10 -48.33
C GLU B 32 -16.75 -21.46 -49.49
N GLU B 33 -15.48 -21.08 -49.38
CA GLU B 33 -14.48 -21.43 -50.39
C GLU B 33 -14.27 -22.94 -50.47
N GLY B 34 -13.93 -23.43 -51.66
CA GLY B 34 -13.73 -24.85 -51.90
C GLY B 34 -14.95 -25.69 -51.56
N SER B 35 -16.11 -25.26 -52.06
CA SER B 35 -17.37 -25.95 -51.79
C SER B 35 -18.39 -25.71 -52.91
N SER B 36 -19.18 -26.76 -53.21
CA SER B 36 -20.18 -26.75 -54.27
C SER B 36 -21.49 -26.08 -53.87
N SER B 37 -21.92 -26.28 -52.62
CA SER B 37 -23.23 -25.79 -52.14
C SER B 37 -23.15 -24.47 -51.34
N PHE B 38 -24.32 -24.03 -50.84
CA PHE B 38 -24.53 -22.72 -50.20
C PHE B 38 -25.79 -22.80 -49.31
N THR B 39 -26.20 -21.65 -48.76
CA THR B 39 -27.36 -21.57 -47.85
C THR B 39 -27.96 -20.15 -47.88
N GLU B 40 -29.29 -20.05 -47.90
CA GLU B 40 -29.96 -18.75 -47.73
C GLU B 40 -30.17 -18.42 -46.25
N ILE B 41 -29.83 -17.18 -45.89
CA ILE B 41 -29.88 -16.76 -44.50
C ILE B 41 -30.57 -15.41 -44.28
N LEU B 42 -31.07 -15.22 -43.05
CA LEU B 42 -31.56 -13.93 -42.59
C LEU B 42 -30.49 -13.29 -41.72
N LEU B 43 -29.81 -12.28 -42.26
CA LEU B 43 -28.73 -11.62 -41.52
C LEU B 43 -29.25 -10.45 -40.71
N ARG B 44 -28.68 -10.26 -39.52
CA ARG B 44 -29.23 -9.33 -38.52
C ARG B 44 -28.21 -8.78 -37.55
N VAL B 45 -28.49 -7.57 -37.07
CA VAL B 45 -27.72 -6.91 -36.02
C VAL B 45 -28.64 -6.60 -34.83
N ASP B 46 -28.17 -6.81 -33.61
CA ASP B 46 -28.92 -6.41 -32.43
C ASP B 46 -28.98 -4.88 -32.31
N PRO B 47 -30.02 -4.31 -31.65
CA PRO B 47 -30.25 -2.84 -31.58
C PRO B 47 -29.07 -1.99 -31.08
N LYS B 48 -28.25 -2.54 -30.20
CA LYS B 48 -27.11 -1.82 -29.65
C LYS B 48 -25.86 -1.93 -30.57
N GLY B 49 -25.95 -2.77 -31.58
CA GLY B 49 -24.87 -2.95 -32.57
C GLY B 49 -23.63 -3.69 -32.12
N TYR B 50 -23.80 -4.83 -31.44
CA TYR B 50 -22.66 -5.59 -30.89
C TYR B 50 -22.35 -6.89 -31.63
N PHE B 51 -23.39 -7.50 -32.21
CA PHE B 51 -23.33 -8.83 -32.84
C PHE B 51 -23.98 -8.83 -34.19
N LEU B 52 -23.42 -9.62 -35.10
CA LEU B 52 -24.12 -10.07 -36.29
C LEU B 52 -24.66 -11.44 -35.92
N TYR B 53 -25.91 -11.74 -36.31
CA TYR B 53 -26.49 -13.08 -36.06
C TYR B 53 -27.52 -13.49 -37.12
N TRP B 54 -27.54 -14.79 -37.40
CA TRP B 54 -28.40 -15.36 -38.43
C TRP B 54 -28.88 -16.76 -38.03
N LYS B 55 -30.05 -17.16 -38.50
CA LYS B 55 -30.48 -18.53 -38.26
C LYS B 55 -30.23 -19.37 -39.50
N ILE B 56 -29.44 -20.44 -39.31
CA ILE B 56 -29.28 -21.50 -40.31
C ILE B 56 -30.57 -22.34 -40.39
N GLU B 57 -31.21 -22.36 -41.57
CA GLU B 57 -32.65 -22.72 -41.66
C GLU B 57 -33.13 -24.17 -41.41
N GLU B 60 -31.26 -25.62 -35.14
CA GLU B 60 -31.60 -25.14 -33.80
C GLU B 60 -31.66 -23.64 -33.89
N ASP B 61 -30.47 -23.06 -33.95
CA ASP B 61 -30.45 -21.65 -33.82
C ASP B 61 -29.49 -20.88 -34.64
N SER B 62 -28.79 -20.04 -33.89
CA SER B 62 -28.36 -18.79 -34.38
C SER B 62 -26.87 -18.80 -34.24
N GLN B 63 -26.23 -18.69 -35.39
CA GLN B 63 -24.82 -18.46 -35.44
C GLN B 63 -24.60 -16.98 -35.11
N LEU B 64 -23.44 -16.67 -34.55
CA LEU B 64 -23.14 -15.30 -34.15
C LEU B 64 -21.73 -14.92 -34.58
N LEU B 65 -21.53 -13.64 -34.82
CA LEU B 65 -20.20 -13.07 -34.97
C LEU B 65 -20.12 -11.94 -33.97
N ASP B 66 -19.14 -12.00 -33.07
CA ASP B 66 -18.98 -10.95 -32.09
C ASP B 66 -18.19 -9.82 -32.76
N LEU B 67 -18.82 -8.66 -32.93
CA LEU B 67 -18.25 -7.56 -33.71
C LEU B 67 -16.96 -6.96 -33.14
N ALA B 68 -16.70 -7.22 -31.88
CA ALA B 68 -15.46 -6.77 -31.26
C ALA B 68 -14.22 -7.35 -31.94
N TYR B 69 -14.41 -8.42 -32.72
CA TYR B 69 -13.29 -9.12 -33.38
C TYR B 69 -13.45 -9.08 -34.89
N LEU B 70 -14.40 -8.26 -35.36
CA LEU B 70 -14.56 -8.03 -36.78
C LEU B 70 -13.42 -7.18 -37.27
N ARG B 71 -12.75 -7.65 -38.34
CA ARG B 71 -11.62 -6.92 -38.88
C ARG B 71 -12.00 -6.05 -40.05
N ASP B 72 -12.80 -6.58 -40.97
CA ASP B 72 -13.26 -5.77 -42.10
C ASP B 72 -14.48 -6.37 -42.75
N ILE B 73 -15.37 -5.51 -43.24
CA ILE B 73 -16.45 -5.91 -44.11
C ILE B 73 -16.36 -5.13 -45.43
N ARG B 74 -16.39 -5.83 -46.55
CA ARG B 74 -16.11 -5.22 -47.83
C ARG B 74 -17.25 -5.52 -48.79
N CYS B 75 -17.44 -4.66 -49.78
CA CYS B 75 -18.42 -4.95 -50.83
C CYS B 75 -17.94 -4.53 -52.22
N ALA B 76 -18.81 -4.76 -53.21
CA ALA B 76 -18.55 -4.42 -54.61
C ALA B 76 -17.17 -4.91 -55.06
N LYS B 77 -16.38 -4.03 -55.66
CA LYS B 77 -15.11 -4.41 -56.27
C LYS B 77 -14.09 -4.95 -55.27
N TYR B 78 -14.31 -4.68 -53.99
CA TYR B 78 -13.39 -5.09 -52.93
C TYR B 78 -13.80 -6.34 -52.19
N ALA B 79 -14.84 -7.01 -52.69
CA ALA B 79 -15.30 -8.30 -52.14
C ALA B 79 -14.79 -9.45 -52.99
N LYS B 80 -14.88 -10.66 -52.44
CA LYS B 80 -14.44 -11.84 -53.15
C LYS B 80 -15.63 -12.58 -53.75
N PRO B 81 -15.77 -12.55 -55.09
CA PRO B 81 -16.85 -13.27 -55.76
C PRO B 81 -16.60 -14.80 -55.82
N PRO B 82 -17.68 -15.60 -55.91
CA PRO B 82 -17.49 -17.06 -56.01
C PRO B 82 -16.98 -17.53 -57.36
N LYS B 83 -16.10 -18.54 -57.34
CA LYS B 83 -15.50 -19.11 -58.55
C LYS B 83 -16.16 -20.43 -59.00
N ASP B 84 -16.65 -21.21 -58.03
CA ASP B 84 -17.42 -22.45 -58.28
C ASP B 84 -18.62 -22.14 -59.17
N LYS B 85 -18.82 -22.96 -60.20
CA LYS B 85 -19.83 -22.66 -61.22
C LYS B 85 -21.24 -22.50 -60.63
N LYS B 86 -21.66 -23.45 -59.81
CA LYS B 86 -23.06 -23.48 -59.37
C LYS B 86 -23.37 -22.55 -58.18
N VAL B 87 -22.34 -21.98 -57.56
CA VAL B 87 -22.56 -20.93 -56.58
C VAL B 87 -22.80 -19.62 -57.34
N LYS B 88 -21.92 -19.36 -58.30
CA LYS B 88 -22.03 -18.22 -59.22
C LYS B 88 -23.47 -18.10 -59.74
N ASP B 89 -24.01 -19.22 -60.21
CA ASP B 89 -25.38 -19.27 -60.74
C ASP B 89 -26.39 -18.76 -59.74
N ALA B 90 -26.39 -19.35 -58.54
CA ALA B 90 -27.36 -19.02 -57.53
C ALA B 90 -27.42 -17.51 -57.32
N GLY B 91 -26.26 -16.90 -57.07
CA GLY B 91 -26.13 -15.45 -56.78
C GLY B 91 -26.62 -14.52 -57.87
N THR B 92 -26.37 -14.88 -59.12
CA THR B 92 -26.83 -14.07 -60.24
C THR B 92 -28.38 -13.97 -60.26
N ASN B 93 -29.04 -15.12 -60.08
CA ASN B 93 -30.52 -15.18 -60.09
C ASN B 93 -31.15 -14.81 -58.74
N PHE B 94 -30.31 -14.57 -57.73
CA PHE B 94 -30.75 -14.17 -56.40
C PHE B 94 -30.98 -12.66 -56.35
N GLY B 95 -32.12 -12.24 -55.84
CA GLY B 95 -32.48 -10.81 -55.81
C GLY B 95 -32.81 -10.31 -57.19
N SER B 96 -32.20 -9.20 -57.60
CA SER B 96 -32.37 -8.72 -58.98
C SER B 96 -31.28 -9.24 -59.93
N SER B 97 -31.71 -9.84 -61.04
CA SER B 97 -30.82 -10.38 -62.07
C SER B 97 -30.00 -9.34 -62.89
N ASN B 98 -30.39 -8.07 -62.82
CA ASN B 98 -29.73 -6.95 -63.56
C ASN B 98 -28.26 -6.78 -63.21
N ILE B 99 -28.01 -6.52 -61.93
CA ILE B 99 -26.73 -6.13 -61.36
C ILE B 99 -25.71 -7.29 -61.44
N PRO B 100 -24.46 -7.01 -61.90
CA PRO B 100 -23.43 -8.06 -61.95
C PRO B 100 -23.07 -8.60 -60.57
N LEU B 101 -22.82 -9.90 -60.50
CA LEU B 101 -22.63 -10.59 -59.21
C LEU B 101 -21.63 -9.91 -58.29
N GLN B 102 -20.52 -9.42 -58.86
CA GLN B 102 -19.49 -8.71 -58.11
C GLN B 102 -20.10 -7.68 -57.16
N ASP B 103 -21.12 -6.98 -57.65
CA ASP B 103 -21.70 -5.83 -56.98
C ASP B 103 -22.67 -6.19 -55.86
N LYS B 104 -23.13 -7.44 -55.83
CA LYS B 104 -24.01 -7.94 -54.74
C LYS B 104 -23.21 -8.56 -53.59
N CYS B 105 -21.91 -8.74 -53.82
CA CYS B 105 -21.06 -9.56 -52.95
C CYS B 105 -20.55 -8.82 -51.74
N VAL B 106 -20.61 -9.50 -50.60
CA VAL B 106 -20.03 -9.01 -49.35
C VAL B 106 -19.10 -10.04 -48.72
N THR B 107 -17.89 -9.59 -48.37
CA THR B 107 -16.89 -10.42 -47.73
C THR B 107 -16.64 -9.86 -46.33
N ILE B 108 -16.75 -10.70 -45.29
CA ILE B 108 -16.42 -10.30 -43.91
C ILE B 108 -15.24 -11.10 -43.38
N CYS B 109 -14.22 -10.43 -42.85
CA CYS B 109 -13.12 -11.10 -42.18
C CYS B 109 -13.06 -10.66 -40.72
N HIS B 110 -12.95 -11.67 -39.84
CA HIS B 110 -12.85 -11.43 -38.41
C HIS B 110 -11.72 -12.27 -37.83
N GLY B 111 -11.23 -11.87 -36.67
CA GLY B 111 -10.17 -12.60 -35.99
C GLY B 111 -9.98 -12.01 -34.61
N TYR B 112 -9.74 -12.88 -33.62
CA TYR B 112 -9.44 -12.46 -32.25
C TYR B 112 -8.15 -11.61 -32.30
N ASN B 113 -7.25 -12.00 -33.19
CA ASN B 113 -6.10 -11.18 -33.58
C ASN B 113 -6.05 -11.14 -35.09
N TYR B 114 -5.56 -10.01 -35.62
CA TYR B 114 -5.56 -9.70 -37.06
C TYR B 114 -4.60 -10.55 -37.94
N ILE B 115 -3.85 -11.47 -37.32
CA ILE B 115 -2.96 -12.33 -38.11
C ILE B 115 -3.65 -13.61 -38.54
N ASP B 116 -4.28 -14.31 -37.58
CA ASP B 116 -5.04 -15.51 -37.89
C ASP B 116 -6.51 -15.13 -38.12
N LEU B 117 -6.91 -15.05 -39.39
CA LEU B 117 -8.27 -14.64 -39.79
C LEU B 117 -9.21 -15.78 -40.17
N ASP B 118 -10.51 -15.51 -40.01
CA ASP B 118 -11.58 -16.33 -40.57
C ASP B 118 -12.45 -15.47 -41.45
N TRP B 119 -13.11 -16.09 -42.41
CA TRP B 119 -13.80 -15.35 -43.45
C TRP B 119 -15.26 -15.73 -43.52
N ILE B 120 -16.07 -14.80 -44.00
CA ILE B 120 -17.48 -15.03 -44.24
C ILE B 120 -17.84 -14.43 -45.57
N HIS B 121 -18.39 -15.25 -46.47
CA HIS B 121 -18.71 -14.82 -47.81
C HIS B 121 -20.22 -14.77 -48.01
N LEU B 122 -20.72 -13.64 -48.50
CA LEU B 122 -22.16 -13.42 -48.64
C LEU B 122 -22.55 -12.78 -49.96
N VAL B 123 -23.81 -12.97 -50.33
CA VAL B 123 -24.36 -12.39 -51.57
C VAL B 123 -25.73 -11.80 -51.27
N ALA B 124 -25.88 -10.49 -51.50
CA ALA B 124 -27.11 -9.75 -51.19
C ALA B 124 -28.06 -9.67 -52.37
N GLU B 125 -29.16 -8.95 -52.20
CA GLU B 125 -30.19 -8.85 -53.23
C GLU B 125 -29.87 -7.84 -54.32
N ASN B 126 -29.34 -6.69 -53.92
CA ASN B 126 -28.83 -5.65 -54.84
C ASN B 126 -27.57 -5.01 -54.27
N SER B 127 -27.05 -3.98 -54.95
CA SER B 127 -25.82 -3.32 -54.51
C SER B 127 -25.97 -2.38 -53.28
N SER B 128 -27.19 -1.89 -53.05
CA SER B 128 -27.52 -0.97 -51.94
C SER B 128 -27.49 -1.69 -50.63
N VAL B 129 -28.12 -2.86 -50.57
CA VAL B 129 -28.04 -3.70 -49.39
C VAL B 129 -26.56 -3.98 -49.09
N ALA B 130 -25.84 -4.53 -50.06
CA ALA B 130 -24.39 -4.76 -49.93
C ALA B 130 -23.72 -3.55 -49.30
N ALA B 131 -23.71 -2.44 -50.04
CA ALA B 131 -23.12 -1.17 -49.58
C ALA B 131 -23.52 -0.74 -48.17
N LYS B 132 -24.78 -0.91 -47.81
CA LYS B 132 -25.30 -0.43 -46.53
C LYS B 132 -24.74 -1.23 -45.38
N TRP B 133 -24.83 -2.55 -45.48
CA TRP B 133 -24.26 -3.43 -44.49
C TRP B 133 -22.76 -3.19 -44.39
N ALA B 134 -22.09 -3.04 -45.53
CA ALA B 134 -20.66 -2.74 -45.56
C ALA B 134 -20.34 -1.46 -44.79
N GLU B 135 -21.09 -0.40 -45.04
CA GLU B 135 -20.87 0.86 -44.33
C GLU B 135 -21.25 0.79 -42.83
N GLU B 136 -22.48 0.33 -42.57
CA GLU B 136 -23.00 0.26 -41.21
C GLU B 136 -22.18 -0.64 -40.29
N VAL B 137 -22.11 -1.92 -40.64
CA VAL B 137 -21.44 -2.92 -39.80
C VAL B 137 -20.03 -2.47 -39.47
N PHE B 138 -19.32 -1.92 -40.45
CA PHE B 138 -17.96 -1.47 -40.23
C PHE B 138 -17.91 -0.45 -39.10
N SER B 139 -18.76 0.56 -39.24
CA SER B 139 -18.82 1.68 -38.31
C SER B 139 -19.16 1.24 -36.88
N TYR B 140 -19.79 0.06 -36.76
CA TYR B 140 -20.12 -0.51 -35.47
C TYR B 140 -18.92 -1.19 -34.85
N ALA B 141 -18.20 -1.95 -35.66
CA ALA B 141 -17.02 -2.67 -35.21
C ALA B 141 -15.87 -1.73 -34.82
N TYR B 142 -15.80 -0.58 -35.48
CA TYR B 142 -14.73 0.39 -35.24
C TYR B 142 -15.15 1.60 -34.41
N ASN B 143 -16.35 1.51 -33.83
CA ASN B 143 -16.91 2.54 -32.96
C ASN B 143 -16.21 2.60 -31.61
N LEU B 144 -15.59 3.73 -31.30
CA LEU B 144 -14.70 3.81 -30.15
C LEU B 144 -15.37 3.77 -28.78
N LEU B 145 -16.62 4.22 -28.72
CA LEU B 145 -17.34 4.19 -27.45
C LEU B 145 -17.73 2.77 -27.06
N SER B 146 -18.19 2.02 -28.04
CA SER B 146 -18.43 0.59 -27.89
C SER B 146 -17.15 -0.18 -27.53
N LEU B 147 -16.02 0.19 -28.13
CA LEU B 147 -14.75 -0.44 -27.84
C LEU B 147 -14.20 -0.08 -26.45
N ASN B 148 -14.75 0.97 -25.85
CA ASN B 148 -14.29 1.40 -24.54
C ASN B 148 -15.33 1.34 -23.42
N LYS B 149 -16.44 0.64 -23.70
CA LYS B 149 -17.55 0.58 -22.74
C LYS B 149 -17.10 0.00 -21.40
N ASN B 150 -17.70 0.48 -20.32
CA ASN B 150 -17.40 -0.01 -18.99
C ASN B 150 -18.15 -1.31 -18.72
N GLN B 151 -17.95 -1.92 -17.54
CA GLN B 151 -18.47 -3.27 -17.33
C GLN B 151 -20.00 -3.41 -17.37
N LEU B 152 -20.73 -2.38 -16.97
CA LEU B 152 -22.18 -2.43 -17.08
C LEU B 152 -22.59 -2.50 -18.56
N GLY B 153 -21.77 -1.87 -19.41
CA GLY B 153 -21.95 -1.92 -20.85
C GLY B 153 -21.73 -3.30 -21.44
N GLU B 154 -20.73 -4.01 -20.93
CA GLU B 154 -20.45 -5.37 -21.41
C GLU B 154 -21.52 -6.35 -20.94
N TRP B 155 -21.99 -6.14 -19.71
CA TRP B 155 -23.08 -6.92 -19.11
C TRP B 155 -24.36 -6.79 -19.93
N GLU B 156 -24.67 -5.56 -20.34
CA GLU B 156 -25.76 -5.28 -21.28
C GLU B 156 -25.52 -5.95 -22.64
N LYS B 157 -24.27 -5.94 -23.12
CA LYS B 157 -23.94 -6.65 -24.35
C LYS B 157 -24.31 -8.12 -24.22
N LEU B 158 -23.98 -8.74 -23.10
CA LEU B 158 -24.42 -10.10 -22.82
C LEU B 158 -25.93 -10.17 -22.79
N TYR B 159 -26.56 -9.17 -22.17
CA TYR B 159 -28.01 -9.14 -22.08
C TYR B 159 -28.65 -9.15 -23.46
N PHE B 160 -28.10 -8.35 -24.37
CA PHE B 160 -28.58 -8.32 -25.75
C PHE B 160 -28.30 -9.58 -26.50
N ARG B 161 -27.18 -10.25 -26.20
CA ARG B 161 -26.94 -11.54 -26.80
C ARG B 161 -28.07 -12.50 -26.45
N LEU B 162 -28.42 -12.56 -25.17
CA LEU B 162 -29.45 -13.46 -24.66
C LEU B 162 -30.86 -13.07 -25.10
N THR B 163 -31.04 -11.79 -25.44
CA THR B 163 -32.34 -11.20 -25.78
C THR B 163 -32.65 -11.29 -27.28
N THR B 164 -31.62 -11.45 -28.10
CA THR B 164 -31.79 -11.53 -29.55
C THR B 164 -31.33 -12.86 -30.14
N VAL B 165 -30.09 -13.25 -29.86
CA VAL B 165 -29.48 -14.45 -30.47
C VAL B 165 -29.95 -15.77 -29.88
N GLU B 166 -29.88 -15.85 -28.55
CA GLU B 166 -30.16 -17.07 -27.79
C GLU B 166 -31.65 -17.30 -27.67
N MET B 167 -32.41 -16.21 -27.81
CA MET B 167 -33.85 -16.23 -27.63
C MET B 167 -34.56 -17.11 -28.66
N GLU B 168 -35.46 -17.92 -28.15
CA GLU B 168 -36.22 -18.87 -28.93
C GLU B 168 -37.66 -18.74 -28.46
N LYS B 169 -38.53 -18.25 -29.35
CA LYS B 169 -39.99 -18.12 -29.10
C LYS B 169 -40.33 -17.23 -27.89
N ASN B 170 -39.64 -16.08 -27.83
CA ASN B 170 -39.76 -15.11 -26.73
C ASN B 170 -39.39 -15.66 -25.34
N LYS B 171 -38.47 -16.62 -25.34
CA LYS B 171 -37.96 -17.25 -24.12
C LYS B 171 -36.46 -17.46 -24.17
N ILE B 172 -35.79 -17.15 -23.06
CA ILE B 172 -34.33 -17.23 -22.92
C ILE B 172 -33.95 -18.52 -22.18
N PRO B 173 -33.40 -19.54 -22.90
CA PRO B 173 -33.07 -20.82 -22.25
C PRO B 173 -32.01 -20.66 -21.16
N VAL B 174 -32.13 -21.40 -20.07
CA VAL B 174 -31.17 -21.29 -18.96
C VAL B 174 -29.76 -21.72 -19.40
N LYS B 175 -29.70 -22.76 -20.23
CA LYS B 175 -28.43 -23.34 -20.68
C LYS B 175 -27.59 -22.35 -21.49
N SER B 176 -28.28 -21.46 -22.20
CA SER B 176 -27.64 -20.36 -22.94
C SER B 176 -27.01 -19.34 -21.98
N ILE B 177 -27.70 -19.04 -20.87
CA ILE B 177 -27.17 -18.19 -19.81
C ILE B 177 -25.97 -18.89 -19.18
N GLN B 178 -26.04 -20.21 -19.07
CA GLN B 178 -24.90 -20.97 -18.57
C GLN B 178 -23.73 -21.02 -19.52
N LYS B 179 -23.98 -21.32 -20.80
CA LYS B 179 -22.89 -21.45 -21.76
C LYS B 179 -22.10 -20.14 -21.89
N CYS B 180 -22.78 -19.02 -21.76
CA CYS B 180 -22.11 -17.73 -21.90
C CYS B 180 -21.22 -17.35 -20.73
N LEU B 181 -21.50 -17.88 -19.54
CA LEU B 181 -20.79 -17.46 -18.34
C LEU B 181 -19.80 -18.49 -17.82
N SER B 182 -19.96 -19.74 -18.23
CA SER B 182 -19.07 -20.82 -17.76
C SER B 182 -19.04 -22.12 -18.58
N LYS B 183 -17.92 -22.82 -18.47
CA LYS B 183 -17.79 -24.18 -18.97
C LYS B 183 -17.64 -25.17 -17.82
N ASP B 184 -17.23 -24.70 -16.64
CA ASP B 184 -16.99 -25.59 -15.49
C ASP B 184 -18.28 -26.03 -14.81
N LYS B 185 -18.31 -27.24 -14.26
CA LYS B 185 -19.54 -27.71 -13.65
C LYS B 185 -19.94 -26.89 -12.40
N ASP B 186 -19.03 -26.70 -11.45
CA ASP B 186 -19.35 -25.94 -10.23
C ASP B 186 -19.76 -24.49 -10.52
N ASP B 187 -19.06 -23.86 -11.45
CA ASP B 187 -19.37 -22.48 -11.83
C ASP B 187 -20.74 -22.39 -12.53
N ARG B 188 -21.16 -23.49 -13.18
CA ARG B 188 -22.48 -23.52 -13.79
C ARG B 188 -23.55 -23.66 -12.71
N THR B 189 -23.29 -24.46 -11.68
CA THR B 189 -24.19 -24.58 -10.51
C THR B 189 -24.29 -23.28 -9.71
N ARG B 190 -23.22 -22.50 -9.70
CA ARG B 190 -23.28 -21.15 -9.13
C ARG B 190 -24.32 -20.34 -9.90
N VAL B 191 -24.26 -20.42 -11.23
CA VAL B 191 -25.22 -19.78 -12.12
C VAL B 191 -26.63 -20.26 -11.84
N ALA B 192 -26.78 -21.57 -11.65
CA ALA B 192 -28.07 -22.14 -11.30
C ALA B 192 -28.66 -21.45 -10.06
N LYS B 193 -27.91 -21.47 -8.96
CA LYS B 193 -28.37 -20.96 -7.65
C LYS B 193 -28.59 -19.46 -7.65
N ALA B 194 -27.75 -18.75 -8.39
CA ALA B 194 -27.95 -17.31 -8.57
C ALA B 194 -29.29 -17.02 -9.27
N ILE B 195 -29.59 -17.78 -10.33
CA ILE B 195 -30.85 -17.62 -11.03
C ILE B 195 -32.03 -17.85 -10.09
N GLU B 196 -31.93 -18.89 -9.27
CA GLU B 196 -32.94 -19.23 -8.28
C GLU B 196 -33.23 -18.09 -7.30
N LYS B 197 -32.17 -17.52 -6.70
CA LYS B 197 -32.30 -16.38 -5.79
C LYS B 197 -33.21 -15.31 -6.39
N ILE B 198 -32.93 -14.94 -7.63
CA ILE B 198 -33.73 -13.94 -8.34
C ILE B 198 -35.20 -14.35 -8.38
N GLY B 199 -35.44 -15.65 -8.40
CA GLY B 199 -36.80 -16.17 -8.51
C GLY B 199 -37.17 -16.58 -9.93
N TRP B 200 -36.16 -16.74 -10.79
CA TRP B 200 -36.33 -17.27 -12.15
C TRP B 200 -36.30 -18.81 -12.14
N PRO B 201 -36.78 -19.45 -13.23
CA PRO B 201 -36.60 -20.89 -13.38
C PRO B 201 -35.11 -21.27 -13.37
N SER B 202 -34.78 -22.35 -12.66
CA SER B 202 -33.41 -22.71 -12.32
C SER B 202 -32.88 -23.98 -13.00
N GLY B 203 -33.78 -24.74 -13.62
CA GLY B 203 -33.44 -26.04 -14.22
C GLY B 203 -32.60 -26.03 -15.50
N LYS B 204 -31.97 -27.18 -15.76
CA LYS B 204 -31.11 -27.39 -16.93
C LYS B 204 -31.84 -27.07 -18.24
N ASN B 205 -33.14 -27.37 -18.26
CA ASN B 205 -33.93 -27.28 -19.49
C ASN B 205 -34.98 -26.17 -19.51
N ASP B 206 -34.87 -25.23 -18.59
CA ASP B 206 -35.87 -24.18 -18.49
C ASP B 206 -35.54 -22.99 -19.38
N ALA B 207 -36.55 -22.16 -19.63
CA ALA B 207 -36.41 -20.89 -20.33
C ALA B 207 -37.17 -19.81 -19.56
N ILE B 208 -36.63 -18.60 -19.54
CA ILE B 208 -37.30 -17.48 -18.88
C ILE B 208 -38.11 -16.67 -19.90
N GLU B 209 -39.37 -16.40 -19.57
CA GLU B 209 -40.20 -15.56 -20.43
C GLU B 209 -39.58 -14.18 -20.60
N ILE B 210 -39.50 -13.69 -21.85
CA ILE B 210 -38.93 -12.37 -22.13
C ILE B 210 -39.49 -11.26 -21.22
N LYS B 211 -40.81 -11.29 -21.00
CA LYS B 211 -41.54 -10.30 -20.18
C LYS B 211 -41.05 -10.19 -18.73
N ALA B 212 -40.55 -11.28 -18.17
CA ALA B 212 -39.99 -11.26 -16.82
C ALA B 212 -38.51 -10.87 -16.83
N PHE B 213 -37.92 -10.81 -18.03
CA PHE B 213 -36.47 -10.67 -18.21
C PHE B 213 -36.02 -9.24 -18.57
N ASP B 214 -36.25 -8.30 -17.66
CA ASP B 214 -35.81 -6.92 -17.83
C ASP B 214 -34.33 -6.76 -17.47
N PHE B 215 -33.68 -5.74 -18.01
CA PHE B 215 -32.26 -5.59 -17.77
C PHE B 215 -31.96 -5.28 -16.31
N ASP B 216 -32.89 -4.63 -15.63
CA ASP B 216 -32.68 -4.24 -14.24
C ASP B 216 -32.62 -5.45 -13.30
N THR B 217 -33.48 -6.44 -13.55
CA THR B 217 -33.42 -7.68 -12.77
C THR B 217 -32.24 -8.54 -13.23
N PHE B 218 -31.81 -8.36 -14.47
CA PHE B 218 -30.63 -9.04 -14.98
C PHE B 218 -29.37 -8.49 -14.33
N PHE B 219 -29.46 -7.28 -13.79
CA PHE B 219 -28.37 -6.74 -13.00
C PHE B 219 -28.46 -7.24 -11.56
N LYS B 220 -29.69 -7.44 -11.08
CA LYS B 220 -29.87 -8.10 -9.79
C LYS B 220 -29.28 -9.50 -9.86
N PHE B 221 -29.31 -10.07 -11.06
CA PHE B 221 -28.73 -11.38 -11.29
C PHE B 221 -27.23 -11.30 -11.10
N TYR B 222 -26.62 -10.22 -11.59
CA TYR B 222 -25.18 -10.00 -11.46
C TYR B 222 -24.79 -9.88 -9.98
N LEU B 223 -25.62 -9.18 -9.21
CA LEU B 223 -25.40 -9.01 -7.77
C LEU B 223 -25.51 -10.35 -7.08
N SER B 224 -26.45 -11.18 -7.53
CA SER B 224 -26.63 -12.49 -6.94
C SER B 224 -25.53 -13.49 -7.30
N LEU B 225 -24.97 -13.35 -8.50
CA LEU B 225 -23.95 -14.26 -9.04
C LEU B 225 -22.58 -14.05 -8.46
N LEU B 226 -22.09 -12.82 -8.53
CA LEU B 226 -20.79 -12.47 -7.97
C LEU B 226 -20.87 -12.01 -6.51
N GLU B 227 -19.87 -12.37 -5.70
CA GLU B 227 -19.76 -11.81 -4.36
C GLU B 227 -18.78 -10.65 -4.39
N ARG B 228 -19.25 -9.47 -4.76
CA ARG B 228 -18.35 -8.33 -4.83
C ARG B 228 -18.03 -7.71 -3.45
N SER B 229 -17.50 -8.51 -2.52
CA SER B 229 -17.24 -8.10 -1.11
C SER B 229 -16.44 -6.80 -0.95
N GLU B 230 -15.67 -6.46 -1.97
CA GLU B 230 -14.99 -5.17 -2.04
C GLU B 230 -15.92 -4.01 -1.62
N ILE B 231 -17.16 -4.01 -2.13
CA ILE B 231 -18.11 -2.91 -1.97
C ILE B 231 -18.47 -2.62 -0.51
N GLU B 232 -18.35 -3.64 0.35
CA GLU B 232 -18.73 -3.49 1.75
C GLU B 232 -17.90 -2.41 2.41
N GLY B 233 -16.59 -2.50 2.23
CA GLY B 233 -15.64 -1.58 2.84
C GLY B 233 -15.62 -0.23 2.15
N ILE B 234 -15.81 -0.23 0.83
CA ILE B 234 -15.90 1.00 0.07
C ILE B 234 -17.08 1.76 0.59
N PHE B 235 -18.22 1.07 0.71
CA PHE B 235 -19.46 1.66 1.19
C PHE B 235 -19.30 2.19 2.62
N LYS B 236 -18.58 1.46 3.48
CA LYS B 236 -18.38 1.90 4.86
C LYS B 236 -17.46 3.12 4.94
N GLU B 237 -16.48 3.19 4.05
CA GLU B 237 -15.60 4.36 3.98
C GLU B 237 -16.43 5.61 3.73
N LEU B 238 -17.27 5.59 2.69
CA LEU B 238 -18.05 6.76 2.27
C LEU B 238 -19.25 7.07 3.17
N SER B 239 -19.94 6.03 3.61
CA SER B 239 -21.17 6.16 4.42
C SER B 239 -20.88 6.36 5.91
N GLN B 240 -19.88 5.63 6.39
CA GLN B 240 -19.58 5.55 7.81
C GLN B 240 -20.83 5.19 8.57
N ASN B 241 -20.97 5.73 9.78
CA ASN B 241 -22.11 5.42 10.65
C ASN B 241 -23.45 6.09 10.26
N LYS B 242 -23.45 6.81 9.15
CA LYS B 242 -24.61 7.62 8.78
C LYS B 242 -25.71 6.84 8.00
N GLY B 243 -25.46 5.56 7.72
CA GLY B 243 -26.43 4.75 6.97
C GLY B 243 -26.17 4.68 5.48
N ASN B 244 -26.89 5.49 4.69
CA ASN B 244 -26.70 5.55 3.25
C ASN B 244 -25.84 6.73 2.81
N ILE B 245 -25.41 6.71 1.55
CA ILE B 245 -24.57 7.78 1.00
C ILE B 245 -25.44 8.94 0.55
N THR B 246 -25.32 10.10 1.21
CA THR B 246 -26.16 11.26 0.85
C THR B 246 -25.64 11.96 -0.42
N THR B 247 -26.49 12.81 -1.00
CA THR B 247 -26.12 13.62 -2.15
C THR B 247 -24.77 14.28 -1.90
N VAL B 248 -24.61 14.85 -0.72
CA VAL B 248 -23.40 15.61 -0.37
C VAL B 248 -22.16 14.71 -0.35
N MET B 249 -22.29 13.54 0.27
CA MET B 249 -21.17 12.60 0.40
C MET B 249 -20.71 12.17 -0.98
N PHE B 250 -21.69 11.83 -1.81
CA PHE B 250 -21.46 11.32 -3.16
C PHE B 250 -20.79 12.37 -4.05
N ARG B 251 -21.19 13.64 -3.90
CA ARG B 251 -20.50 14.71 -4.59
C ARG B 251 -19.01 14.64 -4.25
N ASP B 252 -18.70 14.72 -2.95
CA ASP B 252 -17.32 14.77 -2.46
C ASP B 252 -16.54 13.56 -2.90
N PHE B 253 -17.23 12.45 -3.07
CA PHE B 253 -16.62 11.24 -3.58
C PHE B 253 -16.19 11.48 -5.02
N LEU B 254 -17.12 11.98 -5.82
CA LEU B 254 -16.88 12.21 -7.24
C LEU B 254 -15.82 13.29 -7.52
N ASN B 255 -15.74 14.25 -6.59
CA ASN B 255 -14.97 15.47 -6.77
C ASN B 255 -13.58 15.41 -6.15
N ASP B 256 -13.43 14.63 -5.08
CA ASP B 256 -12.13 14.44 -4.49
C ASP B 256 -11.45 13.14 -4.96
N MET B 257 -12.05 12.00 -4.67
CA MET B 257 -11.39 10.72 -4.92
C MET B 257 -11.42 10.25 -6.36
N GLN B 258 -12.51 10.57 -7.06
CA GLN B 258 -12.68 10.14 -8.44
C GLN B 258 -12.07 11.11 -9.47
N ARG B 259 -11.28 12.06 -9.00
CA ARG B 259 -10.86 13.18 -9.83
C ARG B 259 -9.37 13.55 -9.59
N HIS B 260 -8.65 13.81 -10.67
CA HIS B 260 -7.25 14.22 -10.57
C HIS B 260 -7.13 15.60 -9.93
N PRO B 261 -6.30 15.76 -8.88
CA PRO B 261 -6.24 17.08 -8.22
C PRO B 261 -5.74 18.17 -9.16
N SER B 262 -4.90 17.81 -10.12
CA SER B 262 -4.39 18.73 -11.14
C SER B 262 -5.42 19.20 -12.18
N LEU B 263 -6.52 18.45 -12.34
CA LEU B 263 -7.51 18.70 -13.42
C LEU B 263 -8.16 20.07 -13.29
N HIS B 264 -8.17 20.82 -14.41
CA HIS B 264 -8.57 22.26 -14.37
C HIS B 264 -10.06 22.50 -14.07
N LYS B 265 -10.33 23.12 -12.92
CA LYS B 265 -11.69 23.30 -12.41
C LYS B 265 -12.67 23.86 -13.44
N THR B 266 -12.25 24.83 -14.24
CA THR B 266 -13.16 25.49 -15.19
C THR B 266 -13.30 24.75 -16.51
N LEU B 267 -12.22 24.16 -17.02
CA LEU B 267 -12.32 23.31 -18.21
C LEU B 267 -13.17 22.07 -17.94
N PHE B 268 -13.05 21.54 -16.71
CA PHE B 268 -13.70 20.26 -16.28
C PHE B 268 -14.48 20.43 -15.00
N PRO B 269 -15.64 21.08 -15.08
CA PRO B 269 -16.31 21.62 -13.89
C PRO B 269 -16.66 20.53 -12.89
N LEU B 270 -16.54 20.84 -11.60
CA LEU B 270 -16.90 19.91 -10.54
C LEU B 270 -18.37 19.55 -10.64
N TYR B 271 -18.74 18.38 -10.14
CA TYR B 271 -20.13 17.96 -10.01
C TYR B 271 -20.81 18.81 -8.98
N THR B 272 -22.10 19.06 -9.18
CA THR B 272 -22.89 19.88 -8.26
C THR B 272 -23.93 19.03 -7.52
N ASP B 273 -24.42 19.55 -6.38
CA ASP B 273 -25.44 18.88 -5.55
C ASP B 273 -26.63 18.45 -6.41
N SER B 274 -27.13 19.39 -7.21
CA SER B 274 -28.27 19.19 -8.10
C SER B 274 -28.01 18.06 -9.11
N GLN B 275 -26.80 18.03 -9.69
CA GLN B 275 -26.37 16.98 -10.61
C GLN B 275 -26.36 15.57 -9.96
N CYS B 276 -25.72 15.49 -8.79
CA CYS B 276 -25.58 14.23 -8.06
C CYS B 276 -26.94 13.68 -7.68
N ASP B 277 -27.86 14.57 -7.36
CA ASP B 277 -29.24 14.18 -7.09
C ASP B 277 -29.81 13.42 -8.28
N ALA B 278 -29.68 13.99 -9.49
CA ALA B 278 -30.14 13.37 -10.72
C ALA B 278 -29.57 11.97 -10.91
N LEU B 279 -28.27 11.82 -10.69
CA LEU B 279 -27.58 10.53 -10.86
C LEU B 279 -27.98 9.46 -9.84
N ILE B 280 -28.00 9.83 -8.56
CA ILE B 280 -28.46 8.93 -7.50
C ILE B 280 -29.84 8.37 -7.85
N ASN B 281 -30.73 9.25 -8.32
CA ASN B 281 -32.05 8.84 -8.78
C ASN B 281 -31.99 7.78 -9.89
N GLU B 282 -31.13 7.99 -10.89
CA GLU B 282 -31.01 7.06 -12.02
C GLU B 282 -30.56 5.71 -11.51
N TYR B 283 -29.59 5.74 -10.61
CA TYR B 283 -28.96 4.54 -10.11
C TYR B 283 -29.86 3.78 -9.12
N GLU B 284 -30.50 4.50 -8.22
CA GLU B 284 -31.50 3.90 -7.34
C GLU B 284 -32.76 3.38 -8.07
N SER B 285 -33.08 3.95 -9.23
CA SER B 285 -34.17 3.45 -10.07
C SER B 285 -33.84 2.11 -10.70
N ALA B 286 -32.60 1.96 -11.18
CA ALA B 286 -32.14 0.70 -11.74
C ALA B 286 -32.15 -0.43 -10.72
N VAL B 287 -31.92 -0.08 -9.45
CA VAL B 287 -31.55 -1.02 -8.40
C VAL B 287 -32.55 -1.19 -7.25
N ASN B 288 -33.23 -0.11 -6.85
CA ASN B 288 -34.11 -0.12 -5.66
C ASN B 288 -35.60 -0.16 -6.00
N LYS B 289 -36.06 0.80 -6.79
CA LYS B 289 -37.47 0.91 -7.23
C LYS B 289 -38.46 1.05 -6.07
N LYS B 290 -38.70 -0.07 -5.38
CA LYS B 290 -39.61 -0.10 -4.24
C LYS B 290 -39.12 0.70 -3.03
N GLY B 291 -37.81 0.84 -2.87
CA GLY B 291 -37.24 1.52 -1.69
C GLY B 291 -36.51 2.84 -1.90
N LYS B 292 -36.32 3.25 -3.16
CA LYS B 292 -35.57 4.47 -3.50
C LYS B 292 -35.98 5.70 -2.67
N LYS B 293 -34.97 6.43 -2.19
CA LYS B 293 -35.20 7.73 -1.53
C LYS B 293 -34.47 8.85 -2.25
N LYS B 294 -35.10 10.02 -2.23
CA LYS B 294 -34.58 11.23 -2.85
C LYS B 294 -33.22 11.53 -2.20
N GLY B 295 -32.17 11.49 -3.01
CA GLY B 295 -30.83 11.89 -2.60
C GLY B 295 -30.13 10.95 -1.63
N GLN B 296 -30.36 9.65 -1.81
CA GLN B 296 -29.75 8.61 -0.96
C GLN B 296 -29.33 7.36 -1.70
N LEU B 297 -28.03 7.12 -1.71
CA LEU B 297 -27.42 6.05 -2.48
C LEU B 297 -27.08 4.84 -1.61
N THR B 298 -27.68 3.69 -1.94
CA THR B 298 -27.41 2.42 -1.29
C THR B 298 -26.18 1.69 -1.87
N LYS B 299 -25.83 0.56 -1.26
CA LYS B 299 -24.66 -0.25 -1.64
C LYS B 299 -24.70 -0.62 -3.09
N GLU B 300 -25.83 -1.15 -3.52
CA GLU B 300 -25.96 -1.66 -4.86
C GLU B 300 -25.97 -0.50 -5.85
N GLY B 301 -26.57 0.62 -5.43
CA GLY B 301 -26.54 1.87 -6.21
C GLY B 301 -25.11 2.29 -6.55
N LEU B 302 -24.28 2.29 -5.52
CA LEU B 302 -22.88 2.63 -5.67
C LEU B 302 -22.15 1.68 -6.61
N LEU B 303 -22.36 0.38 -6.42
CA LEU B 303 -21.68 -0.61 -7.24
C LEU B 303 -22.07 -0.47 -8.71
N TYR B 304 -23.34 -0.21 -8.94
CA TYR B 304 -23.85 0.12 -10.27
C TYR B 304 -23.06 1.27 -10.90
N PHE B 305 -22.98 2.40 -10.18
CA PHE B 305 -22.23 3.56 -10.65
C PHE B 305 -20.87 3.12 -11.13
N LEU B 306 -20.17 2.42 -10.24
CA LEU B 306 -18.78 2.03 -10.47
C LEU B 306 -18.62 1.16 -11.71
N MET B 307 -19.73 0.62 -12.17
CA MET B 307 -19.74 -0.21 -13.34
C MET B 307 -20.25 0.55 -14.53
N CYS B 308 -20.92 1.68 -14.27
CA CYS B 308 -21.63 2.39 -15.34
C CYS B 308 -20.74 3.31 -16.20
N GLU B 309 -21.31 3.88 -17.26
CA GLU B 309 -20.54 4.71 -18.20
C GLU B 309 -19.93 5.97 -17.60
N GLU B 310 -20.55 6.49 -16.55
CA GLU B 310 -20.12 7.73 -15.88
C GLU B 310 -18.79 7.54 -15.15
N ASN B 311 -18.52 6.31 -14.73
CA ASN B 311 -17.28 5.96 -14.07
C ASN B 311 -16.19 5.39 -14.99
N ASN B 312 -16.50 5.26 -16.29
CA ASN B 312 -15.59 4.76 -17.32
C ASN B 312 -14.19 5.36 -17.18
N LEU B 313 -13.14 4.55 -17.19
CA LEU B 313 -11.78 5.05 -16.90
C LEU B 313 -11.21 5.93 -18.01
N THR B 314 -11.72 5.74 -19.23
CA THR B 314 -11.24 6.41 -20.43
C THR B 314 -11.69 7.87 -20.44
N PRO B 315 -10.73 8.83 -20.49
CA PRO B 315 -11.09 10.25 -20.64
C PRO B 315 -11.56 10.53 -22.06
N MET B 316 -12.87 10.74 -22.24
CA MET B 316 -13.41 10.88 -23.61
C MET B 316 -12.65 11.96 -24.39
N HIS B 317 -12.20 13.00 -23.67
CA HIS B 317 -11.47 14.08 -24.32
C HIS B 317 -10.16 13.62 -25.00
N ARG B 318 -9.41 12.74 -24.34
CA ARG B 318 -8.21 12.18 -24.95
C ARG B 318 -8.50 11.05 -25.97
N LEU B 319 -9.61 10.34 -25.78
CA LEU B 319 -10.01 9.28 -26.71
C LEU B 319 -10.50 9.83 -28.06
N ASP B 320 -11.30 10.90 -28.01
CA ASP B 320 -11.76 11.62 -29.19
C ASP B 320 -10.58 12.17 -30.00
N LEU B 321 -10.82 12.44 -31.29
CA LEU B 321 -9.83 13.06 -32.17
C LEU B 321 -9.65 14.54 -31.81
N GLY B 322 -9.15 14.80 -30.61
CA GLY B 322 -9.16 16.14 -30.05
C GLY B 322 -7.84 16.91 -30.08
N ALA B 323 -6.74 16.24 -30.34
CA ALA B 323 -5.41 16.87 -30.34
C ALA B 323 -5.23 17.88 -31.45
N ASN B 324 -4.32 18.84 -31.25
CA ASN B 324 -4.02 19.83 -32.29
C ASN B 324 -3.31 19.22 -33.49
N MET B 325 -4.00 19.16 -34.61
CA MET B 325 -3.43 18.51 -35.79
C MET B 325 -2.59 19.42 -36.71
N LYS B 326 -2.47 20.69 -36.34
CA LYS B 326 -2.01 21.74 -37.26
C LYS B 326 -0.59 22.24 -36.99
N LEU B 327 0.26 21.37 -36.44
CA LEU B 327 1.68 21.66 -36.25
C LEU B 327 2.47 20.83 -37.26
N SER B 328 3.74 21.17 -37.48
CA SER B 328 4.60 20.39 -38.38
C SER B 328 4.56 18.90 -38.11
N LEU B 329 4.84 18.09 -39.13
CA LEU B 329 4.81 16.64 -38.95
C LEU B 329 5.73 16.14 -37.86
N ALA B 330 6.84 16.83 -37.66
CA ALA B 330 7.86 16.39 -36.73
C ALA B 330 7.42 16.50 -35.27
N ALA B 331 6.20 16.97 -35.05
CA ALA B 331 5.70 17.18 -33.71
C ALA B 331 4.88 15.98 -33.23
N TYR B 332 4.84 14.95 -34.05
CA TYR B 332 3.95 13.85 -33.78
C TYR B 332 4.63 12.49 -33.67
N TYR B 333 4.22 11.71 -32.69
CA TYR B 333 4.49 10.30 -32.73
C TYR B 333 3.57 9.69 -33.76
N ILE B 334 4.12 8.93 -34.70
CA ILE B 334 3.34 8.36 -35.80
C ILE B 334 3.36 6.82 -35.77
N ASN B 335 2.19 6.20 -35.89
CA ASN B 335 2.13 4.76 -35.80
C ASN B 335 2.80 4.13 -36.99
N SER B 336 3.83 3.32 -36.74
CA SER B 336 4.66 2.75 -37.83
C SER B 336 4.82 1.22 -37.81
N SER B 337 4.83 0.64 -39.00
CA SER B 337 5.07 -0.79 -39.17
C SER B 337 6.39 -1.08 -39.89
N HIS B 338 7.07 -2.12 -39.40
CA HIS B 338 8.27 -2.65 -40.02
C HIS B 338 7.95 -3.89 -40.85
N ASN B 339 8.66 -4.02 -41.99
CA ASN B 339 8.44 -5.07 -43.01
C ASN B 339 7.00 -5.58 -43.03
N THR B 340 6.10 -4.63 -43.25
CA THR B 340 4.67 -4.83 -43.09
C THR B 340 4.20 -6.15 -43.71
N TYR B 341 4.77 -6.48 -44.85
CA TYR B 341 4.36 -7.63 -45.63
C TYR B 341 4.52 -9.00 -44.94
N LEU B 342 5.39 -9.10 -43.94
CA LEU B 342 5.62 -10.39 -43.29
C LEU B 342 4.58 -10.73 -42.23
N THR B 343 4.04 -11.94 -42.31
CA THR B 343 3.04 -12.39 -41.35
C THR B 343 3.65 -13.19 -40.20
N GLY B 344 4.93 -13.51 -40.29
CA GLY B 344 5.56 -14.42 -39.34
C GLY B 344 7.04 -14.25 -39.21
N HIS B 345 7.77 -15.36 -39.21
CA HIS B 345 9.23 -15.39 -39.05
C HIS B 345 9.90 -14.57 -40.17
N GLN B 346 11.04 -13.93 -39.85
CA GLN B 346 11.72 -13.01 -40.78
C GLN B 346 12.32 -13.67 -42.04
N LEU B 347 12.67 -14.95 -41.91
CA LEU B 347 13.50 -15.66 -42.89
C LEU B 347 12.78 -16.83 -43.56
N THR B 348 11.82 -17.41 -42.84
CA THR B 348 11.01 -18.53 -43.31
C THR B 348 9.52 -18.15 -43.43
N GLY B 349 9.17 -16.95 -43.02
CA GLY B 349 7.78 -16.53 -42.94
C GLY B 349 7.07 -16.23 -44.26
N LYS B 350 5.75 -16.03 -44.14
CA LYS B 350 4.87 -15.79 -45.29
C LYS B 350 4.76 -14.28 -45.57
N SER B 351 4.70 -13.92 -46.85
CA SER B 351 4.42 -12.54 -47.26
C SER B 351 2.96 -12.43 -47.68
N SER B 352 2.32 -11.34 -47.31
CA SER B 352 0.88 -11.21 -47.47
C SER B 352 0.49 -9.89 -48.14
N VAL B 353 -0.54 -9.94 -48.99
CA VAL B 353 -1.16 -8.73 -49.51
C VAL B 353 -2.11 -8.26 -48.43
N GLU B 354 -2.87 -9.21 -47.88
CA GLU B 354 -3.87 -8.93 -46.85
C GLU B 354 -3.32 -8.16 -45.63
N ILE B 355 -2.12 -8.49 -45.20
CA ILE B 355 -1.54 -7.85 -44.01
C ILE B 355 -1.50 -6.32 -44.13
N TYR B 356 -1.20 -5.81 -45.33
CA TYR B 356 -1.20 -4.38 -45.54
C TYR B 356 -2.53 -3.76 -45.17
N ARG B 357 -3.61 -4.43 -45.54
CA ARG B 357 -4.96 -4.00 -45.18
C ARG B 357 -5.12 -3.95 -43.66
N GLN B 358 -4.77 -5.05 -42.98
CA GLN B 358 -4.98 -5.21 -41.53
C GLN B 358 -4.21 -4.20 -40.70
N VAL B 359 -2.96 -3.99 -41.04
CA VAL B 359 -2.13 -3.03 -40.35
C VAL B 359 -2.70 -1.60 -40.48
N LEU B 360 -3.08 -1.21 -41.70
CA LEU B 360 -3.74 0.06 -41.97
C LEU B 360 -5.01 0.21 -41.14
N LEU B 361 -5.77 -0.87 -41.04
CA LEU B 361 -7.03 -0.88 -40.29
C LEU B 361 -6.84 -0.69 -38.77
N THR B 362 -5.65 -0.95 -38.26
CA THR B 362 -5.39 -0.71 -36.84
C THR B 362 -5.24 0.76 -36.65
N GLY B 363 -4.90 1.46 -37.73
CA GLY B 363 -4.69 2.90 -37.72
C GLY B 363 -3.27 3.30 -38.06
N CYS B 364 -2.40 2.29 -38.11
CA CYS B 364 -1.01 2.47 -38.47
C CYS B 364 -0.90 3.40 -39.67
N ARG B 365 0.08 4.29 -39.62
CA ARG B 365 0.21 5.29 -40.68
C ARG B 365 1.46 5.11 -41.53
N CYS B 366 2.52 4.52 -40.97
CA CYS B 366 3.75 4.26 -41.71
C CYS B 366 4.02 2.77 -41.99
N LEU B 367 3.88 2.38 -43.27
CA LEU B 367 4.09 1.00 -43.73
C LEU B 367 5.43 0.86 -44.43
N GLU B 368 5.95 -0.38 -44.49
CA GLU B 368 7.18 -0.65 -45.24
C GLU B 368 6.98 -1.62 -46.41
N LEU B 369 7.61 -1.31 -47.53
CA LEU B 369 7.51 -2.12 -48.74
C LEU B 369 8.91 -2.38 -49.26
N ASP B 370 9.43 -3.58 -48.99
CA ASP B 370 10.71 -4.04 -49.53
C ASP B 370 10.45 -4.50 -50.96
N CYS B 371 10.94 -3.70 -51.92
CA CYS B 371 10.67 -3.86 -53.35
C CYS B 371 11.82 -4.53 -54.04
N TRP B 372 11.53 -5.70 -54.63
CA TRP B 372 12.52 -6.50 -55.35
C TRP B 372 12.15 -6.72 -56.80
N ASP B 373 13.18 -6.94 -57.61
CA ASP B 373 13.01 -7.17 -59.02
C ASP B 373 12.31 -8.51 -59.22
N GLY B 374 11.11 -8.46 -59.81
CA GLY B 374 10.35 -9.68 -60.12
C GLY B 374 10.81 -10.32 -61.41
N LYS B 375 10.78 -11.64 -61.47
CA LYS B 375 11.44 -12.38 -62.56
C LYS B 375 10.72 -12.43 -63.92
N ASP B 376 9.50 -11.89 -63.99
CA ASP B 376 8.76 -11.83 -65.27
C ASP B 376 8.52 -10.40 -65.79
N GLY B 377 9.26 -9.43 -65.24
CA GLY B 377 9.12 -8.03 -65.61
C GLY B 377 8.33 -7.24 -64.59
N GLU B 378 7.61 -7.95 -63.72
CA GLU B 378 6.71 -7.33 -62.75
C GLU B 378 7.28 -7.37 -61.33
N PRO B 379 7.43 -6.19 -60.70
CA PRO B 379 8.03 -6.07 -59.37
C PRO B 379 7.28 -6.82 -58.26
N ILE B 380 8.05 -7.29 -57.28
CA ILE B 380 7.52 -8.10 -56.19
C ILE B 380 7.94 -7.53 -54.84
N ILE B 381 7.23 -7.94 -53.79
CA ILE B 381 7.62 -7.57 -52.42
C ILE B 381 7.98 -8.84 -51.63
N THR B 382 9.11 -8.78 -50.95
CA THR B 382 9.60 -9.90 -50.14
C THR B 382 10.83 -9.48 -49.31
N HIS B 383 11.24 -10.30 -48.35
CA HIS B 383 12.46 -10.01 -47.62
C HIS B 383 13.63 -10.61 -48.39
N GLY B 384 14.39 -9.76 -49.07
CA GLY B 384 15.40 -10.26 -50.03
C GLY B 384 16.35 -11.34 -49.53
N PHE B 385 16.74 -12.25 -50.44
CA PHE B 385 17.69 -13.32 -50.16
C PHE B 385 17.35 -14.09 -48.87
N THR B 386 16.10 -14.53 -48.79
CA THR B 386 15.60 -15.39 -47.71
C THR B 386 14.57 -16.36 -48.27
N MET B 387 14.11 -17.27 -47.42
CA MET B 387 13.15 -18.29 -47.84
C MET B 387 11.70 -17.81 -47.71
N CYS B 388 11.50 -16.52 -47.50
CA CYS B 388 10.16 -15.94 -47.42
C CYS B 388 9.49 -15.98 -48.76
N THR B 389 8.17 -16.00 -48.75
CA THR B 389 7.40 -16.01 -49.98
C THR B 389 7.37 -14.61 -50.59
N GLU B 390 6.92 -14.55 -51.84
CA GLU B 390 6.81 -13.29 -52.57
C GLU B 390 5.34 -12.93 -52.85
N VAL B 391 5.03 -11.63 -52.84
CA VAL B 391 3.76 -11.12 -53.35
C VAL B 391 3.99 -10.07 -54.47
N GLN B 392 2.91 -9.74 -55.19
CA GLN B 392 2.98 -8.78 -56.28
C GLN B 392 2.87 -7.36 -55.73
N PHE B 393 3.74 -6.48 -56.22
CA PHE B 393 3.71 -5.09 -55.82
C PHE B 393 2.45 -4.38 -56.28
N LYS B 394 2.00 -4.69 -57.50
CA LYS B 394 0.75 -4.15 -58.04
C LYS B 394 -0.41 -4.40 -57.07
N ASP B 395 -0.54 -5.65 -56.63
CA ASP B 395 -1.62 -6.06 -55.71
C ASP B 395 -1.56 -5.35 -54.35
N VAL B 396 -0.35 -5.15 -53.82
CA VAL B 396 -0.11 -4.53 -52.51
C VAL B 396 -0.56 -3.05 -52.45
N VAL B 397 -0.24 -2.29 -53.50
CA VAL B 397 -0.57 -0.87 -53.52
C VAL B 397 -2.08 -0.64 -53.62
N HIS B 398 -2.78 -1.49 -54.39
CA HIS B 398 -4.24 -1.45 -54.54
C HIS B 398 -4.91 -1.77 -53.22
N ALA B 399 -4.31 -2.71 -52.48
CA ALA B 399 -4.70 -3.02 -51.12
C ALA B 399 -4.49 -1.80 -50.25
N ILE B 400 -3.29 -1.23 -50.28
CA ILE B 400 -3.02 0.00 -49.51
C ILE B 400 -4.08 1.06 -49.79
N ALA B 401 -4.35 1.34 -51.06
CA ALA B 401 -5.32 2.37 -51.43
C ALA B 401 -6.72 2.09 -50.88
N GLU B 402 -7.11 0.82 -50.92
CA GLU B 402 -8.38 0.39 -50.36
C GLU B 402 -8.55 0.73 -48.89
N CYS B 403 -7.55 0.41 -48.06
CA CYS B 403 -7.71 0.53 -46.61
C CYS B 403 -7.04 1.76 -45.99
N ALA B 404 -6.27 2.49 -46.80
CA ALA B 404 -5.50 3.64 -46.34
C ALA B 404 -6.23 4.55 -45.36
N PHE B 405 -7.50 4.82 -45.64
CA PHE B 405 -8.23 5.84 -44.89
C PHE B 405 -9.61 5.40 -44.37
N LYS B 406 -9.78 4.11 -44.12
CA LYS B 406 -11.01 3.64 -43.50
C LYS B 406 -11.14 4.13 -42.05
N VAL B 407 -10.05 3.99 -41.29
CA VAL B 407 -10.05 4.27 -39.86
C VAL B 407 -9.47 5.63 -39.50
N SER B 408 -8.66 6.18 -40.39
CA SER B 408 -8.00 7.45 -40.16
C SER B 408 -7.91 8.27 -41.44
N GLU B 409 -8.23 9.55 -41.33
CA GLU B 409 -8.24 10.43 -42.50
C GLU B 409 -6.82 10.99 -42.74
N TYR B 410 -5.89 10.69 -41.82
CA TYR B 410 -4.58 11.38 -41.74
C TYR B 410 -3.48 10.66 -42.52
N PRO B 411 -2.41 11.38 -42.92
CA PRO B 411 -1.57 10.95 -44.03
C PRO B 411 -0.79 9.68 -43.74
N VAL B 412 -0.66 8.87 -44.78
CA VAL B 412 0.08 7.61 -44.72
C VAL B 412 1.46 7.82 -45.34
N ILE B 413 2.49 7.23 -44.74
CA ILE B 413 3.84 7.26 -45.28
C ILE B 413 4.27 5.85 -45.68
N LEU B 414 4.62 5.67 -46.96
CA LEU B 414 5.13 4.40 -47.46
C LEU B 414 6.63 4.42 -47.50
N SER B 415 7.24 3.58 -46.68
CA SER B 415 8.68 3.44 -46.64
C SER B 415 9.11 2.39 -47.66
N PHE B 416 9.86 2.81 -48.68
CA PHE B 416 10.30 1.93 -49.77
C PHE B 416 11.74 1.48 -49.63
N GLU B 417 11.98 0.18 -49.58
CA GLU B 417 13.33 -0.37 -49.78
C GLU B 417 13.53 -0.71 -51.26
N ASN B 418 14.20 0.13 -52.02
CA ASN B 418 14.26 -0.08 -53.47
C ASN B 418 15.45 -0.91 -53.92
N HIS B 419 15.20 -2.07 -54.53
CA HIS B 419 16.28 -2.89 -55.12
C HIS B 419 16.01 -3.25 -56.57
N CYS B 420 15.06 -2.57 -57.19
CA CYS B 420 14.65 -2.92 -58.54
C CYS B 420 15.53 -2.33 -59.64
N SER B 421 15.42 -2.91 -60.84
CA SER B 421 16.05 -2.39 -62.04
C SER B 421 15.37 -1.11 -62.43
N VAL B 422 16.06 -0.30 -63.22
CA VAL B 422 15.48 0.94 -63.72
C VAL B 422 14.12 0.66 -64.41
N PRO B 423 14.07 -0.30 -65.36
CA PRO B 423 12.80 -0.62 -66.01
C PRO B 423 11.65 -1.03 -65.07
N GLN B 424 11.94 -1.78 -64.01
CA GLN B 424 10.87 -2.20 -63.09
C GLN B 424 10.47 -1.10 -62.12
N GLN B 425 11.40 -0.18 -61.87
CA GLN B 425 11.11 0.99 -61.08
C GLN B 425 10.09 1.88 -61.76
N LYS B 426 10.14 1.99 -63.10
CA LYS B 426 9.12 2.74 -63.88
C LYS B 426 7.71 2.22 -63.64
N LEU B 427 7.63 0.91 -63.38
CA LEU B 427 6.37 0.24 -63.08
C LEU B 427 5.92 0.46 -61.64
N LEU B 428 6.86 0.44 -60.69
CA LEU B 428 6.55 0.89 -59.32
C LEU B 428 5.85 2.23 -59.38
N ALA B 429 6.54 3.21 -59.98
CA ALA B 429 6.01 4.54 -60.20
C ALA B 429 4.61 4.53 -60.83
N GLN B 430 4.49 3.82 -61.95
CA GLN B 430 3.22 3.79 -62.71
C GLN B 430 2.09 3.14 -61.92
N TYR B 431 2.46 2.07 -61.21
CA TYR B 431 1.52 1.34 -60.38
C TYR B 431 1.03 2.17 -59.21
N CYS B 432 1.93 2.96 -58.63
CA CYS B 432 1.55 3.90 -57.58
C CYS B 432 0.50 4.88 -58.10
N HIS B 433 0.69 5.33 -59.35
CA HIS B 433 -0.23 6.26 -59.99
C HIS B 433 -1.57 5.61 -60.27
N GLU B 434 -1.52 4.40 -60.80
CA GLU B 434 -2.73 3.66 -61.06
C GLU B 434 -3.56 3.46 -59.77
N ALA B 435 -2.95 2.83 -58.75
CA ALA B 435 -3.63 2.47 -57.48
C ALA B 435 -3.96 3.65 -56.56
N PHE B 436 -3.13 4.67 -56.56
CA PHE B 436 -3.35 5.79 -55.67
C PHE B 436 -4.05 6.99 -56.28
N GLY B 437 -3.96 7.16 -57.60
CA GLY B 437 -4.63 8.27 -58.28
C GLY B 437 -4.44 9.57 -57.53
N GLU B 438 -5.53 10.19 -57.10
CA GLU B 438 -5.47 11.48 -56.43
C GLU B 438 -4.89 11.48 -55.02
N LEU B 439 -4.77 10.30 -54.41
CA LEU B 439 -4.30 10.19 -53.04
C LEU B 439 -2.79 10.39 -52.92
N LEU B 440 -2.08 10.10 -54.00
CA LEU B 440 -0.61 10.15 -54.02
C LEU B 440 -0.05 11.57 -54.06
N LEU B 441 0.74 11.91 -53.04
CA LEU B 441 1.33 13.25 -52.98
C LEU B 441 2.63 13.32 -53.76
N ASP B 442 2.54 13.68 -55.04
CA ASP B 442 3.71 13.69 -55.92
C ASP B 442 4.38 15.05 -56.13
N ASN B 443 3.83 16.07 -55.47
CA ASN B 443 4.39 17.43 -55.46
C ASN B 443 4.10 18.13 -54.16
N PRO B 444 4.98 19.09 -53.77
CA PRO B 444 4.76 19.81 -52.51
C PRO B 444 3.48 20.63 -52.53
N ILE B 445 3.01 21.02 -51.37
CA ILE B 445 1.81 21.83 -51.30
C ILE B 445 2.20 23.31 -51.20
N ASP B 446 1.28 24.20 -51.54
CA ASP B 446 1.47 25.62 -51.28
C ASP B 446 1.85 25.88 -49.82
N GLY B 447 2.78 26.81 -49.62
CA GLY B 447 3.16 27.24 -48.27
C GLY B 447 4.25 26.40 -47.63
N HIS B 448 4.61 25.30 -48.30
CA HIS B 448 5.66 24.43 -47.80
C HIS B 448 6.52 24.00 -48.98
N PRO B 449 7.30 24.93 -49.55
CA PRO B 449 8.22 24.53 -50.59
C PRO B 449 9.36 23.71 -50.01
N LEU B 450 10.07 22.95 -50.84
CA LEU B 450 11.23 22.19 -50.37
C LEU B 450 12.45 23.10 -50.41
N LYS B 451 12.55 23.96 -49.40
CA LYS B 451 13.67 24.88 -49.24
C LYS B 451 14.06 24.96 -47.77
N PRO B 452 15.33 25.29 -47.49
CA PRO B 452 15.81 25.30 -46.13
C PRO B 452 15.07 26.30 -45.23
N GLY B 453 14.85 25.92 -43.98
CA GLY B 453 14.22 26.79 -43.00
C GLY B 453 12.72 26.67 -42.96
N VAL B 454 12.14 25.93 -43.93
CA VAL B 454 10.70 25.79 -44.07
C VAL B 454 10.26 24.54 -43.35
N PRO B 455 9.42 24.66 -42.30
CA PRO B 455 8.96 23.49 -41.57
C PRO B 455 8.08 22.57 -42.43
N LEU B 456 7.98 21.31 -42.02
CA LEU B 456 7.10 20.35 -42.67
C LEU B 456 5.64 20.77 -42.61
N PRO B 457 4.83 20.31 -43.57
CA PRO B 457 3.37 20.56 -43.52
C PRO B 457 2.73 19.82 -42.35
N THR B 458 1.52 20.24 -41.99
CA THR B 458 0.80 19.65 -40.86
C THR B 458 0.04 18.38 -41.29
N PRO B 459 -0.20 17.43 -40.34
CA PRO B 459 -1.04 16.28 -40.68
C PRO B 459 -2.40 16.73 -41.26
N TYR B 460 -2.96 17.80 -40.70
CA TYR B 460 -4.22 18.32 -41.18
C TYR B 460 -4.11 18.73 -42.65
N ASP B 461 -2.98 19.31 -43.03
CA ASP B 461 -2.80 19.76 -44.41
C ASP B 461 -2.74 18.56 -45.34
N LEU B 462 -2.34 17.41 -44.81
CA LEU B 462 -2.03 16.23 -45.65
C LEU B 462 -2.98 15.05 -45.46
N ARG B 463 -4.21 15.34 -45.07
CA ARG B 463 -5.20 14.31 -44.88
C ARG B 463 -5.48 13.68 -46.21
N LYS B 464 -5.83 12.40 -46.20
CA LYS B 464 -6.12 11.64 -47.42
C LYS B 464 -5.04 11.77 -48.50
N LYS B 465 -3.80 11.85 -48.05
CA LYS B 465 -2.68 11.82 -48.93
C LYS B 465 -1.75 10.70 -48.55
N ILE B 466 -1.01 10.20 -49.54
CA ILE B 466 -0.03 9.13 -49.35
C ILE B 466 1.31 9.61 -49.82
N LEU B 467 2.27 9.67 -48.90
CA LEU B 467 3.61 10.19 -49.18
C LEU B 467 4.57 9.06 -49.45
N ILE B 468 5.51 9.30 -50.34
CA ILE B 468 6.49 8.27 -50.70
C ILE B 468 7.86 8.53 -50.07
N LYS B 469 8.39 7.51 -49.40
CA LYS B 469 9.74 7.57 -48.82
C LYS B 469 10.70 6.65 -49.55
N ASN B 470 11.31 7.21 -50.59
CA ASN B 470 12.28 6.52 -51.42
C ASN B 470 13.49 7.46 -51.59
N LYS B 471 14.61 6.93 -52.05
CA LYS B 471 15.77 7.76 -52.37
C LYS B 471 15.44 8.79 -53.46
N LYS B 472 16.01 9.98 -53.33
CA LYS B 472 15.89 11.02 -54.36
C LYS B 472 17.27 11.10 -54.99
N ILE B 473 17.40 11.67 -56.19
CA ILE B 473 18.70 11.68 -56.86
C ILE B 473 19.71 12.71 -56.28
N HIS B 474 20.98 12.32 -56.20
CA HIS B 474 22.07 13.16 -55.68
C HIS B 474 22.43 14.26 -56.68
N LEU B 486 37.91 9.13 -39.42
CA LEU B 486 37.27 8.58 -38.23
C LEU B 486 38.21 7.67 -37.44
N THR B 487 37.83 7.37 -36.19
CA THR B 487 38.61 6.45 -35.37
C THR B 487 38.28 5.01 -35.70
N ASP B 488 39.14 4.08 -35.28
CA ASP B 488 38.99 2.65 -35.61
C ASP B 488 37.82 1.95 -34.89
N GLU B 489 37.52 2.34 -33.66
CA GLU B 489 36.31 1.83 -32.99
C GLU B 489 35.01 2.39 -33.59
N GLU B 490 35.05 3.63 -34.06
CA GLU B 490 33.92 4.23 -34.78
C GLU B 490 33.64 3.44 -36.05
N LYS B 491 34.70 3.13 -36.80
CA LYS B 491 34.58 2.37 -38.05
C LYS B 491 33.85 1.06 -37.80
N LYS B 492 34.30 0.34 -36.77
CA LYS B 492 33.74 -0.97 -36.43
C LYS B 492 32.31 -0.88 -35.86
N LYS B 493 31.99 0.21 -35.15
CA LYS B 493 30.63 0.47 -34.71
C LYS B 493 29.70 0.72 -35.90
N ILE B 494 30.25 1.28 -36.97
CA ILE B 494 29.52 1.58 -38.20
C ILE B 494 29.28 0.31 -39.03
N GLU B 495 30.31 -0.52 -39.17
CA GLU B 495 30.16 -1.79 -39.88
C GLU B 495 29.09 -2.68 -39.22
N LYS B 496 29.03 -2.65 -37.89
CA LYS B 496 28.00 -3.35 -37.10
C LYS B 496 26.57 -2.83 -37.36
N GLU B 497 26.42 -1.50 -37.39
CA GLU B 497 25.17 -0.87 -37.80
C GLU B 497 24.72 -1.35 -39.20
N LYS B 498 25.66 -1.30 -40.15
CA LYS B 498 25.42 -1.65 -41.57
C LYS B 498 24.91 -3.08 -41.81
N LYS B 499 25.46 -4.04 -41.07
CA LYS B 499 24.94 -5.40 -41.20
C LYS B 499 23.63 -5.58 -40.46
N ASP B 500 23.46 -4.92 -39.31
CA ASP B 500 22.17 -4.95 -38.61
C ASP B 500 21.06 -4.35 -39.46
N ALA B 501 21.43 -3.50 -40.40
CA ALA B 501 20.49 -2.94 -41.34
C ALA B 501 19.94 -3.99 -42.31
N GLY B 502 20.62 -5.13 -42.40
CA GLY B 502 20.19 -6.22 -43.28
C GLY B 502 20.16 -5.78 -44.73
N THR B 503 19.03 -6.03 -45.38
CA THR B 503 18.84 -5.75 -46.80
C THR B 503 18.73 -4.24 -47.08
N ALA B 504 18.52 -3.47 -46.01
CA ALA B 504 18.30 -2.03 -46.13
C ALA B 504 19.60 -1.24 -46.21
N ALA B 505 20.71 -1.91 -45.90
CA ALA B 505 22.07 -1.36 -46.04
C ALA B 505 22.39 -0.88 -47.46
N LYS B 506 22.10 -1.72 -48.46
CA LYS B 506 22.30 -1.34 -49.85
C LYS B 506 20.96 -1.29 -50.58
N GLU B 507 20.78 -0.24 -51.39
CA GLU B 507 19.58 -0.09 -52.21
C GLU B 507 19.99 0.22 -53.64
N ALA B 508 19.07 0.02 -54.59
CA ALA B 508 19.28 0.46 -55.96
C ALA B 508 19.27 1.99 -56.01
N GLU B 509 19.99 2.57 -56.99
CA GLU B 509 19.90 4.02 -57.16
C GLU B 509 18.50 4.39 -57.68
N ALA B 510 18.05 5.61 -57.33
CA ALA B 510 16.73 6.07 -57.72
C ALA B 510 16.58 6.35 -59.21
N ALA B 511 15.49 5.85 -59.80
CA ALA B 511 15.08 6.25 -61.14
C ALA B 511 14.21 7.52 -61.07
N GLU B 512 14.42 8.44 -62.02
CA GLU B 512 13.67 9.71 -62.07
C GLU B 512 12.16 9.56 -61.81
N GLU B 513 11.54 8.59 -62.47
CA GLU B 513 10.08 8.34 -62.32
C GLU B 513 9.67 8.00 -60.88
N MET B 514 10.62 7.48 -60.09
CA MET B 514 10.41 7.26 -58.65
C MET B 514 10.78 8.49 -57.79
N SER B 515 11.98 9.01 -58.03
CA SER B 515 12.50 10.18 -57.32
C SER B 515 11.49 11.35 -57.30
N ALA B 516 10.81 11.58 -58.42
CA ALA B 516 9.85 12.70 -58.57
C ALA B 516 8.60 12.53 -57.72
N LEU B 517 8.46 11.36 -57.11
CA LEU B 517 7.36 11.07 -56.18
C LEU B 517 7.72 11.32 -54.73
N VAL B 518 8.99 11.55 -54.47
CA VAL B 518 9.45 11.89 -53.15
C VAL B 518 9.53 13.41 -53.00
N ASN B 519 9.16 13.91 -51.82
CA ASN B 519 9.28 15.31 -51.54
C ASN B 519 9.59 15.57 -50.07
N TYR B 520 8.59 15.45 -49.21
CA TYR B 520 8.74 15.85 -47.82
C TYR B 520 9.42 14.76 -46.99
N ILE B 521 9.50 13.57 -47.54
CA ILE B 521 10.07 12.50 -46.78
C ILE B 521 11.25 11.95 -47.56
N GLN B 522 12.32 12.74 -47.66
CA GLN B 522 13.55 12.28 -48.31
C GLN B 522 14.49 11.65 -47.29
N PRO B 523 14.73 10.33 -47.42
CA PRO B 523 15.73 9.67 -46.59
C PRO B 523 17.14 9.96 -47.08
N VAL B 524 18.01 10.36 -46.18
CA VAL B 524 19.40 10.60 -46.52
C VAL B 524 20.26 9.81 -45.55
N HIS B 525 21.49 9.54 -45.98
CA HIS B 525 22.48 8.88 -45.13
C HIS B 525 22.93 9.86 -44.04
N PHE B 526 22.30 9.74 -42.87
CA PHE B 526 22.60 10.57 -41.71
C PHE B 526 24.06 10.50 -41.41
N THR B 527 24.67 11.64 -41.09
CA THR B 527 26.10 11.70 -40.75
C THR B 527 26.36 12.12 -39.30
N THR B 528 26.37 13.42 -39.05
CA THR B 528 26.46 13.98 -37.69
C THR B 528 25.23 14.86 -37.40
N PHE B 529 24.98 15.16 -36.13
CA PHE B 529 23.88 16.03 -35.74
C PHE B 529 24.12 17.48 -36.11
N GLU B 530 25.33 17.97 -35.87
CA GLU B 530 25.70 19.32 -36.24
C GLU B 530 25.51 19.51 -37.75
N GLN B 531 25.69 18.43 -38.50
CA GLN B 531 25.53 18.43 -39.95
C GLN B 531 24.10 18.76 -40.39
N ALA B 532 23.13 18.12 -39.74
CA ALA B 532 21.71 18.30 -40.05
C ALA B 532 21.22 19.73 -39.82
N GLN B 533 21.64 20.35 -38.72
CA GLN B 533 21.20 21.70 -38.36
C GLN B 533 21.89 22.77 -39.19
N LYS B 534 23.07 22.48 -39.70
CA LYS B 534 23.77 23.38 -40.63
C LYS B 534 23.09 23.37 -42.01
N LYS B 535 22.70 22.19 -42.47
CA LYS B 535 21.94 22.02 -43.72
C LYS B 535 20.54 22.64 -43.66
N ASP B 536 19.93 22.55 -42.48
CA ASP B 536 18.65 23.22 -42.13
C ASP B 536 17.49 22.77 -43.02
N ARG B 537 17.48 21.50 -43.43
CA ARG B 537 16.47 21.03 -44.39
C ARG B 537 15.43 20.15 -43.75
N HIS B 538 14.30 20.74 -43.37
CA HIS B 538 13.30 20.01 -42.56
C HIS B 538 12.74 18.79 -43.25
N TYR B 539 12.90 18.78 -44.59
CA TYR B 539 12.35 17.73 -45.45
C TYR B 539 13.28 16.53 -45.62
N GLU B 540 14.55 16.71 -45.27
CA GLU B 540 15.47 15.59 -45.21
C GLU B 540 15.26 14.81 -43.91
N MET B 541 15.15 13.50 -44.03
CA MET B 541 14.92 12.64 -42.87
C MET B 541 15.88 11.47 -42.82
N SER B 542 15.82 10.69 -41.74
CA SER B 542 16.78 9.62 -41.48
C SER B 542 16.12 8.38 -40.91
N SER B 543 16.20 7.28 -41.62
CA SER B 543 15.68 6.00 -41.19
C SER B 543 16.81 5.20 -40.58
N MET B 544 16.78 5.00 -39.27
CA MET B 544 17.90 4.38 -38.52
C MET B 544 17.60 2.96 -37.99
N VAL B 545 18.42 1.98 -38.37
CA VAL B 545 18.33 0.69 -37.69
C VAL B 545 18.56 0.92 -36.19
N GLU B 546 17.87 0.18 -35.32
CA GLU B 546 17.99 0.38 -33.87
C GLU B 546 19.43 0.49 -33.34
N THR B 547 20.35 -0.26 -33.93
CA THR B 547 21.75 -0.23 -33.51
C THR B 547 22.32 1.17 -33.74
N GLN B 548 21.99 1.77 -34.88
CA GLN B 548 22.43 3.13 -35.17
C GLN B 548 21.85 4.11 -34.16
N ALA B 549 20.57 3.94 -33.88
CA ALA B 549 19.85 4.87 -33.03
C ALA B 549 20.45 4.82 -31.64
N LEU B 550 20.65 3.62 -31.12
CA LEU B 550 21.15 3.46 -29.77
C LEU B 550 22.48 4.20 -29.61
N ASN B 551 23.30 4.16 -30.66
CA ASN B 551 24.59 4.84 -30.66
C ASN B 551 24.41 6.34 -30.54
N LYS B 552 23.61 6.91 -31.42
CA LYS B 552 23.38 8.36 -31.41
C LYS B 552 22.73 8.78 -30.07
N LEU B 553 21.74 7.99 -29.63
CA LEU B 553 21.01 8.18 -28.38
C LEU B 553 21.90 8.18 -27.12
N LYS B 554 22.89 7.30 -27.11
CA LYS B 554 23.82 7.21 -25.98
C LYS B 554 24.84 8.33 -26.05
N ASP B 555 25.32 8.63 -27.26
CA ASP B 555 26.32 9.69 -27.47
C ASP B 555 25.83 11.11 -27.15
N ASN B 556 24.86 11.59 -27.91
CA ASN B 556 24.28 12.92 -27.70
C ASN B 556 22.77 12.83 -27.65
N PRO B 557 22.22 12.56 -26.44
CA PRO B 557 20.77 12.39 -26.35
C PRO B 557 20.01 13.72 -26.48
N GLU B 558 20.55 14.81 -25.94
CA GLU B 558 19.88 16.11 -26.06
C GLU B 558 19.86 16.58 -27.50
N ASP B 559 20.97 16.39 -28.22
CA ASP B 559 21.04 16.77 -29.63
C ASP B 559 20.04 16.00 -30.49
N PHE B 560 19.78 14.74 -30.11
CA PHE B 560 18.80 13.88 -30.79
C PHE B 560 17.39 14.45 -30.63
N VAL B 561 17.11 14.97 -29.44
CA VAL B 561 15.79 15.50 -29.11
C VAL B 561 15.56 16.76 -29.93
N ASP B 562 16.59 17.61 -30.00
CA ASP B 562 16.54 18.82 -30.80
C ASP B 562 16.44 18.49 -32.29
N TYR B 563 17.18 17.49 -32.75
CA TYR B 563 17.08 17.10 -34.14
C TYR B 563 15.63 16.82 -34.50
N ASN B 564 14.93 16.10 -33.62
CA ASN B 564 13.58 15.59 -33.90
C ASN B 564 12.48 16.63 -33.80
N LYS B 565 12.83 17.85 -33.43
CA LYS B 565 11.84 18.92 -33.35
C LYS B 565 11.53 19.42 -34.74
N LYS B 566 12.51 19.32 -35.65
CA LYS B 566 12.38 19.83 -37.01
C LYS B 566 12.33 18.74 -38.09
N GLN B 567 13.03 17.64 -37.84
CA GLN B 567 13.15 16.54 -38.79
C GLN B 567 12.61 15.20 -38.27
N LEU B 568 12.38 14.28 -39.20
CA LEU B 568 11.80 12.97 -38.86
C LEU B 568 12.86 11.88 -38.74
N THR B 569 12.76 11.09 -37.66
CA THR B 569 13.58 9.89 -37.46
C THR B 569 12.66 8.69 -37.53
N ARG B 570 12.99 7.74 -38.40
CA ARG B 570 12.37 6.44 -38.37
C ARG B 570 13.31 5.42 -37.72
N ILE B 571 12.75 4.50 -36.94
CA ILE B 571 13.54 3.46 -36.28
C ILE B 571 13.05 2.06 -36.71
N TYR B 572 13.95 1.12 -36.95
CA TYR B 572 13.52 -0.25 -37.28
C TYR B 572 14.37 -1.32 -36.61
N PRO B 573 13.79 -2.53 -36.36
CA PRO B 573 14.46 -3.64 -35.68
C PRO B 573 15.72 -4.14 -36.40
N LYS B 574 16.77 -4.45 -35.64
CA LYS B 574 17.99 -5.01 -36.23
C LYS B 574 17.72 -6.38 -36.88
N GLY B 575 18.53 -6.74 -37.88
CA GLY B 575 18.37 -8.01 -38.60
C GLY B 575 18.44 -9.26 -37.74
N THR B 576 19.16 -9.20 -36.62
CA THR B 576 19.37 -10.35 -35.72
C THR B 576 18.10 -10.82 -34.99
N ARG B 577 17.06 -9.98 -34.98
CA ARG B 577 15.72 -10.37 -34.50
C ARG B 577 14.97 -11.17 -35.56
N VAL B 578 15.37 -12.43 -35.72
CA VAL B 578 14.80 -13.35 -36.71
C VAL B 578 13.33 -13.69 -36.41
N ASP B 579 12.98 -13.70 -35.13
CA ASP B 579 11.63 -14.06 -34.67
C ASP B 579 10.65 -12.91 -34.80
N SER B 580 11.09 -11.79 -35.39
CA SER B 580 10.29 -10.58 -35.52
C SER B 580 9.97 -10.03 -34.14
N SER B 581 10.91 -10.24 -33.22
CA SER B 581 10.89 -9.66 -31.90
C SER B 581 10.89 -8.12 -32.02
N ASN B 582 10.40 -7.42 -31.00
CA ASN B 582 10.30 -5.96 -31.00
C ASN B 582 11.03 -5.33 -29.81
N TYR B 583 11.58 -4.13 -30.00
CA TYR B 583 12.05 -3.30 -28.87
C TYR B 583 10.90 -2.51 -28.26
N VAL B 584 11.00 -2.20 -26.97
CA VAL B 584 10.00 -1.30 -26.38
C VAL B 584 10.13 0.10 -27.02
N PRO B 585 9.06 0.61 -27.65
CA PRO B 585 9.16 1.89 -28.37
C PRO B 585 9.39 3.17 -27.52
N GLN B 586 9.12 3.13 -26.21
CA GLN B 586 9.36 4.28 -25.32
C GLN B 586 10.82 4.70 -25.30
N ILE B 587 11.74 3.77 -25.59
CA ILE B 587 13.17 4.08 -25.69
C ILE B 587 13.38 5.19 -26.70
N TYR B 588 12.70 5.12 -27.84
CA TYR B 588 12.95 6.02 -28.96
C TYR B 588 12.01 7.21 -28.97
N TRP B 589 10.78 7.02 -28.52
CA TRP B 589 9.82 8.10 -28.37
C TRP B 589 10.35 9.07 -27.32
N ASN B 590 11.13 8.55 -26.36
CA ASN B 590 11.77 9.38 -25.34
C ASN B 590 12.70 10.41 -25.97
N ALA B 591 13.25 10.08 -27.13
CA ALA B 591 14.18 10.98 -27.83
C ALA B 591 13.45 11.85 -28.84
N GLY B 592 12.15 11.59 -28.98
CA GLY B 592 11.31 12.36 -29.89
C GLY B 592 11.17 11.73 -31.25
N CYS B 593 11.68 10.52 -31.41
CA CYS B 593 11.58 9.80 -32.68
C CYS B 593 10.13 9.54 -33.03
N GLN B 594 9.76 9.90 -34.25
CA GLN B 594 8.38 9.90 -34.63
C GLN B 594 7.95 8.55 -35.18
N LEU B 595 8.71 8.01 -36.12
CA LEU B 595 8.30 6.81 -36.81
C LEU B 595 9.00 5.58 -36.25
N VAL B 596 8.53 5.11 -35.10
CA VAL B 596 9.14 3.95 -34.44
C VAL B 596 8.47 2.66 -34.91
N ALA B 597 8.98 2.10 -35.99
CA ALA B 597 8.38 0.94 -36.65
C ALA B 597 8.52 -0.36 -35.87
N LEU B 598 7.41 -1.10 -35.76
CA LEU B 598 7.38 -2.43 -35.11
C LEU B 598 6.86 -3.52 -36.02
N ASN B 599 7.21 -4.75 -35.69
CA ASN B 599 6.64 -5.93 -36.33
C ASN B 599 5.23 -6.21 -35.83
N PHE B 600 4.21 -5.87 -36.61
CA PHE B 600 2.83 -6.06 -36.17
C PHE B 600 2.43 -7.53 -36.06
N GLN B 601 3.23 -8.44 -36.61
CA GLN B 601 2.89 -9.86 -36.57
C GLN B 601 3.27 -10.51 -35.26
N CYS B 602 3.96 -9.78 -34.39
CA CYS B 602 4.44 -10.34 -33.15
C CYS B 602 3.80 -9.64 -31.97
N PHE B 603 2.88 -10.31 -31.29
CA PHE B 603 2.16 -9.68 -30.16
C PHE B 603 2.89 -9.71 -28.82
N ASP B 604 4.07 -9.11 -28.74
CA ASP B 604 4.79 -9.06 -27.47
C ASP B 604 4.48 -7.76 -26.73
N VAL B 605 5.11 -7.61 -25.56
CA VAL B 605 4.95 -6.43 -24.70
C VAL B 605 4.94 -5.14 -25.51
N ALA B 606 5.96 -4.97 -26.36
CA ALA B 606 6.17 -3.80 -27.22
C ALA B 606 4.97 -3.49 -28.12
N MET B 607 4.50 -4.50 -28.83
CA MET B 607 3.41 -4.32 -29.74
C MET B 607 2.12 -4.07 -29.02
N CYS B 608 1.91 -4.76 -27.89
CA CYS B 608 0.72 -4.55 -27.03
C CYS B 608 0.63 -3.11 -26.59
N VAL B 609 1.75 -2.62 -26.08
CA VAL B 609 1.91 -1.24 -25.66
C VAL B 609 1.64 -0.28 -26.80
N ASN B 610 2.22 -0.55 -27.98
CA ASN B 610 2.02 0.33 -29.13
C ASN B 610 0.55 0.47 -29.56
N LEU B 611 -0.17 -0.65 -29.64
CA LEU B 611 -1.57 -0.62 -30.08
C LEU B 611 -2.48 0.04 -29.06
N GLY B 612 -2.14 -0.13 -27.77
CA GLY B 612 -2.84 0.52 -26.65
C GLY B 612 -2.69 2.04 -26.68
N VAL B 613 -1.49 2.48 -26.98
CA VAL B 613 -1.19 3.90 -27.05
C VAL B 613 -1.86 4.59 -28.24
N PHE B 614 -1.82 3.96 -29.41
CA PHE B 614 -2.42 4.53 -30.62
C PHE B 614 -3.95 4.36 -30.74
N GLU B 615 -4.60 3.82 -29.71
CA GLU B 615 -6.05 3.84 -29.65
C GLU B 615 -6.61 5.26 -29.40
N TYR B 616 -5.89 6.02 -28.60
CA TYR B 616 -6.32 7.37 -28.28
C TYR B 616 -6.17 8.32 -29.47
N ASN B 617 -6.68 9.53 -29.31
CA ASN B 617 -6.76 10.52 -30.39
C ASN B 617 -7.48 9.97 -31.61
N GLY B 618 -8.76 9.64 -31.46
CA GLY B 618 -9.60 9.04 -32.53
C GLY B 618 -8.98 7.86 -33.31
N CYS B 619 -8.01 7.20 -32.67
CA CYS B 619 -7.28 6.14 -33.30
C CYS B 619 -6.96 6.56 -34.76
N SER B 620 -6.13 7.59 -34.86
CA SER B 620 -5.81 8.22 -36.12
C SER B 620 -4.43 7.86 -36.55
N GLY B 621 -3.66 7.27 -35.65
CA GLY B 621 -2.28 6.92 -35.95
C GLY B 621 -1.33 8.06 -35.56
N TYR B 622 -1.89 9.17 -35.08
CA TYR B 622 -1.07 10.34 -34.69
C TYR B 622 -1.31 10.81 -33.25
N LEU B 623 -0.22 11.02 -32.52
CA LEU B 623 -0.30 11.54 -31.16
C LEU B 623 0.64 12.70 -31.11
N LEU B 624 0.23 13.75 -30.42
CA LEU B 624 1.05 14.96 -30.37
C LEU B 624 2.06 14.87 -29.24
N LYS B 625 3.33 15.09 -29.56
CA LYS B 625 4.41 15.09 -28.58
C LYS B 625 4.17 16.08 -27.44
N PRO B 626 4.62 15.77 -26.19
CA PRO B 626 4.49 16.75 -25.12
C PRO B 626 5.19 18.06 -25.48
N GLU B 627 4.66 19.16 -24.93
CA GLU B 627 5.07 20.51 -25.30
C GLU B 627 6.56 20.80 -25.18
N PHE B 628 7.18 20.35 -24.09
CA PHE B 628 8.60 20.67 -23.84
C PHE B 628 9.49 20.02 -24.90
N MET B 629 8.96 19.04 -25.60
CA MET B 629 9.72 18.36 -26.66
C MET B 629 9.59 18.97 -28.05
N ARG B 630 8.74 19.98 -28.18
CA ARG B 630 8.54 20.66 -29.45
C ARG B 630 9.08 22.07 -29.36
N LYS B 631 9.31 22.57 -28.15
CA LYS B 631 9.82 23.94 -27.97
C LYS B 631 11.27 23.99 -28.44
N LEU B 632 11.56 24.82 -29.43
CA LEU B 632 12.89 24.83 -30.02
C LEU B 632 14.00 25.15 -29.02
N ASP B 633 13.73 26.14 -28.18
CA ASP B 633 14.75 26.73 -27.31
C ASP B 633 15.06 25.90 -26.07
N LYS B 634 14.25 24.89 -25.78
CA LYS B 634 14.44 24.12 -24.56
C LYS B 634 15.25 22.82 -24.71
N ARG B 635 16.35 22.70 -23.97
CA ARG B 635 17.12 21.45 -23.92
C ARG B 635 16.48 20.42 -23.00
N PHE B 636 16.66 19.14 -23.33
CA PHE B 636 16.07 18.05 -22.55
C PHE B 636 16.89 16.76 -22.66
N ASP B 637 17.23 16.17 -21.51
CA ASP B 637 18.00 14.91 -21.50
C ASP B 637 17.11 13.72 -21.08
N PRO B 638 16.72 12.86 -22.05
CA PRO B 638 15.80 11.76 -21.69
C PRO B 638 16.35 10.85 -20.58
N PHE B 639 17.64 10.94 -20.32
CA PHE B 639 18.26 10.09 -19.32
C PHE B 639 18.29 10.76 -17.95
N THR B 640 17.55 11.85 -17.79
CA THR B 640 17.53 12.58 -16.51
C THR B 640 16.87 11.74 -15.44
N GLU B 641 17.41 11.78 -14.22
CA GLU B 641 16.83 11.09 -13.06
C GLU B 641 16.27 12.08 -12.04
N SER B 642 16.60 13.36 -12.20
CA SER B 642 15.96 14.44 -11.44
C SER B 642 14.87 15.11 -12.29
N THR B 643 13.97 15.83 -11.64
CA THR B 643 12.80 16.43 -12.30
C THR B 643 13.16 17.42 -13.41
N VAL B 644 12.30 17.51 -14.42
CA VAL B 644 12.50 18.45 -15.53
C VAL B 644 11.80 19.75 -15.22
N ASP B 645 12.56 20.86 -15.29
CA ASP B 645 12.05 22.22 -15.07
C ASP B 645 10.82 22.49 -15.92
N GLY B 646 9.77 23.04 -15.30
CA GLY B 646 8.52 23.30 -16.02
C GLY B 646 7.54 22.15 -15.92
N VAL B 647 7.99 20.91 -16.16
CA VAL B 647 7.14 19.70 -16.06
C VAL B 647 7.01 19.23 -14.61
N VAL B 648 5.78 18.93 -14.17
CA VAL B 648 5.52 18.56 -12.78
C VAL B 648 5.46 17.06 -12.61
N ALA B 649 6.27 16.53 -11.69
CA ALA B 649 6.38 15.08 -11.48
C ALA B 649 5.15 14.52 -10.76
N GLY B 650 4.93 13.21 -10.87
CA GLY B 650 3.79 12.60 -10.19
C GLY B 650 4.04 11.36 -9.34
N THR B 651 3.11 11.09 -8.43
CA THR B 651 3.01 9.78 -7.77
C THR B 651 1.86 9.02 -8.40
N ILE B 652 2.05 7.71 -8.58
CA ILE B 652 0.96 6.84 -8.95
C ILE B 652 0.87 5.66 -7.97
N GLU B 653 -0.34 5.31 -7.53
CA GLU B 653 -0.52 4.11 -6.73
C GLU B 653 -1.62 3.22 -7.30
N ILE B 654 -1.30 1.99 -7.66
CA ILE B 654 -2.31 1.08 -8.20
C ILE B 654 -2.61 -0.03 -7.20
N LYS B 655 -3.85 -0.09 -6.75
CA LYS B 655 -4.25 -1.11 -5.81
C LYS B 655 -5.13 -2.11 -6.57
N ILE B 656 -4.58 -3.29 -6.88
CA ILE B 656 -5.32 -4.37 -7.58
C ILE B 656 -6.18 -5.18 -6.60
N ILE B 657 -7.49 -5.05 -6.74
CA ILE B 657 -8.43 -5.56 -5.75
C ILE B 657 -8.95 -6.94 -6.16
N SER B 658 -9.62 -6.98 -7.31
CA SER B 658 -10.28 -8.20 -7.78
C SER B 658 -10.45 -8.21 -9.29
N ALA B 659 -10.96 -9.30 -9.81
CA ALA B 659 -11.29 -9.40 -11.21
C ALA B 659 -12.63 -10.08 -11.39
N GLN B 660 -13.21 -9.88 -12.57
CA GLN B 660 -14.51 -10.41 -12.90
C GLN B 660 -14.38 -11.11 -14.23
N PHE B 661 -14.94 -12.31 -14.31
CA PHE B 661 -15.07 -13.05 -15.57
C PHE B 661 -13.77 -13.13 -16.35
N LEU B 662 -12.70 -13.53 -15.69
CA LEU B 662 -11.46 -13.77 -16.39
C LEU B 662 -11.63 -14.89 -17.39
N SER B 663 -12.40 -15.92 -17.03
CA SER B 663 -12.48 -17.18 -17.80
C SER B 663 -13.74 -17.99 -17.54
N ASP B 664 -14.10 -18.81 -18.52
CA ASP B 664 -15.21 -19.76 -18.41
C ASP B 664 -14.80 -21.03 -17.64
N LYS B 665 -13.52 -21.41 -17.74
CA LYS B 665 -12.97 -22.46 -16.87
C LYS B 665 -12.46 -21.94 -15.54
N GLN B 666 -12.37 -22.81 -14.54
CA GLN B 666 -11.90 -22.42 -13.22
C GLN B 666 -10.37 -22.28 -13.13
N ILE B 667 -9.83 -21.24 -13.74
CA ILE B 667 -8.38 -21.05 -13.78
C ILE B 667 -7.81 -20.54 -12.46
N SER B 668 -6.48 -20.48 -12.42
CA SER B 668 -5.71 -19.81 -11.36
C SER B 668 -4.98 -18.62 -11.97
N SER B 669 -5.11 -17.44 -11.38
CA SER B 669 -4.57 -16.23 -11.99
C SER B 669 -3.82 -15.33 -11.04
N TYR B 670 -3.03 -14.44 -11.61
CA TYR B 670 -2.39 -13.35 -10.88
C TYR B 670 -2.30 -12.12 -11.77
N VAL B 671 -2.23 -10.94 -11.17
CA VAL B 671 -2.17 -9.68 -11.91
C VAL B 671 -0.81 -9.04 -11.77
N GLU B 672 -0.37 -8.38 -12.83
CA GLU B 672 0.94 -7.74 -12.86
C GLU B 672 0.76 -6.32 -13.36
N VAL B 673 1.53 -5.38 -12.82
CA VAL B 673 1.42 -3.97 -13.19
C VAL B 673 2.81 -3.42 -13.52
N GLU B 674 2.94 -2.86 -14.72
CA GLU B 674 4.22 -2.34 -15.21
C GLU B 674 4.01 -0.90 -15.66
N MET B 675 5.12 -0.15 -15.75
CA MET B 675 5.11 1.22 -16.25
C MET B 675 6.24 1.44 -17.27
N TYR B 676 5.92 2.11 -18.39
CA TYR B 676 6.88 2.37 -19.47
C TYR B 676 6.93 3.86 -19.78
N GLY B 677 8.11 4.35 -20.15
CA GLY B 677 8.31 5.79 -20.31
C GLY B 677 9.79 6.13 -20.28
N LEU B 678 10.18 7.13 -19.50
CA LEU B 678 11.59 7.43 -19.30
C LEU B 678 12.30 6.27 -18.62
N PRO B 679 13.60 6.08 -18.90
CA PRO B 679 14.34 5.06 -18.18
C PRO B 679 14.05 5.09 -16.68
N THR B 680 14.15 6.28 -16.09
CA THR B 680 14.02 6.44 -14.64
C THR B 680 12.58 6.27 -14.16
N ASP B 681 11.66 6.10 -15.11
CA ASP B 681 10.26 5.90 -14.79
C ASP B 681 9.74 4.52 -15.20
N THR B 682 10.55 3.73 -15.89
CA THR B 682 10.14 2.42 -16.38
C THR B 682 10.33 1.35 -15.31
N VAL B 683 9.28 0.56 -15.10
CA VAL B 683 9.28 -0.51 -14.11
C VAL B 683 8.66 -1.76 -14.76
N ARG B 684 9.43 -2.86 -14.78
CA ARG B 684 8.95 -4.16 -15.27
C ARG B 684 9.30 -5.27 -14.30
N LYS B 685 8.49 -6.33 -14.27
CA LYS B 685 8.74 -7.51 -13.41
C LYS B 685 9.02 -7.13 -11.95
N LYS B 686 8.35 -6.09 -11.47
CA LYS B 686 8.48 -5.75 -10.07
C LYS B 686 7.17 -6.01 -9.33
N PHE B 687 6.05 -5.77 -10.00
CA PHE B 687 4.76 -5.80 -9.32
C PHE B 687 3.87 -6.92 -9.80
N LYS B 688 3.55 -7.83 -8.88
CA LYS B 688 2.80 -9.06 -9.14
C LYS B 688 1.97 -9.37 -7.90
N THR B 689 0.69 -9.64 -8.10
CA THR B 689 -0.25 -9.90 -7.00
C THR B 689 -0.10 -11.33 -6.49
N LYS B 690 -0.69 -11.62 -5.34
CA LYS B 690 -0.79 -13.00 -4.91
C LYS B 690 -1.56 -13.74 -5.99
N THR B 691 -1.37 -15.04 -6.11
CA THR B 691 -2.12 -15.83 -7.07
C THR B 691 -3.39 -16.40 -6.44
N VAL B 692 -4.51 -16.25 -7.13
CA VAL B 692 -5.77 -16.82 -6.67
C VAL B 692 -5.98 -18.12 -7.43
N ASN B 693 -6.30 -19.19 -6.70
CA ASN B 693 -6.42 -20.50 -7.29
C ASN B 693 -7.86 -20.89 -7.53
N ASN B 694 -8.11 -21.55 -8.67
CA ASN B 694 -9.41 -22.16 -8.99
C ASN B 694 -10.63 -21.25 -8.93
N ASN B 695 -10.62 -20.17 -9.70
CA ASN B 695 -11.71 -19.21 -9.72
C ASN B 695 -11.54 -18.31 -10.93
N GLY B 696 -12.30 -18.57 -11.98
CA GLY B 696 -12.24 -17.70 -13.17
C GLY B 696 -13.31 -16.62 -13.16
N MET B 697 -14.10 -16.59 -12.09
CA MET B 697 -15.30 -15.78 -12.06
C MET B 697 -15.16 -14.51 -11.23
N ASP B 698 -14.79 -14.65 -9.97
CA ASP B 698 -14.63 -13.50 -9.10
C ASP B 698 -13.44 -13.64 -8.16
N PRO B 699 -12.22 -13.80 -8.72
CA PRO B 699 -11.03 -13.86 -7.87
C PRO B 699 -10.80 -12.54 -7.12
N TYR B 700 -10.55 -12.64 -5.83
CA TYR B 700 -10.40 -11.46 -4.98
C TYR B 700 -8.95 -11.42 -4.47
N TYR B 701 -8.12 -10.57 -5.10
CA TYR B 701 -6.69 -10.47 -4.76
C TYR B 701 -6.45 -9.68 -3.48
N ASN B 702 -7.11 -8.53 -3.37
CA ASN B 702 -6.99 -7.64 -2.21
C ASN B 702 -5.54 -7.23 -1.92
N GLU B 703 -4.80 -6.89 -2.97
CA GLU B 703 -3.38 -6.63 -2.82
C GLU B 703 -3.13 -5.22 -2.31
N ASN B 704 -2.20 -5.09 -1.35
CA ASN B 704 -1.65 -3.79 -0.95
C ASN B 704 -1.13 -3.03 -2.15
N ALA B 705 -1.28 -1.71 -2.13
CA ALA B 705 -1.06 -0.95 -3.34
C ALA B 705 0.38 -0.99 -3.82
N PHE B 706 0.55 -0.98 -5.14
CA PHE B 706 1.83 -0.83 -5.80
C PHE B 706 2.15 0.64 -5.99
N VAL B 707 3.24 1.12 -5.39
CA VAL B 707 3.60 2.55 -5.46
C VAL B 707 4.65 2.86 -6.52
N PHE B 708 4.34 3.82 -7.38
CA PHE B 708 5.34 4.39 -8.30
C PHE B 708 5.68 5.78 -7.77
N LYS B 709 6.54 5.83 -6.74
CA LYS B 709 6.78 7.04 -5.96
C LYS B 709 7.11 8.33 -6.73
N LYS B 710 8.18 8.32 -7.54
CA LYS B 710 8.57 9.49 -8.31
C LYS B 710 8.47 9.22 -9.80
N VAL B 711 7.49 9.84 -10.46
CA VAL B 711 7.33 9.71 -11.91
C VAL B 711 7.84 10.99 -12.52
N VAL B 712 9.14 11.01 -12.84
CA VAL B 712 9.79 12.24 -13.30
C VAL B 712 8.94 12.93 -14.36
N LEU B 713 8.45 12.17 -15.33
CA LEU B 713 7.85 12.79 -16.48
C LEU B 713 6.62 12.07 -16.98
N PRO B 714 5.48 12.35 -16.35
CA PRO B 714 4.33 11.50 -16.57
C PRO B 714 3.76 11.59 -17.99
N ASP B 715 3.95 12.71 -18.69
CA ASP B 715 3.34 12.82 -20.03
C ASP B 715 3.89 11.82 -21.06
N LEU B 716 5.08 11.28 -20.80
CA LEU B 716 5.68 10.22 -21.64
C LEU B 716 5.32 8.84 -21.15
N ALA B 717 4.96 8.76 -19.88
CA ALA B 717 4.65 7.49 -19.23
C ALA B 717 3.25 6.93 -19.50
N VAL B 718 3.19 5.62 -19.74
CA VAL B 718 1.93 4.85 -19.65
C VAL B 718 2.04 3.78 -18.52
N VAL B 719 0.91 3.34 -18.02
CA VAL B 719 0.87 2.23 -17.05
C VAL B 719 0.05 1.11 -17.69
N ARG B 720 0.37 -0.14 -17.35
CA ARG B 720 -0.25 -1.28 -17.99
C ARG B 720 -0.58 -2.38 -16.99
N ILE B 721 -1.85 -2.72 -16.92
CA ILE B 721 -2.27 -3.79 -16.07
C ILE B 721 -2.27 -5.04 -16.93
N ILE B 722 -1.60 -6.08 -16.45
CA ILE B 722 -1.54 -7.35 -17.14
C ILE B 722 -2.06 -8.45 -16.22
N VAL B 723 -2.94 -9.30 -16.77
CA VAL B 723 -3.47 -10.45 -16.04
C VAL B 723 -3.01 -11.72 -16.72
N ASN B 724 -2.52 -12.64 -15.91
CA ASN B 724 -1.96 -13.90 -16.34
C ASN B 724 -2.57 -15.10 -15.62
N GLU B 725 -2.62 -16.21 -16.34
CA GLU B 725 -2.92 -17.53 -15.80
C GLU B 725 -1.67 -18.04 -15.06
N ASP B 726 -1.87 -18.95 -14.11
CA ASP B 726 -0.81 -19.41 -13.21
C ASP B 726 0.51 -19.73 -13.92
N GLY B 727 0.42 -20.44 -15.04
CA GLY B 727 1.59 -20.86 -15.79
C GLY B 727 2.28 -19.75 -16.55
N GLY B 728 1.86 -18.51 -16.32
CA GLY B 728 2.42 -17.37 -17.04
C GLY B 728 1.81 -17.15 -18.41
N LYS B 729 0.74 -17.87 -18.73
CA LYS B 729 -0.01 -17.64 -19.97
C LYS B 729 -0.79 -16.33 -19.94
N PHE B 730 -0.80 -15.62 -21.04
CA PHE B 730 -1.54 -14.36 -21.13
C PHE B 730 -3.07 -14.57 -21.07
N ILE B 731 -3.74 -13.74 -20.27
CA ILE B 731 -5.21 -13.71 -20.23
C ILE B 731 -5.71 -12.43 -20.89
N GLY B 732 -5.34 -11.29 -20.32
CA GLY B 732 -5.70 -9.96 -20.86
C GLY B 732 -4.82 -8.83 -20.32
N HIS B 733 -5.07 -7.60 -20.77
CA HIS B 733 -4.38 -6.42 -20.24
C HIS B 733 -5.15 -5.14 -20.51
N ARG B 734 -4.62 -4.02 -20.01
CA ARG B 734 -5.22 -2.71 -20.28
C ARG B 734 -4.20 -1.62 -20.12
N LEU B 735 -4.22 -0.70 -21.07
CA LEU B 735 -3.23 0.36 -21.11
C LEU B 735 -3.85 1.70 -20.72
N MET B 736 -3.20 2.41 -19.80
CA MET B 736 -3.71 3.69 -19.33
C MET B 736 -2.60 4.72 -19.37
N PRO B 737 -2.59 5.59 -20.39
CA PRO B 737 -1.61 6.68 -20.39
C PRO B 737 -1.79 7.58 -19.18
N LEU B 738 -0.69 8.07 -18.63
CA LEU B 738 -0.73 8.91 -17.45
C LEU B 738 -1.29 10.30 -17.78
N ASP B 739 -0.97 10.79 -18.97
CA ASP B 739 -1.58 12.01 -19.46
C ASP B 739 -3.10 11.79 -19.53
N GLY B 740 -3.80 12.29 -18.52
CA GLY B 740 -5.27 12.21 -18.50
C GLY B 740 -5.87 10.99 -17.82
N ILE B 741 -5.07 10.27 -17.04
CA ILE B 741 -5.57 9.12 -16.30
C ILE B 741 -6.57 9.54 -15.23
N LYS B 742 -7.58 8.70 -14.98
CA LYS B 742 -8.57 8.99 -13.95
C LYS B 742 -8.31 8.15 -12.72
N PRO B 743 -8.20 8.78 -11.54
CA PRO B 743 -7.95 8.06 -10.30
C PRO B 743 -9.25 7.59 -9.63
N GLY B 744 -9.16 7.05 -8.41
CA GLY B 744 -10.30 6.46 -7.69
C GLY B 744 -10.51 4.97 -7.97
N TYR B 745 -11.58 4.40 -7.41
CA TYR B 745 -12.02 3.07 -7.80
C TYR B 745 -12.49 3.07 -9.26
N ARG B 746 -11.95 2.14 -10.05
CA ARG B 746 -12.29 2.02 -11.47
C ARG B 746 -12.46 0.55 -11.90
N HIS B 747 -13.39 0.33 -12.83
CA HIS B 747 -13.48 -0.95 -13.47
C HIS B 747 -12.65 -0.91 -14.74
N ILE B 748 -11.81 -1.91 -14.91
CA ILE B 748 -10.87 -1.90 -16.00
C ILE B 748 -11.10 -3.16 -16.79
N PRO B 749 -11.94 -3.04 -17.84
CA PRO B 749 -12.23 -4.17 -18.70
C PRO B 749 -11.00 -4.52 -19.51
N LEU B 750 -10.59 -5.78 -19.42
CA LEU B 750 -9.40 -6.24 -20.10
C LEU B 750 -9.55 -6.36 -21.61
N ARG B 751 -8.41 -6.25 -22.28
CA ARG B 751 -8.35 -6.39 -23.71
C ARG B 751 -7.31 -7.44 -24.11
N ASN B 752 -7.42 -7.95 -25.33
CA ASN B 752 -6.40 -8.85 -25.81
C ASN B 752 -5.18 -8.10 -26.34
N GLU B 753 -4.25 -8.82 -26.95
CA GLU B 753 -3.01 -8.20 -27.43
C GLU B 753 -3.21 -7.24 -28.60
N SER B 754 -4.21 -7.46 -29.45
CA SER B 754 -4.51 -6.52 -30.53
C SER B 754 -5.39 -5.34 -30.07
N ASN B 755 -5.48 -5.17 -28.74
CA ASN B 755 -6.30 -4.13 -28.09
C ASN B 755 -7.79 -4.11 -28.47
N ARG B 756 -8.39 -5.29 -28.58
CA ARG B 756 -9.83 -5.47 -28.76
C ARG B 756 -10.31 -6.16 -27.48
N PRO B 757 -11.52 -5.80 -27.02
CA PRO B 757 -11.96 -6.25 -25.70
C PRO B 757 -12.18 -7.75 -25.58
N LEU B 758 -11.94 -8.29 -24.38
CA LEU B 758 -12.30 -9.67 -24.07
C LEU B 758 -13.80 -9.74 -23.81
N GLY B 759 -14.40 -8.59 -23.53
CA GLY B 759 -15.83 -8.51 -23.19
C GLY B 759 -15.99 -8.28 -21.71
N LEU B 760 -16.47 -9.32 -21.01
CA LEU B 760 -16.73 -9.25 -19.57
C LEU B 760 -15.48 -9.22 -18.69
N ALA B 761 -14.41 -9.86 -19.14
CA ALA B 761 -13.16 -9.95 -18.39
C ALA B 761 -12.71 -8.57 -17.93
N SER B 762 -12.69 -8.36 -16.61
CA SER B 762 -12.43 -7.02 -16.04
C SER B 762 -11.57 -7.09 -14.80
N VAL B 763 -10.95 -5.96 -14.46
CA VAL B 763 -10.24 -5.83 -13.19
C VAL B 763 -10.76 -4.63 -12.42
N PHE B 764 -10.79 -4.76 -11.09
CA PHE B 764 -11.22 -3.69 -10.21
C PHE B 764 -10.05 -3.23 -9.38
N ALA B 765 -9.74 -1.95 -9.49
CA ALA B 765 -8.55 -1.37 -8.88
C ALA B 765 -8.88 -0.03 -8.25
N HIS B 766 -8.04 0.39 -7.32
CA HIS B 766 -8.11 1.73 -6.80
C HIS B 766 -6.87 2.43 -7.26
N ILE B 767 -7.07 3.59 -7.89
CA ILE B 767 -6.00 4.39 -8.47
C ILE B 767 -5.80 5.70 -7.73
N VAL B 768 -4.53 6.01 -7.44
CA VAL B 768 -4.12 7.31 -6.91
C VAL B 768 -3.24 7.97 -7.95
N ALA B 769 -3.63 9.18 -8.35
CA ALA B 769 -2.82 10.00 -9.25
C ALA B 769 -2.76 11.43 -8.70
N LYS B 770 -1.54 11.91 -8.45
CA LYS B 770 -1.32 13.26 -7.90
C LYS B 770 0.09 13.76 -8.21
N ASP B 771 0.39 14.97 -7.77
CA ASP B 771 1.71 15.53 -7.99
C ASP B 771 2.66 15.06 -6.89
N TYR B 772 3.92 14.85 -7.27
CA TYR B 772 4.92 14.38 -6.34
C TYR B 772 5.36 15.58 -5.49
N VAL B 773 5.55 15.33 -4.20
CA VAL B 773 6.20 16.29 -3.31
C VAL B 773 7.20 15.53 -2.41
N SER B 774 8.42 16.06 -2.23
CA SER B 774 9.48 15.31 -1.50
C SER B 774 9.80 15.88 -0.11
N ASP B 775 10.70 15.21 0.63
CA ASP B 775 11.28 15.73 1.89
C ASP B 775 12.81 15.87 1.81
N ALA B 776 13.39 15.41 0.69
CA ALA B 776 14.84 15.10 0.57
C ALA B 776 15.42 14.64 1.94
N PHE B 777 14.71 13.70 2.57
CA PHE B 777 14.92 13.37 4.00
C PHE B 777 14.89 11.87 4.37
N SER B 792 31.41 5.96 -16.78
CA SER B 792 31.31 6.65 -18.07
C SER B 792 29.89 7.04 -18.49
N ALA B 793 29.78 8.20 -19.14
CA ALA B 793 28.49 8.79 -19.58
C ALA B 793 27.54 7.83 -20.29
N GLN B 794 28.06 7.06 -21.23
CA GLN B 794 27.21 6.14 -22.00
C GLN B 794 27.11 4.72 -21.45
N ASP B 795 28.07 4.30 -20.65
CA ASP B 795 27.92 3.07 -19.88
C ASP B 795 26.72 3.18 -18.93
N ALA B 796 26.59 4.33 -18.26
CA ALA B 796 25.47 4.62 -17.38
C ALA B 796 24.13 4.66 -18.12
N ARG B 797 24.13 5.18 -19.34
CA ARG B 797 22.95 5.24 -20.19
C ARG B 797 22.51 3.84 -20.68
N ALA B 798 23.48 3.06 -21.15
CA ALA B 798 23.26 1.67 -21.56
C ALA B 798 22.66 0.85 -20.42
N ALA B 799 23.13 1.15 -19.21
CA ALA B 799 22.60 0.54 -17.99
C ALA B 799 21.12 0.87 -17.81
N ALA B 800 20.76 2.14 -18.02
CA ALA B 800 19.37 2.59 -17.88
C ALA B 800 18.42 1.84 -18.81
N LEU B 801 18.89 1.52 -20.02
CA LEU B 801 18.08 0.86 -21.04
C LEU B 801 17.65 -0.56 -20.71
N CYS B 802 18.22 -1.12 -19.64
CA CYS B 802 17.84 -2.45 -19.15
C CYS B 802 16.46 -2.45 -18.49
N ALA B 803 16.09 -1.30 -17.91
CA ALA B 803 14.75 -1.11 -17.35
C ALA B 803 13.65 -1.58 -18.29
N PHE B 804 13.95 -1.52 -19.59
CA PHE B 804 13.03 -1.99 -20.63
C PHE B 804 13.01 -3.51 -20.90
N GLU B 805 14.11 -4.20 -20.61
CA GLU B 805 14.22 -5.64 -20.92
C GLU B 805 13.15 -6.52 -20.23
N ASP B 806 12.89 -7.72 -20.75
CA ASP B 806 11.84 -8.57 -20.19
C ASP B 806 12.29 -9.08 -18.83
N ASP B 807 13.60 -9.03 -18.56
CA ASP B 807 14.19 -9.48 -17.30
C ASP B 807 15.21 -8.44 -16.77
N PRO B 808 14.73 -7.25 -16.29
CA PRO B 808 15.57 -6.09 -15.95
C PRO B 808 16.73 -6.32 -14.97
N ASP B 809 16.58 -7.24 -14.02
CA ASP B 809 17.69 -7.57 -13.09
C ASP B 809 18.83 -8.30 -13.80
N ALA B 810 18.49 -9.32 -14.59
CA ALA B 810 19.46 -10.20 -15.25
C ALA B 810 20.14 -9.58 -16.48
N ALA B 811 19.35 -8.91 -17.31
CA ALA B 811 19.86 -8.19 -18.48
C ALA B 811 20.87 -7.10 -18.05
N LEU B 812 20.76 -6.65 -16.80
CA LEU B 812 21.71 -5.71 -16.22
C LEU B 812 22.96 -6.46 -15.77
N ASN B 813 23.78 -6.85 -16.74
CA ASN B 813 25.02 -7.59 -16.49
C ASN B 813 26.04 -7.35 -17.58
CA CA C . 20.33 16.70 38.37
CA CA D . 13.27 -4.27 -44.15
#